data_3G25
#
_entry.id   3G25
#
_cell.length_a   63.750
_cell.length_b   193.742
_cell.length_c   91.669
_cell.angle_alpha   90.00
_cell.angle_beta   103.60
_cell.angle_gamma   90.00
#
_symmetry.space_group_name_H-M   'P 1 21 1'
#
loop_
_entity.id
_entity.type
_entity.pdbx_description
1 polymer 'Glycerol kinase'
2 non-polymer GLYCEROL
3 non-polymer 'SODIUM ION'
4 non-polymer 'PHOSPHATE ION'
5 water water
#
_entity_poly.entity_id   1
_entity_poly.type   'polypeptide(L)'
_entity_poly.pdbx_seq_one_letter_code
;SNA(MSE)EKYILSIDQGTTSSRAILFNQKGEIAGVAQREFKQYFPQSGWVEHDANEIWTSVLAV(MSE)TEVINENDVR
ADQIAGIGITNQRETTVVWDKHTGRPIYHAIVWQSRQTQSICSELKQQGYEQTFRDKTGLLLDPYFAGTKVKWILDNVEG
AREKAENGDLLFGTIDTWLVWKLSGKAAHITDYSNASRTL(MSE)FNIHDLEWDDELLELLTVPKN(MSE)LPEVKASSE
VYGKTIDYHFYGQEVPIAGVAGDQQAALFGQACFERGDVKNTYGTGGF(MSE)L(MSE)NTGDKAVKSESGLLTTIAYGI
DGKVNYALEGSIFVSGSAIQWLRDGLR(MSE)INSAPQSESYATRVDSTEGVYVVPAFVGLGTPYWDSEARGAIFGLTRG
TEKEHFIRATLESLCYQTRDV(MSE)EA(MSE)SKDSGIDVQSLRVDGGAVKNNFI(MSE)QFQADIVNTSVERPEIQET
TALGAAFLAGLAVGFWESKDDIAKNWKLEEKFDPK(MSE)DEGEREKLYRGWKKAVEATQVFKTE
;
_entity_poly.pdbx_strand_id   A,B,C,D
#
loop_
_chem_comp.id
_chem_comp.type
_chem_comp.name
_chem_comp.formula
GOL non-polymer GLYCEROL 'C3 H8 O3'
NA non-polymer 'SODIUM ION' 'Na 1'
PO4 non-polymer 'PHOSPHATE ION' 'O4 P -3'
#
# COMPACT_ATOMS: atom_id res chain seq x y z
N ALA A 3 -14.80 12.18 -44.59
CA ALA A 3 -13.62 11.56 -45.28
C ALA A 3 -13.98 10.30 -46.08
N MSE A 4 -15.20 10.28 -46.61
CA MSE A 4 -15.65 9.21 -47.49
C MSE A 4 -16.05 7.87 -46.88
O MSE A 4 -17.19 7.45 -47.01
CB MSE A 4 -14.60 8.96 -48.59
CG MSE A 4 -15.08 8.06 -49.70
SE MSE A 4 -16.59 8.88 -50.64
CE MSE A 4 -18.08 8.64 -49.38
N GLU A 5 -15.09 7.18 -46.26
CA GLU A 5 -15.37 5.87 -45.70
C GLU A 5 -16.43 5.91 -44.58
N LYS A 6 -17.26 4.87 -44.52
N LYS A 6 -17.19 4.82 -44.53
CA LYS A 6 -18.31 4.80 -43.50
CA LYS A 6 -18.32 4.61 -43.64
C LYS A 6 -18.09 3.70 -42.46
C LYS A 6 -18.06 3.65 -42.45
N TYR A 7 -18.71 3.90 -41.31
CA TYR A 7 -18.60 3.01 -40.16
C TYR A 7 -19.94 2.74 -39.49
N ILE A 8 -19.98 1.64 -38.74
CA ILE A 8 -21.10 1.34 -37.88
C ILE A 8 -20.66 1.65 -36.45
N LEU A 9 -21.48 2.37 -35.71
N LEU A 9 -21.50 2.35 -35.71
CA LEU A 9 -21.23 2.69 -34.31
CA LEU A 9 -21.23 2.70 -34.32
C LEU A 9 -22.03 1.72 -33.45
C LEU A 9 -22.04 1.75 -33.42
N SER A 10 -21.38 1.07 -32.50
CA SER A 10 -22.03 0.12 -31.61
C SER A 10 -21.92 0.63 -30.17
N ILE A 11 -23.05 0.74 -29.51
CA ILE A 11 -23.14 1.15 -28.12
C ILE A 11 -23.42 -0.08 -27.24
N ASP A 12 -22.54 -0.38 -26.28
CA ASP A 12 -22.79 -1.45 -25.29
C ASP A 12 -22.99 -0.75 -23.92
N GLN A 13 -24.23 -0.65 -23.49
CA GLN A 13 -24.50 0.00 -22.19
C GLN A 13 -24.49 -1.12 -21.14
N GLY A 14 -23.34 -1.33 -20.51
CA GLY A 14 -23.15 -2.40 -19.54
C GLY A 14 -23.55 -2.05 -18.14
N THR A 15 -23.35 -3.01 -17.23
CA THR A 15 -23.74 -2.83 -15.83
C THR A 15 -22.88 -1.81 -15.11
N THR A 16 -21.58 -1.78 -15.44
CA THR A 16 -20.66 -0.90 -14.74
C THR A 16 -20.06 0.20 -15.63
N SER A 17 -20.17 0.05 -16.94
CA SER A 17 -19.67 1.09 -17.86
C SER A 17 -20.44 1.02 -19.18
N SER A 18 -20.35 2.09 -19.94
CA SER A 18 -20.88 2.19 -21.29
C SER A 18 -19.69 2.22 -22.21
N ARG A 19 -19.83 1.54 -23.33
CA ARG A 19 -18.76 1.49 -24.34
C ARG A 19 -19.32 1.76 -25.72
N ALA A 20 -18.54 2.46 -26.53
CA ALA A 20 -18.91 2.78 -27.88
C ALA A 20 -17.76 2.28 -28.73
N ILE A 21 -18.08 1.45 -29.73
N ILE A 21 -18.10 1.47 -29.73
CA ILE A 21 -17.03 0.88 -30.58
CA ILE A 21 -17.10 0.86 -30.61
C ILE A 21 -17.42 1.08 -32.04
C ILE A 21 -17.45 1.15 -32.05
N LEU A 22 -16.46 1.59 -32.83
CA LEU A 22 -16.67 1.81 -34.24
C LEU A 22 -16.14 0.58 -34.97
N PHE A 23 -16.90 0.12 -35.96
CA PHE A 23 -16.49 -0.99 -36.82
C PHE A 23 -16.44 -0.56 -38.28
N ASN A 24 -15.41 -1.00 -39.02
CA ASN A 24 -15.34 -0.73 -40.46
C ASN A 24 -15.96 -1.90 -41.24
N GLN A 25 -16.07 -1.76 -42.57
CA GLN A 25 -16.64 -2.83 -43.38
C GLN A 25 -15.86 -4.14 -43.19
N LYS A 26 -14.56 -4.05 -42.91
CA LYS A 26 -13.70 -5.23 -42.71
C LYS A 26 -13.91 -5.95 -41.38
N GLY A 27 -14.76 -5.40 -40.53
CA GLY A 27 -15.05 -5.95 -39.21
C GLY A 27 -14.01 -5.54 -38.19
N GLU A 28 -13.14 -4.61 -38.55
CA GLU A 28 -12.09 -4.20 -37.66
C GLU A 28 -12.61 -3.13 -36.71
N ILE A 29 -12.02 -3.09 -35.53
CA ILE A 29 -12.35 -2.05 -34.56
C ILE A 29 -11.61 -0.80 -34.99
N ALA A 30 -12.33 0.29 -35.16
CA ALA A 30 -11.74 1.55 -35.61
C ALA A 30 -11.71 2.58 -34.49
N GLY A 31 -12.21 2.21 -33.33
CA GLY A 31 -12.21 3.13 -32.20
C GLY A 31 -12.98 2.54 -31.05
N VAL A 32 -12.52 2.82 -29.83
CA VAL A 32 -13.17 2.37 -28.61
C VAL A 32 -13.11 3.47 -27.56
N ALA A 33 -14.23 3.65 -26.88
CA ALA A 33 -14.35 4.62 -25.79
C ALA A 33 -15.18 3.93 -24.72
N GLN A 34 -14.81 4.12 -23.46
CA GLN A 34 -15.51 3.52 -22.36
C GLN A 34 -15.59 4.51 -21.20
N ARG A 35 -16.76 4.59 -20.56
CA ARG A 35 -16.97 5.45 -19.38
C ARG A 35 -17.75 4.68 -18.32
N GLU A 36 -17.26 4.73 -17.08
CA GLU A 36 -17.86 4.09 -15.91
C GLU A 36 -18.92 5.04 -15.38
N PHE A 37 -19.93 4.49 -14.71
CA PHE A 37 -20.97 5.27 -14.04
C PHE A 37 -21.20 4.70 -12.64
N LYS A 38 -21.77 5.52 -11.76
CA LYS A 38 -21.99 5.13 -10.38
C LYS A 38 -22.94 3.96 -10.11
N GLN A 39 -22.46 3.06 -9.26
CA GLN A 39 -23.21 1.91 -8.79
C GLN A 39 -23.75 2.27 -7.39
N TYR A 40 -25.04 2.23 -7.17
CA TYR A 40 -25.61 2.55 -5.86
C TYR A 40 -26.05 1.25 -5.17
N PHE A 41 -25.60 1.05 -3.93
CA PHE A 41 -26.00 -0.07 -3.11
C PHE A 41 -26.61 0.51 -1.83
N PRO A 42 -27.81 1.04 -1.94
CA PRO A 42 -28.40 1.75 -0.79
C PRO A 42 -28.64 0.89 0.43
N GLN A 43 -28.96 -0.39 0.21
CA GLN A 43 -29.17 -1.37 1.28
C GLN A 43 -28.57 -2.66 0.80
N SER A 44 -28.31 -3.60 1.71
CA SER A 44 -27.67 -4.84 1.28
C SER A 44 -28.57 -5.61 0.31
N GLY A 45 -27.98 -6.00 -0.82
CA GLY A 45 -28.67 -6.69 -1.92
C GLY A 45 -29.33 -5.80 -2.96
N TRP A 46 -29.50 -4.50 -2.68
CA TRP A 46 -30.09 -3.59 -3.63
C TRP A 46 -29.00 -3.09 -4.58
N VAL A 47 -29.38 -2.84 -5.82
CA VAL A 47 -28.44 -2.31 -6.80
C VAL A 47 -29.21 -1.38 -7.70
N GLU A 48 -28.78 -0.12 -7.75
CA GLU A 48 -29.45 0.88 -8.54
C GLU A 48 -28.45 1.67 -9.37
N HIS A 49 -28.95 2.22 -10.47
CA HIS A 49 -28.21 3.14 -11.30
C HIS A 49 -29.03 4.42 -11.45
N ASP A 50 -28.36 5.50 -11.81
CA ASP A 50 -29.03 6.75 -12.15
C ASP A 50 -29.16 6.71 -13.65
N ALA A 51 -30.39 6.63 -14.17
CA ALA A 51 -30.60 6.55 -15.62
C ALA A 51 -30.12 7.79 -16.38
N ASN A 52 -30.13 8.96 -15.74
CA ASN A 52 -29.61 10.20 -16.30
C ASN A 52 -28.09 10.07 -16.47
N GLU A 53 -27.40 9.54 -15.47
CA GLU A 53 -25.96 9.28 -15.61
C GLU A 53 -25.69 8.22 -16.66
N ILE A 54 -26.57 7.22 -16.83
CA ILE A 54 -26.35 6.23 -17.90
C ILE A 54 -26.44 6.94 -19.24
N TRP A 55 -27.45 7.80 -19.37
CA TRP A 55 -27.66 8.56 -20.61
C TRP A 55 -26.44 9.47 -20.90
N THR A 56 -25.92 10.16 -19.92
CA THR A 56 -24.76 11.01 -20.20
C THR A 56 -23.49 10.19 -20.47
N SER A 57 -23.37 9.01 -19.87
CA SER A 57 -22.20 8.16 -20.14
C SER A 57 -22.22 7.71 -21.59
N VAL A 58 -23.42 7.53 -22.16
CA VAL A 58 -23.57 7.08 -23.54
C VAL A 58 -23.18 8.23 -24.50
N LEU A 59 -23.69 9.43 -24.23
CA LEU A 59 -23.36 10.61 -24.99
C LEU A 59 -21.86 10.78 -24.96
N ALA A 60 -21.27 10.56 -23.78
CA ALA A 60 -19.83 10.72 -23.58
C ALA A 60 -18.98 9.79 -24.45
N VAL A 61 -19.30 8.49 -24.50
CA VAL A 61 -18.52 7.54 -25.31
C VAL A 61 -18.76 7.69 -26.82
N MSE A 62 -19.95 8.15 -27.21
CA MSE A 62 -20.20 8.42 -28.62
C MSE A 62 -19.29 9.58 -29.03
O MSE A 62 -18.56 9.47 -30.00
CB MSE A 62 -21.67 8.77 -28.85
CG MSE A 62 -22.58 7.57 -28.72
SE MSE A 62 -24.43 8.03 -29.20
CE MSE A 62 -24.85 9.21 -27.79
N THR A 63 -19.29 10.64 -28.24
CA THR A 63 -18.48 11.79 -28.53
C THR A 63 -16.99 11.50 -28.52
N GLU A 64 -16.52 10.82 -27.48
CA GLU A 64 -15.11 10.46 -27.37
C GLU A 64 -14.67 9.62 -28.56
N VAL A 65 -15.40 8.56 -28.87
CA VAL A 65 -14.93 7.64 -29.94
C VAL A 65 -14.87 8.24 -31.36
N ILE A 66 -15.75 9.16 -31.68
CA ILE A 66 -15.69 9.77 -33.00
C ILE A 66 -14.60 10.85 -32.98
N ASN A 67 -14.64 11.73 -31.98
N ASN A 67 -14.65 11.74 -31.99
CA ASN A 67 -13.70 12.85 -31.83
CA ASN A 67 -13.69 12.85 -31.88
C ASN A 67 -12.25 12.42 -31.73
C ASN A 67 -12.23 12.42 -31.74
N GLU A 68 -12.00 11.31 -31.05
CA GLU A 68 -10.65 10.85 -30.81
C GLU A 68 -10.09 9.87 -31.85
N ASN A 69 -10.88 9.47 -32.84
CA ASN A 69 -10.41 8.61 -33.93
C ASN A 69 -10.57 9.30 -35.29
N ASP A 70 -10.68 10.64 -35.27
CA ASP A 70 -10.91 11.47 -36.46
C ASP A 70 -11.90 10.85 -37.49
N VAL A 71 -13.01 10.33 -37.02
CA VAL A 71 -14.08 9.82 -37.89
C VAL A 71 -15.17 10.82 -37.65
N ARG A 72 -15.74 11.37 -38.74
CA ARG A 72 -16.79 12.38 -38.67
C ARG A 72 -18.16 11.78 -38.36
N ALA A 73 -19.04 12.55 -37.73
CA ALA A 73 -20.41 12.09 -37.48
C ALA A 73 -21.09 11.64 -38.77
N ASP A 74 -20.87 12.36 -39.88
CA ASP A 74 -21.49 12.04 -41.18
C ASP A 74 -20.90 10.79 -41.85
N GLN A 75 -19.89 10.21 -41.23
CA GLN A 75 -19.37 8.93 -41.70
C GLN A 75 -20.03 7.76 -40.96
N ILE A 76 -20.95 8.01 -40.03
CA ILE A 76 -21.60 6.86 -39.38
C ILE A 76 -22.83 6.39 -40.18
N ALA A 77 -22.79 5.19 -40.75
CA ALA A 77 -23.92 4.65 -41.53
C ALA A 77 -25.10 4.17 -40.67
N GLY A 78 -24.83 3.89 -39.41
CA GLY A 78 -25.87 3.38 -38.52
C GLY A 78 -25.39 3.04 -37.13
N ILE A 79 -26.35 2.96 -36.21
CA ILE A 79 -26.09 2.74 -34.81
C ILE A 79 -26.80 1.49 -34.30
N GLY A 80 -26.03 0.68 -33.58
CA GLY A 80 -26.52 -0.53 -32.92
C GLY A 80 -26.42 -0.28 -31.43
N ILE A 81 -27.48 -0.68 -30.70
CA ILE A 81 -27.58 -0.52 -29.26
C ILE A 81 -27.79 -1.86 -28.57
N THR A 82 -26.94 -2.12 -27.59
CA THR A 82 -27.04 -3.35 -26.81
C THR A 82 -26.85 -2.94 -25.35
N ASN A 83 -27.34 -3.78 -24.47
CA ASN A 83 -27.48 -3.33 -23.07
C ASN A 83 -27.62 -4.39 -22.02
N GLN A 84 -27.20 -4.00 -20.80
CA GLN A 84 -27.50 -4.76 -19.59
C GLN A 84 -29.03 -4.90 -19.63
N ARG A 85 -29.48 -6.14 -19.53
CA ARG A 85 -30.90 -6.45 -19.65
C ARG A 85 -31.56 -6.32 -18.29
N GLU A 86 -32.88 -6.44 -18.27
CA GLU A 86 -33.74 -6.40 -17.09
C GLU A 86 -33.80 -5.07 -16.36
N THR A 87 -32.64 -4.42 -16.23
CA THR A 87 -32.57 -3.11 -15.64
C THR A 87 -33.69 -2.23 -16.18
N THR A 88 -34.41 -1.62 -15.25
CA THR A 88 -35.64 -0.93 -15.49
C THR A 88 -35.67 0.56 -15.20
N VAL A 89 -36.10 1.31 -16.21
CA VAL A 89 -36.35 2.74 -16.06
C VAL A 89 -37.83 3.09 -16.24
N VAL A 90 -38.32 3.96 -15.38
CA VAL A 90 -39.64 4.53 -15.48
C VAL A 90 -39.47 6.05 -15.52
N TRP A 91 -39.98 6.66 -16.58
CA TRP A 91 -39.84 8.10 -16.78
C TRP A 91 -41.08 8.83 -17.24
N ASP A 92 -41.07 10.15 -17.02
CA ASP A 92 -42.16 11.02 -17.44
C ASP A 92 -41.99 11.33 -18.93
N LYS A 93 -43.02 11.08 -19.73
CA LYS A 93 -42.89 11.28 -21.17
C LYS A 93 -42.82 12.75 -21.58
N HIS A 94 -43.32 13.67 -20.75
CA HIS A 94 -43.28 15.08 -21.13
C HIS A 94 -41.93 15.72 -20.79
N THR A 95 -41.35 15.34 -19.66
CA THR A 95 -40.10 15.93 -19.22
C THR A 95 -38.86 15.13 -19.57
N GLY A 96 -39.03 13.86 -19.93
CA GLY A 96 -37.92 12.98 -20.20
C GLY A 96 -37.06 12.63 -18.98
N ARG A 97 -37.57 12.92 -17.79
N ARG A 97 -37.56 12.92 -17.79
CA ARG A 97 -36.87 12.69 -16.53
CA ARG A 97 -36.85 12.70 -16.53
C ARG A 97 -37.34 11.39 -15.84
C ARG A 97 -37.33 11.42 -15.83
N PRO A 98 -36.40 10.53 -15.46
CA PRO A 98 -36.75 9.31 -14.72
C PRO A 98 -37.38 9.70 -13.39
N ILE A 99 -38.39 8.95 -12.96
CA ILE A 99 -39.05 9.28 -11.69
C ILE A 99 -38.37 8.62 -10.50
N TYR A 100 -37.44 7.72 -10.78
CA TYR A 100 -36.62 7.09 -9.75
C TYR A 100 -35.34 6.60 -10.42
N HIS A 101 -34.35 6.19 -9.61
CA HIS A 101 -33.22 5.45 -10.16
C HIS A 101 -33.70 4.29 -10.98
N ALA A 102 -32.84 3.85 -11.90
CA ALA A 102 -33.09 2.60 -12.59
C ALA A 102 -32.86 1.52 -11.55
N ILE A 103 -33.69 0.46 -11.54
CA ILE A 103 -33.44 -0.71 -10.70
C ILE A 103 -32.72 -1.76 -11.55
N VAL A 104 -31.51 -2.08 -11.15
CA VAL A 104 -30.63 -2.97 -11.88
C VAL A 104 -31.09 -4.41 -11.78
N TRP A 105 -30.77 -5.16 -12.82
CA TRP A 105 -31.04 -6.59 -12.91
C TRP A 105 -30.61 -7.35 -11.69
N GLN A 106 -29.48 -6.95 -11.12
CA GLN A 106 -28.95 -7.57 -9.93
C GLN A 106 -29.72 -7.33 -8.64
N SER A 107 -30.42 -6.18 -8.54
CA SER A 107 -31.06 -5.80 -7.31
C SER A 107 -32.04 -6.82 -6.76
N ARG A 108 -32.00 -7.03 -5.46
CA ARG A 108 -32.93 -7.94 -4.77
C ARG A 108 -34.05 -7.12 -4.15
N GLN A 109 -34.13 -5.82 -4.45
CA GLN A 109 -35.10 -4.97 -3.73
C GLN A 109 -36.56 -5.34 -4.03
N THR A 110 -36.83 -6.08 -5.10
CA THR A 110 -38.20 -6.45 -5.40
C THR A 110 -38.58 -7.83 -4.83
N GLN A 111 -37.76 -8.35 -3.91
CA GLN A 111 -38.01 -9.65 -3.28
C GLN A 111 -39.43 -9.87 -2.77
N SER A 112 -39.92 -8.97 -1.92
CA SER A 112 -41.24 -9.14 -1.33
C SER A 112 -42.36 -9.23 -2.40
N ILE A 113 -42.22 -8.47 -3.47
CA ILE A 113 -43.16 -8.53 -4.56
C ILE A 113 -43.15 -9.91 -5.21
N CYS A 114 -41.96 -10.50 -5.40
CA CYS A 114 -41.84 -11.82 -5.98
C CYS A 114 -42.42 -12.86 -5.02
N SER A 115 -42.11 -12.69 -3.73
CA SER A 115 -42.59 -13.59 -2.68
C SER A 115 -44.13 -13.65 -2.62
N GLU A 116 -44.79 -12.51 -2.81
CA GLU A 116 -46.25 -12.44 -2.74
C GLU A 116 -46.86 -13.16 -3.95
N LEU A 117 -46.38 -12.86 -5.15
CA LEU A 117 -46.86 -13.55 -6.35
C LEU A 117 -46.62 -15.07 -6.31
N LYS A 118 -45.49 -15.49 -5.75
CA LYS A 118 -45.22 -16.94 -5.59
C LYS A 118 -46.22 -17.52 -4.63
N GLN A 119 -46.47 -16.83 -3.51
N GLN A 119 -46.46 -16.82 -3.51
CA GLN A 119 -47.41 -17.30 -2.51
CA GLN A 119 -47.41 -17.27 -2.50
C GLN A 119 -48.84 -17.43 -3.07
C GLN A 119 -48.84 -17.40 -3.05
N GLN A 120 -49.21 -16.49 -3.94
CA GLN A 120 -50.53 -16.51 -4.57
C GLN A 120 -50.71 -17.59 -5.64
N GLY A 121 -49.63 -18.30 -5.96
CA GLY A 121 -49.69 -19.46 -6.86
C GLY A 121 -49.37 -19.20 -8.31
N TYR A 122 -48.74 -18.06 -8.58
CA TYR A 122 -48.53 -17.62 -9.96
C TYR A 122 -47.18 -17.87 -10.63
N GLU A 123 -46.24 -18.54 -9.98
CA GLU A 123 -44.95 -18.75 -10.64
C GLU A 123 -45.01 -19.60 -11.92
N GLN A 124 -45.75 -20.71 -11.88
N GLN A 124 -45.82 -20.67 -11.92
CA GLN A 124 -45.76 -21.59 -13.05
CA GLN A 124 -45.90 -21.52 -13.12
C GLN A 124 -46.47 -20.94 -14.25
C GLN A 124 -46.43 -20.71 -14.31
N THR A 125 -47.26 -19.90 -14.01
N THR A 125 -47.44 -19.88 -14.08
CA THR A 125 -47.89 -19.17 -15.12
CA THR A 125 -47.99 -19.07 -15.16
C THR A 125 -46.83 -18.29 -15.74
C THR A 125 -46.89 -18.20 -15.76
N PHE A 126 -46.09 -17.55 -14.92
CA PHE A 126 -44.98 -16.74 -15.40
C PHE A 126 -43.97 -17.61 -16.15
N ARG A 127 -43.63 -18.79 -15.61
CA ARG A 127 -42.68 -19.69 -16.26
C ARG A 127 -43.16 -20.15 -17.64
N ASP A 128 -44.42 -20.60 -17.71
CA ASP A 128 -44.97 -21.13 -18.95
C ASP A 128 -45.09 -20.08 -20.05
N LYS A 129 -45.33 -18.82 -19.65
CA LYS A 129 -45.49 -17.74 -20.61
C LYS A 129 -44.21 -17.00 -21.02
N THR A 130 -43.24 -16.91 -20.11
CA THR A 130 -42.08 -16.10 -20.37
C THR A 130 -40.77 -16.83 -20.48
N GLY A 131 -40.71 -18.05 -19.96
CA GLY A 131 -39.46 -18.80 -19.89
C GLY A 131 -38.63 -18.44 -18.66
N LEU A 132 -39.14 -17.54 -17.82
CA LEU A 132 -38.40 -17.06 -16.68
C LEU A 132 -38.92 -17.67 -15.37
N LEU A 133 -38.92 -16.88 -14.30
CA LEU A 133 -39.44 -17.30 -13.01
C LEU A 133 -39.63 -16.04 -12.17
N LEU A 134 -40.16 -16.18 -10.97
CA LEU A 134 -40.42 -15.02 -10.10
C LEU A 134 -39.28 -14.72 -9.15
N ASP A 135 -38.18 -14.34 -9.79
CA ASP A 135 -36.96 -13.93 -9.14
C ASP A 135 -36.88 -12.44 -9.34
N PRO A 136 -36.24 -11.72 -8.42
CA PRO A 136 -36.07 -10.26 -8.54
C PRO A 136 -35.24 -9.81 -9.75
N TYR A 137 -34.56 -10.74 -10.41
CA TYR A 137 -33.78 -10.47 -11.59
C TYR A 137 -34.54 -9.71 -12.68
N PHE A 138 -35.79 -10.09 -12.94
CA PHE A 138 -36.50 -9.58 -14.14
C PHE A 138 -37.21 -8.24 -13.99
N ALA A 139 -37.50 -7.58 -15.12
CA ALA A 139 -38.05 -6.21 -15.10
C ALA A 139 -39.38 -6.00 -14.41
N GLY A 140 -40.34 -6.91 -14.64
CA GLY A 140 -41.71 -6.71 -14.24
C GLY A 140 -41.94 -6.24 -12.81
N THR A 141 -41.28 -6.88 -11.86
CA THR A 141 -41.46 -6.54 -10.45
C THR A 141 -40.82 -5.20 -10.07
N LYS A 142 -39.85 -4.78 -10.87
CA LYS A 142 -39.16 -3.50 -10.72
C LYS A 142 -40.13 -2.40 -11.14
N VAL A 143 -40.90 -2.64 -12.20
CA VAL A 143 -41.95 -1.67 -12.62
C VAL A 143 -42.95 -1.56 -11.46
N LYS A 144 -43.47 -2.70 -10.97
CA LYS A 144 -44.40 -2.70 -9.86
C LYS A 144 -43.84 -1.97 -8.64
N TRP A 145 -42.57 -2.26 -8.27
CA TRP A 145 -41.94 -1.60 -7.13
C TRP A 145 -41.99 -0.07 -7.27
N ILE A 146 -41.55 0.38 -8.43
CA ILE A 146 -41.58 1.82 -8.68
C ILE A 146 -43.01 2.34 -8.58
N LEU A 147 -43.97 1.70 -9.25
CA LEU A 147 -45.36 2.18 -9.20
C LEU A 147 -45.94 2.14 -7.79
N ASP A 148 -45.54 1.16 -6.99
CA ASP A 148 -46.07 1.06 -5.64
C ASP A 148 -45.35 1.90 -4.60
N ASN A 149 -44.05 2.15 -4.79
CA ASN A 149 -43.25 2.83 -3.77
C ASN A 149 -42.82 4.27 -4.06
N VAL A 150 -42.91 4.70 -5.32
CA VAL A 150 -42.56 6.09 -5.63
C VAL A 150 -43.80 6.96 -5.57
N GLU A 151 -43.77 7.97 -4.71
CA GLU A 151 -44.96 8.78 -4.49
C GLU A 151 -45.49 9.46 -5.74
N GLY A 152 -46.81 9.36 -5.96
CA GLY A 152 -47.48 9.94 -7.12
C GLY A 152 -47.33 9.11 -8.39
N ALA A 153 -46.47 8.11 -8.34
CA ALA A 153 -46.16 7.35 -9.54
C ALA A 153 -47.38 6.59 -10.04
N ARG A 154 -48.13 5.96 -9.14
CA ARG A 154 -49.31 5.19 -9.54
C ARG A 154 -50.27 6.09 -10.31
N GLU A 155 -50.57 7.26 -9.75
CA GLU A 155 -51.46 8.25 -10.39
C GLU A 155 -50.96 8.72 -11.77
N LYS A 156 -49.67 9.00 -11.87
CA LYS A 156 -49.12 9.43 -13.15
C LYS A 156 -49.26 8.30 -14.19
N ALA A 157 -49.00 7.07 -13.78
CA ALA A 157 -49.12 5.91 -14.68
C ALA A 157 -50.57 5.82 -15.16
N GLU A 158 -51.51 5.81 -14.22
CA GLU A 158 -52.94 5.73 -14.56
C GLU A 158 -53.34 6.81 -15.57
N ASN A 159 -52.77 8.02 -15.42
CA ASN A 159 -53.01 9.14 -16.30
C ASN A 159 -52.29 9.09 -17.66
N GLY A 160 -51.39 8.13 -17.89
CA GLY A 160 -50.68 8.08 -19.18
C GLY A 160 -49.42 8.92 -19.27
N ASP A 161 -48.95 9.43 -18.14
CA ASP A 161 -47.76 10.28 -18.13
C ASP A 161 -46.43 9.55 -18.13
N LEU A 162 -46.44 8.25 -17.85
CA LEU A 162 -45.21 7.51 -17.74
C LEU A 162 -44.96 6.49 -18.84
N LEU A 163 -43.68 6.24 -19.07
CA LEU A 163 -43.21 5.19 -19.95
C LEU A 163 -42.24 4.27 -19.17
N PHE A 164 -42.21 3.01 -19.58
CA PHE A 164 -41.31 2.02 -19.05
C PHE A 164 -40.34 1.72 -20.17
N GLY A 165 -39.12 1.38 -19.78
CA GLY A 165 -38.19 0.82 -20.72
C GLY A 165 -37.06 0.08 -20.04
N THR A 166 -36.63 -1.02 -20.67
CA THR A 166 -35.36 -1.58 -20.31
C THR A 166 -34.38 -0.56 -20.88
N ILE A 167 -33.08 -0.78 -20.72
CA ILE A 167 -32.07 0.23 -21.16
C ILE A 167 -32.03 0.54 -22.62
N ASP A 168 -32.16 -0.48 -23.45
CA ASP A 168 -32.27 -0.25 -24.88
C ASP A 168 -33.34 0.79 -25.22
N THR A 169 -34.53 0.56 -24.72
CA THR A 169 -35.69 1.43 -24.91
C THR A 169 -35.46 2.86 -24.43
N TRP A 170 -34.86 2.99 -23.25
CA TRP A 170 -34.52 4.29 -22.69
C TRP A 170 -33.56 5.03 -23.63
N LEU A 171 -32.49 4.35 -24.03
CA LEU A 171 -31.50 4.97 -24.89
C LEU A 171 -32.12 5.37 -26.25
N VAL A 172 -32.88 4.47 -26.86
CA VAL A 172 -33.45 4.77 -28.18
C VAL A 172 -34.43 5.97 -28.10
N TRP A 173 -35.22 6.01 -27.03
CA TRP A 173 -36.13 7.10 -26.83
C TRP A 173 -35.39 8.41 -26.68
N LYS A 174 -34.37 8.46 -25.83
CA LYS A 174 -33.58 9.68 -25.61
C LYS A 174 -32.85 10.13 -26.86
N LEU A 175 -32.17 9.17 -27.50
CA LEU A 175 -31.37 9.44 -28.68
C LEU A 175 -32.19 9.88 -29.89
N SER A 176 -33.37 9.32 -30.07
CA SER A 176 -34.26 9.70 -31.19
C SER A 176 -35.09 10.96 -30.90
N GLY A 177 -34.87 11.56 -29.75
CA GLY A 177 -35.63 12.73 -29.35
C GLY A 177 -37.09 12.43 -29.16
N LYS A 178 -37.37 11.34 -28.45
CA LYS A 178 -38.72 10.87 -28.19
C LYS A 178 -39.50 10.31 -29.40
N ALA A 179 -38.83 10.11 -30.54
CA ALA A 179 -39.51 9.64 -31.75
C ALA A 179 -39.92 8.17 -31.74
N ALA A 180 -39.21 7.36 -30.97
CA ALA A 180 -39.45 5.93 -30.99
C ALA A 180 -39.38 5.42 -29.58
N HIS A 181 -40.39 4.63 -29.22
CA HIS A 181 -40.46 4.00 -27.91
C HIS A 181 -40.61 2.51 -28.23
N ILE A 182 -39.48 1.82 -28.29
N ILE A 182 -39.46 1.86 -28.45
CA ILE A 182 -39.44 0.45 -28.78
CA ILE A 182 -39.39 0.46 -28.90
C ILE A 182 -38.55 -0.44 -27.94
C ILE A 182 -38.37 -0.41 -28.17
N THR A 183 -38.56 -1.73 -28.29
CA THR A 183 -37.66 -2.71 -27.72
C THR A 183 -37.64 -3.87 -28.73
N ASP A 184 -36.62 -4.72 -28.67
CA ASP A 184 -36.63 -5.89 -29.54
C ASP A 184 -37.19 -7.08 -28.76
N TYR A 185 -37.39 -8.18 -29.47
CA TYR A 185 -37.89 -9.38 -28.84
C TYR A 185 -36.94 -9.88 -27.75
N SER A 186 -35.62 -9.82 -27.98
CA SER A 186 -34.71 -10.34 -26.97
C SER A 186 -34.84 -9.59 -25.68
N ASN A 187 -34.75 -8.25 -25.71
CA ASN A 187 -34.94 -7.48 -24.47
C ASN A 187 -36.32 -7.66 -23.83
N ALA A 188 -37.38 -7.62 -24.64
CA ALA A 188 -38.75 -7.77 -24.14
C ALA A 188 -38.97 -9.12 -23.39
N SER A 189 -38.28 -10.15 -23.86
CA SER A 189 -38.38 -11.52 -23.30
C SER A 189 -37.91 -11.60 -21.89
N ARG A 190 -37.12 -10.61 -21.49
CA ARG A 190 -36.53 -10.55 -20.15
C ARG A 190 -37.38 -9.74 -19.17
N THR A 191 -38.55 -9.28 -19.59
CA THR A 191 -39.33 -8.36 -18.69
C THR A 191 -40.34 -8.96 -17.74
N LEU A 192 -40.61 -10.25 -17.90
CA LEU A 192 -41.66 -10.94 -17.14
C LEU A 192 -43.08 -10.45 -17.57
N MSE A 193 -43.14 -9.61 -18.61
CA MSE A 193 -44.41 -9.09 -19.15
C MSE A 193 -44.70 -9.54 -20.58
O MSE A 193 -45.80 -9.36 -21.09
CB MSE A 193 -44.36 -7.58 -19.09
CG MSE A 193 -44.19 -7.10 -17.64
SE MSE A 193 -44.21 -5.16 -17.42
CE MSE A 193 -42.45 -4.76 -18.12
N PHE A 194 -43.74 -10.21 -21.20
CA PHE A 194 -43.85 -10.61 -22.61
C PHE A 194 -43.96 -12.12 -22.79
N ASN A 195 -45.00 -12.57 -23.51
CA ASN A 195 -45.22 -13.96 -23.75
C ASN A 195 -44.37 -14.34 -24.96
N ILE A 196 -43.38 -15.18 -24.71
CA ILE A 196 -42.37 -15.53 -25.69
C ILE A 196 -42.84 -16.52 -26.72
N HIS A 197 -44.00 -17.14 -26.47
CA HIS A 197 -44.57 -18.12 -27.38
C HIS A 197 -45.54 -17.48 -28.37
N ASP A 198 -46.35 -16.56 -27.87
N ASP A 198 -46.39 -16.57 -27.91
CA ASP A 198 -47.30 -15.82 -28.66
CA ASP A 198 -47.27 -15.88 -28.85
C ASP A 198 -46.64 -14.57 -29.26
C ASP A 198 -46.69 -14.50 -29.20
N LEU A 199 -45.47 -14.23 -28.72
CA LEU A 199 -44.73 -13.03 -29.06
C LEU A 199 -45.53 -11.75 -28.89
N GLU A 200 -46.08 -11.52 -27.70
CA GLU A 200 -46.81 -10.27 -27.49
C GLU A 200 -46.82 -9.99 -26.02
N TRP A 201 -47.07 -8.74 -25.65
CA TRP A 201 -47.25 -8.40 -24.24
C TRP A 201 -48.42 -9.22 -23.76
N ASP A 202 -48.32 -9.74 -22.53
CA ASP A 202 -49.31 -10.65 -22.02
C ASP A 202 -50.22 -9.97 -21.00
N ASP A 203 -51.51 -9.83 -21.35
CA ASP A 203 -52.46 -9.16 -20.49
C ASP A 203 -52.57 -9.69 -19.07
N GLU A 204 -52.56 -11.02 -18.91
CA GLU A 204 -52.63 -11.65 -17.59
C GLU A 204 -51.41 -11.25 -16.76
N LEU A 205 -50.24 -11.34 -17.36
CA LEU A 205 -49.02 -10.99 -16.64
C LEU A 205 -49.00 -9.51 -16.25
N LEU A 206 -49.56 -8.63 -17.09
CA LEU A 206 -49.58 -7.19 -16.73
C LEU A 206 -50.52 -6.92 -15.58
N GLU A 207 -51.64 -7.64 -15.53
CA GLU A 207 -52.61 -7.45 -14.50
C GLU A 207 -52.04 -7.89 -13.15
N LEU A 208 -51.41 -9.06 -13.16
CA LEU A 208 -50.74 -9.57 -11.95
C LEU A 208 -49.63 -8.64 -11.41
N LEU A 209 -48.89 -8.00 -12.31
CA LEU A 209 -47.82 -7.06 -11.91
C LEU A 209 -48.35 -5.63 -11.69
N THR A 210 -49.63 -5.39 -11.99
CA THR A 210 -50.28 -4.08 -11.88
C THR A 210 -49.63 -3.00 -12.72
N VAL A 211 -49.24 -3.36 -13.96
CA VAL A 211 -48.64 -2.44 -14.90
C VAL A 211 -49.62 -2.05 -16.01
N PRO A 212 -49.93 -0.75 -16.13
CA PRO A 212 -50.78 -0.32 -17.24
C PRO A 212 -50.09 -0.51 -18.57
N LYS A 213 -50.82 -1.01 -19.56
CA LYS A 213 -50.24 -1.30 -20.86
C LYS A 213 -49.76 -0.02 -21.60
N ASN A 214 -50.33 1.11 -21.24
CA ASN A 214 -49.93 2.38 -21.85
C ASN A 214 -48.46 2.73 -21.60
N MSE A 215 -47.79 2.01 -20.69
CA MSE A 215 -46.38 2.32 -20.42
C MSE A 215 -45.40 1.61 -21.32
O MSE A 215 -44.25 1.99 -21.40
CB MSE A 215 -46.01 1.94 -19.00
CG MSE A 215 -46.70 2.78 -17.93
SE MSE A 215 -46.30 2.20 -16.12
CE MSE A 215 -44.34 2.58 -16.06
N LEU A 216 -45.90 0.63 -22.06
CA LEU A 216 -45.05 -0.29 -22.78
C LEU A 216 -44.65 0.17 -24.17
N PRO A 217 -43.40 -0.08 -24.54
CA PRO A 217 -42.99 0.21 -25.89
C PRO A 217 -43.51 -0.83 -26.87
N GLU A 218 -43.30 -0.60 -28.17
CA GLU A 218 -43.65 -1.58 -29.18
C GLU A 218 -42.51 -2.55 -29.36
N VAL A 219 -42.81 -3.84 -29.52
CA VAL A 219 -41.74 -4.86 -29.63
C VAL A 219 -41.44 -5.07 -31.12
N LYS A 220 -40.15 -5.03 -31.51
CA LYS A 220 -39.74 -5.12 -32.91
C LYS A 220 -38.68 -6.19 -33.11
N ALA A 221 -38.28 -6.40 -34.36
CA ALA A 221 -37.16 -7.26 -34.63
C ALA A 221 -35.88 -6.56 -34.13
N SER A 222 -34.84 -7.33 -33.95
CA SER A 222 -33.55 -6.89 -33.47
C SER A 222 -32.68 -6.21 -34.55
N SER A 223 -33.11 -6.28 -35.80
CA SER A 223 -32.37 -5.67 -36.92
C SER A 223 -33.39 -4.99 -37.81
N GLU A 224 -33.57 -3.68 -37.58
CA GLU A 224 -34.55 -2.89 -38.30
C GLU A 224 -34.30 -1.42 -38.03
N VAL A 225 -34.57 -0.54 -38.99
CA VAL A 225 -34.37 0.87 -38.76
C VAL A 225 -35.53 1.33 -37.83
N TYR A 226 -35.23 1.68 -36.62
CA TYR A 226 -36.28 2.06 -35.70
C TYR A 226 -36.62 3.53 -35.77
N GLY A 227 -35.64 4.30 -36.21
CA GLY A 227 -35.73 5.74 -36.25
C GLY A 227 -34.35 6.31 -36.47
N LYS A 228 -34.17 7.59 -36.18
CA LYS A 228 -32.88 8.22 -36.39
C LYS A 228 -32.50 9.08 -35.23
N THR A 229 -31.20 9.35 -35.11
CA THR A 229 -30.76 10.23 -34.08
C THR A 229 -31.41 11.61 -34.26
N ILE A 230 -31.80 12.24 -33.16
CA ILE A 230 -32.22 13.61 -33.23
C ILE A 230 -30.90 14.38 -33.42
N ASP A 231 -30.95 15.39 -34.28
CA ASP A 231 -29.75 16.10 -34.69
C ASP A 231 -28.80 16.62 -33.61
N TYR A 232 -29.35 17.21 -32.57
CA TYR A 232 -28.53 17.74 -31.51
C TYR A 232 -27.89 16.70 -30.60
N HIS A 233 -28.30 15.43 -30.66
CA HIS A 233 -27.60 14.36 -29.93
C HIS A 233 -26.61 13.61 -30.80
N PHE A 234 -26.44 14.05 -32.04
CA PHE A 234 -25.45 13.40 -32.89
C PHE A 234 -24.76 14.35 -33.85
N TYR A 235 -24.25 15.44 -33.29
CA TYR A 235 -23.40 16.38 -33.99
C TYR A 235 -24.01 16.91 -35.29
N GLY A 236 -25.31 17.20 -35.23
CA GLY A 236 -26.08 17.71 -36.34
C GLY A 236 -26.58 16.70 -37.36
N GLN A 237 -26.28 15.41 -37.17
CA GLN A 237 -26.68 14.36 -38.12
C GLN A 237 -27.88 13.53 -37.65
N GLU A 238 -28.60 12.95 -38.61
CA GLU A 238 -29.75 12.10 -38.35
C GLU A 238 -29.40 10.73 -38.87
N VAL A 239 -28.75 9.95 -38.00
CA VAL A 239 -28.22 8.62 -38.31
C VAL A 239 -29.21 7.52 -37.94
N PRO A 240 -29.40 6.53 -38.83
CA PRO A 240 -30.32 5.46 -38.48
C PRO A 240 -29.89 4.65 -37.24
N ILE A 241 -30.82 4.45 -36.31
CA ILE A 241 -30.66 3.60 -35.12
C ILE A 241 -31.32 2.31 -35.64
N ALA A 242 -30.53 1.26 -35.84
CA ALA A 242 -30.99 0.11 -36.61
C ALA A 242 -30.73 -1.28 -36.06
N GLY A 243 -30.24 -1.34 -34.82
CA GLY A 243 -29.95 -2.59 -34.15
C GLY A 243 -30.20 -2.47 -32.69
N VAL A 244 -30.97 -3.42 -32.18
CA VAL A 244 -31.21 -3.54 -30.76
C VAL A 244 -31.30 -4.99 -30.32
N ALA A 245 -30.48 -5.38 -29.34
CA ALA A 245 -30.61 -6.69 -28.72
C ALA A 245 -30.06 -6.65 -27.30
N GLY A 246 -30.49 -7.59 -26.48
CA GLY A 246 -29.94 -7.70 -25.14
C GLY A 246 -28.47 -8.00 -25.24
N ASP A 247 -27.68 -7.54 -24.28
CA ASP A 247 -26.20 -7.74 -24.42
C ASP A 247 -25.73 -9.18 -24.62
N GLN A 248 -26.28 -10.08 -23.80
CA GLN A 248 -25.89 -11.50 -23.92
C GLN A 248 -26.34 -12.14 -25.23
N GLN A 249 -27.52 -11.74 -25.70
CA GLN A 249 -28.02 -12.13 -27.01
C GLN A 249 -27.16 -11.55 -28.17
N ALA A 250 -26.76 -10.29 -28.03
CA ALA A 250 -25.84 -9.66 -28.98
C ALA A 250 -24.50 -10.39 -29.02
N ALA A 251 -24.02 -10.88 -27.85
CA ALA A 251 -22.78 -11.65 -27.81
C ALA A 251 -22.91 -12.98 -28.53
N LEU A 252 -24.08 -13.63 -28.42
CA LEU A 252 -24.36 -14.92 -29.06
C LEU A 252 -24.25 -14.80 -30.58
N PHE A 253 -24.89 -13.75 -31.07
CA PHE A 253 -24.92 -13.38 -32.48
C PHE A 253 -23.48 -13.03 -32.90
N GLY A 254 -22.79 -12.28 -32.05
CA GLY A 254 -21.41 -11.85 -32.35
C GLY A 254 -20.38 -12.95 -32.35
N GLN A 255 -20.73 -14.11 -31.78
CA GLN A 255 -19.88 -15.29 -31.74
C GLN A 255 -20.25 -16.23 -32.91
N ALA A 256 -21.10 -15.77 -33.82
CA ALA A 256 -21.59 -16.58 -34.94
C ALA A 256 -22.40 -17.81 -34.48
N CYS A 257 -23.03 -17.72 -33.31
CA CYS A 257 -23.85 -18.83 -32.80
C CYS A 257 -25.27 -18.72 -33.34
N PHE A 258 -25.40 -18.97 -34.63
CA PHE A 258 -26.69 -18.82 -35.32
C PHE A 258 -27.57 -20.04 -35.43
N GLU A 259 -27.00 -21.25 -35.26
N GLU A 259 -27.01 -21.25 -35.29
CA GLU A 259 -27.74 -22.49 -35.41
CA GLU A 259 -27.77 -22.49 -35.46
C GLU A 259 -28.02 -23.22 -34.11
C GLU A 259 -28.02 -23.23 -34.14
N ARG A 260 -28.96 -24.16 -34.18
CA ARG A 260 -29.35 -24.95 -33.04
C ARG A 260 -28.14 -25.68 -32.48
N GLY A 261 -27.89 -25.45 -31.20
CA GLY A 261 -26.80 -26.11 -30.49
C GLY A 261 -25.55 -25.24 -30.33
N ASP A 262 -25.45 -24.15 -31.09
CA ASP A 262 -24.29 -23.25 -30.97
C ASP A 262 -24.34 -22.58 -29.61
N VAL A 263 -23.21 -22.49 -28.92
CA VAL A 263 -23.17 -21.94 -27.56
C VAL A 263 -21.96 -21.08 -27.31
N LYS A 264 -22.10 -20.12 -26.42
CA LYS A 264 -21.01 -19.29 -25.94
C LYS A 264 -21.22 -18.99 -24.47
N ASN A 265 -20.16 -18.58 -23.78
CA ASN A 265 -20.28 -18.07 -22.42
C ASN A 265 -19.62 -16.72 -22.46
N THR A 266 -20.20 -15.76 -21.75
CA THR A 266 -19.66 -14.41 -21.68
C THR A 266 -19.35 -14.20 -20.22
N TYR A 267 -18.12 -13.78 -19.91
CA TYR A 267 -17.72 -13.48 -18.55
C TYR A 267 -17.67 -11.95 -18.42
N GLY A 268 -18.71 -11.36 -17.86
CA GLY A 268 -18.77 -9.93 -17.67
C GLY A 268 -18.98 -9.68 -16.19
N THR A 269 -19.81 -8.67 -15.89
CA THR A 269 -20.19 -8.39 -14.50
C THR A 269 -20.77 -9.71 -13.97
N GLY A 270 -21.66 -10.32 -14.76
CA GLY A 270 -22.24 -11.59 -14.49
C GLY A 270 -21.71 -12.50 -15.55
N GLY A 271 -22.08 -13.77 -15.44
CA GLY A 271 -21.68 -14.84 -16.35
C GLY A 271 -22.87 -15.47 -17.01
N PHE A 272 -22.90 -15.43 -18.34
CA PHE A 272 -24.06 -15.87 -19.09
C PHE A 272 -23.76 -16.80 -20.23
N MSE A 273 -24.25 -18.01 -20.14
CA MSE A 273 -24.10 -19.01 -21.19
C MSE A 273 -25.41 -19.08 -21.95
O MSE A 273 -26.44 -19.26 -21.34
CB MSE A 273 -23.75 -20.39 -20.60
CG MSE A 273 -23.44 -21.45 -21.63
SE MSE A 273 -22.78 -23.17 -20.93
CE MSE A 273 -21.14 -22.49 -20.13
N LEU A 274 -25.35 -18.94 -23.27
CA LEU A 274 -26.53 -19.06 -24.10
C LEU A 274 -26.28 -20.05 -25.21
N MSE A 275 -27.26 -20.92 -25.45
CA MSE A 275 -27.23 -21.84 -26.54
C MSE A 275 -28.40 -21.44 -27.42
O MSE A 275 -29.52 -21.28 -26.94
CB MSE A 275 -27.41 -23.28 -26.07
CG MSE A 275 -27.40 -24.29 -27.15
SE MSE A 275 -27.72 -26.10 -26.45
CE MSE A 275 -29.65 -26.04 -26.42
N ASN A 276 -28.13 -21.25 -28.69
CA ASN A 276 -29.17 -21.01 -29.66
C ASN A 276 -29.98 -22.31 -29.81
N THR A 277 -31.31 -22.27 -29.71
CA THR A 277 -32.12 -23.48 -29.91
C THR A 277 -32.94 -23.44 -31.20
N GLY A 278 -32.49 -22.63 -32.16
CA GLY A 278 -33.19 -22.53 -33.45
C GLY A 278 -34.55 -21.86 -33.30
N ASP A 279 -35.51 -22.30 -34.11
CA ASP A 279 -36.85 -21.68 -34.16
C ASP A 279 -37.85 -22.18 -33.12
N LYS A 280 -37.41 -22.97 -32.16
CA LYS A 280 -38.31 -23.48 -31.12
C LYS A 280 -37.81 -23.20 -29.69
N ALA A 281 -38.75 -22.91 -28.80
CA ALA A 281 -38.44 -22.68 -27.40
C ALA A 281 -38.31 -24.04 -26.69
N VAL A 282 -37.26 -24.18 -25.89
CA VAL A 282 -36.99 -25.40 -25.14
C VAL A 282 -37.21 -25.12 -23.67
N LYS A 283 -37.98 -25.97 -23.01
CA LYS A 283 -38.25 -25.84 -21.59
C LYS A 283 -37.05 -26.38 -20.80
N SER A 284 -36.74 -25.80 -19.65
CA SER A 284 -35.64 -26.32 -18.84
C SER A 284 -36.17 -26.92 -17.57
N GLU A 285 -35.56 -28.03 -17.16
CA GLU A 285 -35.91 -28.67 -15.91
C GLU A 285 -34.82 -28.47 -14.88
N SER A 286 -33.65 -27.99 -15.32
CA SER A 286 -32.47 -27.90 -14.47
C SER A 286 -31.97 -26.49 -14.15
N GLY A 287 -32.88 -25.52 -14.19
CA GLY A 287 -32.59 -24.15 -13.82
C GLY A 287 -32.11 -23.20 -14.89
N LEU A 288 -32.33 -23.53 -16.17
CA LEU A 288 -31.98 -22.61 -17.26
C LEU A 288 -33.20 -21.78 -17.63
N LEU A 289 -32.97 -20.59 -18.17
CA LEU A 289 -34.06 -19.76 -18.61
C LEU A 289 -34.30 -20.06 -20.09
N THR A 290 -35.55 -19.97 -20.50
CA THR A 290 -35.93 -20.12 -21.91
C THR A 290 -36.13 -18.65 -22.34
N THR A 291 -35.42 -18.22 -23.36
CA THR A 291 -35.47 -16.84 -23.76
C THR A 291 -35.37 -16.69 -25.28
N ILE A 292 -35.56 -15.46 -25.73
CA ILE A 292 -35.46 -15.15 -27.16
C ILE A 292 -34.04 -14.71 -27.50
N ALA A 293 -33.47 -15.33 -28.54
CA ALA A 293 -32.12 -14.99 -28.98
C ALA A 293 -32.11 -13.67 -29.78
N TYR A 294 -32.93 -13.62 -30.81
CA TYR A 294 -33.04 -12.44 -31.65
C TYR A 294 -34.13 -12.67 -32.69
N GLY A 295 -34.55 -11.57 -33.31
CA GLY A 295 -35.51 -11.54 -34.41
C GLY A 295 -34.81 -10.85 -35.58
N ILE A 296 -34.65 -11.59 -36.68
CA ILE A 296 -33.99 -11.09 -37.86
C ILE A 296 -34.50 -11.91 -39.04
N ASP A 297 -34.49 -11.29 -40.23
CA ASP A 297 -34.93 -11.91 -41.48
C ASP A 297 -36.30 -12.60 -41.41
N GLY A 298 -37.22 -11.99 -40.66
CA GLY A 298 -38.58 -12.48 -40.49
C GLY A 298 -38.71 -13.72 -39.63
N LYS A 299 -37.70 -14.00 -38.82
CA LYS A 299 -37.69 -15.19 -37.99
C LYS A 299 -37.28 -14.85 -36.57
N VAL A 300 -37.69 -15.70 -35.63
CA VAL A 300 -37.34 -15.52 -34.25
C VAL A 300 -36.65 -16.77 -33.74
N ASN A 301 -35.42 -16.57 -33.24
CA ASN A 301 -34.61 -17.62 -32.64
C ASN A 301 -34.73 -17.53 -31.13
N TYR A 302 -34.79 -18.71 -30.52
CA TYR A 302 -34.88 -18.90 -29.08
C TYR A 302 -33.54 -19.37 -28.55
N ALA A 303 -33.39 -19.29 -27.24
CA ALA A 303 -32.17 -19.78 -26.61
C ALA A 303 -32.43 -20.35 -25.24
N LEU A 304 -31.50 -21.17 -24.77
CA LEU A 304 -31.45 -21.59 -23.37
C LEU A 304 -30.34 -20.80 -22.74
N GLU A 305 -30.60 -20.30 -21.55
CA GLU A 305 -29.63 -19.49 -20.83
C GLU A 305 -29.36 -19.93 -19.40
N GLY A 306 -28.07 -19.98 -19.08
CA GLY A 306 -27.59 -20.15 -17.71
C GLY A 306 -27.12 -18.79 -17.21
N SER A 307 -27.69 -18.33 -16.11
CA SER A 307 -27.41 -17.00 -15.59
C SER A 307 -26.63 -17.01 -14.25
N ILE A 308 -25.44 -16.41 -14.24
CA ILE A 308 -24.65 -16.25 -13.01
C ILE A 308 -24.62 -14.74 -12.68
N PHE A 309 -25.06 -14.33 -11.49
CA PHE A 309 -25.15 -12.89 -11.22
C PHE A 309 -23.82 -12.16 -10.99
N VAL A 310 -22.83 -12.87 -10.43
CA VAL A 310 -21.52 -12.30 -10.07
C VAL A 310 -20.42 -13.17 -10.62
N SER A 311 -19.77 -12.65 -11.64
CA SER A 311 -18.72 -13.35 -12.32
C SER A 311 -17.46 -12.50 -12.24
N GLY A 312 -17.19 -11.71 -13.26
CA GLY A 312 -16.08 -10.76 -13.25
C GLY A 312 -16.22 -9.72 -12.15
N SER A 313 -17.44 -9.41 -11.74
CA SER A 313 -17.64 -8.47 -10.68
C SER A 313 -17.07 -8.94 -9.35
N ALA A 314 -16.81 -10.25 -9.21
CA ALA A 314 -16.17 -10.75 -8.00
C ALA A 314 -14.74 -10.19 -7.94
N ILE A 315 -14.10 -10.08 -9.11
CA ILE A 315 -12.75 -9.58 -9.25
C ILE A 315 -12.70 -8.10 -8.99
N GLN A 316 -13.68 -7.39 -9.55
CA GLN A 316 -13.81 -5.95 -9.32
C GLN A 316 -14.05 -5.69 -7.85
N TRP A 317 -14.72 -6.61 -7.15
CA TRP A 317 -14.95 -6.49 -5.72
C TRP A 317 -13.62 -6.53 -4.94
N LEU A 318 -12.70 -7.40 -5.37
CA LEU A 318 -11.37 -7.42 -4.77
C LEU A 318 -10.71 -6.04 -4.92
N ARG A 319 -10.99 -5.36 -6.02
CA ARG A 319 -10.38 -4.06 -6.30
C ARG A 319 -11.05 -2.90 -5.54
N ASP A 320 -12.34 -2.70 -5.71
CA ASP A 320 -13.00 -1.54 -5.08
C ASP A 320 -13.67 -1.83 -3.74
N GLY A 321 -13.85 -3.09 -3.38
CA GLY A 321 -14.45 -3.41 -2.10
C GLY A 321 -13.39 -3.68 -1.06
N LEU A 322 -12.65 -4.77 -1.21
CA LEU A 322 -11.64 -5.09 -0.23
C LEU A 322 -10.32 -4.34 -0.47
N ARG A 323 -10.18 -3.75 -1.65
CA ARG A 323 -9.00 -2.93 -1.98
C ARG A 323 -7.73 -3.77 -1.84
N MSE A 324 -7.77 -4.98 -2.37
CA MSE A 324 -6.63 -5.89 -2.33
C MSE A 324 -5.80 -5.86 -3.59
O MSE A 324 -4.67 -6.31 -3.55
CB MSE A 324 -7.11 -7.33 -2.21
CG MSE A 324 -7.65 -7.67 -0.91
SE MSE A 324 -8.24 -9.54 -0.94
CE MSE A 324 -8.84 -9.37 0.86
N ILE A 325 -6.39 -5.45 -4.70
CA ILE A 325 -5.69 -5.36 -5.97
C ILE A 325 -5.98 -4.01 -6.59
N ASN A 326 -5.04 -3.53 -7.41
CA ASN A 326 -5.16 -2.26 -8.14
C ASN A 326 -5.96 -2.36 -9.42
N SER A 327 -6.01 -3.57 -9.98
CA SER A 327 -6.73 -3.77 -11.22
C SER A 327 -7.04 -5.23 -11.36
N ALA A 328 -8.09 -5.55 -12.12
CA ALA A 328 -8.50 -6.92 -12.35
C ALA A 328 -7.35 -7.75 -12.91
N PRO A 329 -6.64 -7.25 -13.93
CA PRO A 329 -5.51 -8.02 -14.43
C PRO A 329 -4.44 -8.36 -13.41
N GLN A 330 -4.26 -7.53 -12.38
CA GLN A 330 -3.25 -7.81 -11.37
C GLN A 330 -3.59 -9.05 -10.55
N SER A 331 -4.86 -9.43 -10.52
CA SER A 331 -5.26 -10.62 -9.81
C SER A 331 -4.51 -11.86 -10.27
N GLU A 332 -4.13 -11.93 -11.54
CA GLU A 332 -3.49 -13.11 -12.07
C GLU A 332 -2.18 -13.46 -11.38
N SER A 333 -1.30 -12.48 -11.18
CA SER A 333 -0.02 -12.69 -10.53
C SER A 333 -0.13 -13.21 -9.09
N TYR A 334 -1.12 -12.75 -8.34
CA TYR A 334 -1.33 -13.27 -7.00
C TYR A 334 -1.81 -14.71 -7.06
N ALA A 335 -2.76 -14.97 -7.96
CA ALA A 335 -3.40 -16.27 -8.06
C ALA A 335 -2.42 -17.36 -8.45
N THR A 336 -1.48 -17.03 -9.35
CA THR A 336 -0.46 -18.00 -9.80
C THR A 336 0.80 -18.04 -8.94
N ARG A 337 0.89 -17.22 -7.90
CA ARG A 337 2.06 -17.27 -7.01
C ARG A 337 2.00 -18.48 -6.08
N VAL A 338 0.80 -19.08 -5.93
CA VAL A 338 0.62 -20.29 -5.15
C VAL A 338 0.11 -21.37 -6.08
N ASP A 339 0.17 -22.61 -5.60
N ASP A 339 0.22 -22.64 -5.68
CA ASP A 339 -0.13 -23.81 -6.39
CA ASP A 339 -0.21 -23.74 -6.57
C ASP A 339 -1.59 -24.29 -6.28
C ASP A 339 -1.64 -24.26 -6.33
N SER A 340 -2.31 -23.76 -5.29
CA SER A 340 -3.70 -24.14 -5.04
C SER A 340 -4.27 -23.16 -3.98
N THR A 341 -5.57 -23.22 -3.76
CA THR A 341 -6.21 -22.34 -2.72
C THR A 341 -6.11 -22.96 -1.35
N GLU A 342 -5.58 -24.18 -1.32
CA GLU A 342 -5.46 -24.97 -0.09
C GLU A 342 -6.80 -25.11 0.63
N GLY A 343 -7.88 -25.45 -0.10
CA GLY A 343 -9.18 -25.67 0.47
C GLY A 343 -10.14 -24.50 0.62
N VAL A 344 -9.70 -23.29 0.26
CA VAL A 344 -10.53 -22.10 0.25
C VAL A 344 -11.47 -22.02 -0.97
N TYR A 345 -12.74 -21.73 -0.68
CA TYR A 345 -13.77 -21.47 -1.69
C TYR A 345 -14.41 -20.11 -1.39
N VAL A 346 -14.70 -19.38 -2.47
CA VAL A 346 -15.37 -18.09 -2.51
C VAL A 346 -16.65 -18.24 -3.38
N VAL A 347 -17.81 -18.14 -2.73
CA VAL A 347 -19.13 -18.22 -3.36
C VAL A 347 -19.68 -16.83 -3.45
N PRO A 348 -19.53 -16.20 -4.63
CA PRO A 348 -19.85 -14.76 -4.70
C PRO A 348 -21.36 -14.43 -4.95
N ALA A 349 -22.20 -14.98 -4.10
CA ALA A 349 -23.63 -14.80 -4.16
C ALA A 349 -24.07 -13.46 -3.56
N PHE A 350 -23.40 -12.36 -3.95
CA PHE A 350 -23.71 -11.01 -3.41
C PHE A 350 -25.16 -10.60 -3.63
N VAL A 351 -25.78 -11.11 -4.70
CA VAL A 351 -27.19 -10.83 -5.02
C VAL A 351 -27.96 -12.13 -5.23
N GLY A 352 -27.60 -13.15 -4.46
CA GLY A 352 -28.30 -14.42 -4.48
C GLY A 352 -27.63 -15.33 -5.47
N LEU A 353 -28.25 -16.47 -5.72
CA LEU A 353 -27.72 -17.46 -6.65
C LEU A 353 -28.68 -17.64 -7.82
N GLY A 354 -28.13 -17.65 -9.03
CA GLY A 354 -28.92 -17.87 -10.22
C GLY A 354 -28.94 -19.34 -10.57
N THR A 355 -28.70 -19.64 -11.84
CA THR A 355 -28.69 -21.01 -12.29
C THR A 355 -27.64 -21.88 -11.59
N PRO A 356 -28.02 -23.08 -11.11
CA PRO A 356 -29.35 -23.71 -11.14
C PRO A 356 -30.11 -23.62 -9.83
N TYR A 357 -29.56 -22.92 -8.85
CA TYR A 357 -30.12 -22.87 -7.50
C TYR A 357 -31.32 -21.94 -7.36
N TRP A 358 -31.27 -20.78 -8.02
CA TRP A 358 -32.36 -19.80 -7.95
C TRP A 358 -32.75 -19.54 -6.53
N ASP A 359 -31.74 -19.13 -5.76
CA ASP A 359 -31.90 -18.79 -4.36
C ASP A 359 -31.60 -17.30 -4.17
N SER A 360 -32.65 -16.48 -4.09
CA SER A 360 -32.51 -15.03 -4.09
C SER A 360 -32.15 -14.44 -2.73
N GLU A 361 -32.23 -15.24 -1.67
CA GLU A 361 -31.86 -14.83 -0.33
C GLU A 361 -30.41 -15.17 0.04
N ALA A 362 -29.72 -16.00 -0.74
CA ALA A 362 -28.33 -16.34 -0.43
C ALA A 362 -27.44 -15.09 -0.56
N ARG A 363 -26.42 -14.98 0.30
CA ARG A 363 -25.44 -13.93 0.17
C ARG A 363 -24.05 -14.52 0.03
N GLY A 364 -23.07 -13.68 -0.26
CA GLY A 364 -21.75 -14.16 -0.53
C GLY A 364 -21.12 -14.82 0.67
N ALA A 365 -20.30 -15.83 0.42
CA ALA A 365 -19.63 -16.54 1.52
C ALA A 365 -18.28 -17.14 1.09
N ILE A 366 -17.44 -17.40 2.09
CA ILE A 366 -16.10 -17.88 1.90
C ILE A 366 -15.90 -18.96 2.91
N PHE A 367 -15.29 -20.05 2.47
CA PHE A 367 -15.06 -21.26 3.30
C PHE A 367 -13.68 -21.76 3.27
N GLY A 368 -13.35 -22.66 4.20
CA GLY A 368 -12.06 -23.35 4.23
C GLY A 368 -10.83 -22.59 4.71
N LEU A 369 -11.05 -21.45 5.32
CA LEU A 369 -10.00 -20.59 5.78
C LEU A 369 -9.20 -21.19 6.96
N THR A 370 -7.88 -21.04 6.85
CA THR A 370 -6.95 -21.40 7.94
C THR A 370 -5.96 -20.26 8.19
N ARG A 371 -5.14 -20.40 9.22
CA ARG A 371 -4.25 -19.31 9.66
C ARG A 371 -3.23 -19.01 8.57
N GLY A 372 -2.92 -20.04 7.79
CA GLY A 372 -2.06 -19.93 6.62
C GLY A 372 -2.68 -19.46 5.31
N THR A 373 -3.97 -19.21 5.28
CA THR A 373 -4.60 -18.66 4.10
C THR A 373 -4.02 -17.26 3.93
N GLU A 374 -3.42 -17.02 2.77
CA GLU A 374 -2.85 -15.71 2.48
C GLU A 374 -3.67 -15.04 1.40
N LYS A 375 -3.33 -13.78 1.16
CA LYS A 375 -3.95 -12.96 0.14
C LYS A 375 -3.99 -13.70 -1.18
N GLU A 376 -2.87 -14.35 -1.52
CA GLU A 376 -2.78 -15.12 -2.78
C GLU A 376 -3.84 -16.22 -2.88
N HIS A 377 -4.08 -16.92 -1.77
CA HIS A 377 -5.10 -18.00 -1.76
C HIS A 377 -6.50 -17.48 -1.96
N PHE A 378 -6.78 -16.36 -1.29
CA PHE A 378 -8.07 -15.70 -1.26
C PHE A 378 -8.40 -15.23 -2.64
N ILE A 379 -7.41 -14.60 -3.28
CA ILE A 379 -7.59 -14.10 -4.64
C ILE A 379 -7.78 -15.23 -5.64
N ARG A 380 -6.95 -16.27 -5.54
CA ARG A 380 -7.07 -17.40 -6.41
C ARG A 380 -8.47 -18.05 -6.35
N ALA A 381 -8.99 -18.26 -5.14
CA ALA A 381 -10.33 -18.83 -4.95
C ALA A 381 -11.38 -17.91 -5.53
N THR A 382 -11.20 -16.62 -5.35
CA THR A 382 -12.15 -15.68 -5.94
C THR A 382 -12.18 -15.89 -7.48
N LEU A 383 -11.01 -15.99 -8.09
CA LEU A 383 -10.89 -16.23 -9.54
C LEU A 383 -11.49 -17.56 -9.98
N GLU A 384 -11.27 -18.60 -9.20
CA GLU A 384 -11.83 -19.91 -9.53
C GLU A 384 -13.34 -19.91 -9.49
N SER A 385 -13.97 -19.09 -8.62
CA SER A 385 -15.43 -19.02 -8.54
C SER A 385 -16.09 -18.77 -9.91
N LEU A 386 -15.39 -18.07 -10.79
CA LEU A 386 -15.97 -17.79 -12.10
C LEU A 386 -16.09 -19.09 -12.86
N CYS A 387 -15.13 -19.99 -12.63
CA CYS A 387 -15.02 -21.26 -13.34
C CYS A 387 -15.97 -22.31 -12.77
N TYR A 388 -16.10 -22.32 -11.44
CA TYR A 388 -17.04 -23.27 -10.79
C TYR A 388 -18.48 -22.94 -11.15
N GLN A 389 -18.83 -21.66 -11.15
CA GLN A 389 -20.21 -21.27 -11.49
C GLN A 389 -20.50 -21.66 -12.95
N THR A 390 -19.51 -21.55 -13.83
CA THR A 390 -19.71 -21.88 -15.24
C THR A 390 -19.96 -23.37 -15.33
N ARG A 391 -19.15 -24.19 -14.62
CA ARG A 391 -19.40 -25.62 -14.58
C ARG A 391 -20.83 -25.92 -14.11
N ASP A 392 -21.31 -25.27 -13.06
CA ASP A 392 -22.68 -25.53 -12.57
C ASP A 392 -23.69 -25.32 -13.74
N VAL A 393 -23.46 -24.27 -14.52
CA VAL A 393 -24.35 -23.95 -15.63
C VAL A 393 -24.18 -24.99 -16.74
N MSE A 394 -22.95 -25.47 -16.93
N MSE A 394 -22.94 -25.28 -17.12
CA MSE A 394 -22.71 -26.49 -17.95
CA MSE A 394 -22.69 -26.19 -18.24
C MSE A 394 -23.32 -27.83 -17.58
C MSE A 394 -23.33 -27.55 -17.97
O MSE A 394 -23.80 -28.56 -18.46
O MSE A 394 -23.85 -28.21 -18.88
CB MSE A 394 -21.22 -26.63 -18.23
CB MSE A 394 -21.19 -26.38 -18.45
CG MSE A 394 -20.67 -25.44 -18.96
CG MSE A 394 -20.87 -27.21 -19.69
SE MSE A 394 -18.78 -25.59 -19.38
SE MSE A 394 -18.95 -27.54 -19.92
CE MSE A 394 -18.87 -26.75 -20.95
CE MSE A 394 -18.32 -25.88 -20.67
N GLU A 395 -23.33 -28.19 -16.29
N GLU A 395 -23.26 -27.97 -16.71
CA GLU A 395 -23.97 -29.44 -15.92
CA GLU A 395 -23.85 -29.23 -16.21
C GLU A 395 -25.46 -29.33 -16.17
C GLU A 395 -25.36 -29.19 -16.44
N ALA A 396 -26.02 -28.16 -15.91
CA ALA A 396 -27.46 -27.95 -16.16
C ALA A 396 -27.78 -28.01 -17.66
N MSE A 397 -27.03 -27.23 -18.44
N MSE A 397 -26.96 -27.36 -18.47
CA MSE A 397 -27.20 -27.03 -19.89
CA MSE A 397 -27.17 -27.32 -19.90
C MSE A 397 -27.13 -28.34 -20.66
C MSE A 397 -26.92 -28.68 -20.54
O MSE A 397 -27.85 -28.56 -21.63
O MSE A 397 -27.61 -29.03 -21.51
CB MSE A 397 -26.09 -26.09 -20.40
CB MSE A 397 -26.28 -26.26 -20.55
CG MSE A 397 -26.10 -25.76 -21.88
CG MSE A 397 -26.44 -26.14 -22.05
SE MSE A 397 -27.59 -24.62 -22.39
SE MSE A 397 -25.64 -24.50 -22.70
CE MSE A 397 -27.13 -22.97 -21.46
CE MSE A 397 -26.92 -23.22 -21.98
N SER A 398 -26.21 -29.20 -20.21
N SER A 398 -25.98 -29.47 -20.03
CA SER A 398 -25.97 -30.52 -20.80
CA SER A 398 -25.74 -30.77 -20.62
C SER A 398 -27.16 -31.43 -20.52
C SER A 398 -27.01 -31.58 -20.43
N LYS A 399 -27.67 -31.37 -19.29
CA LYS A 399 -28.85 -32.15 -18.93
C LYS A 399 -30.13 -31.79 -19.70
N ASP A 400 -30.45 -30.50 -19.79
N ASP A 400 -30.44 -30.50 -19.78
CA ASP A 400 -31.70 -30.11 -20.44
CA ASP A 400 -31.65 -30.06 -20.46
C ASP A 400 -31.56 -29.93 -21.96
C ASP A 400 -31.53 -30.21 -21.97
N SER A 401 -30.34 -30.04 -22.50
CA SER A 401 -30.13 -30.16 -23.95
C SER A 401 -29.74 -31.61 -24.06
N GLY A 402 -29.35 -32.05 -25.25
CA GLY A 402 -28.81 -33.39 -25.38
C GLY A 402 -27.30 -33.21 -25.35
N ILE A 403 -26.86 -32.25 -26.16
CA ILE A 403 -25.46 -31.91 -26.40
C ILE A 403 -24.60 -31.73 -25.16
N ASP A 404 -23.39 -32.29 -25.24
CA ASP A 404 -22.36 -32.18 -24.23
C ASP A 404 -21.36 -31.27 -24.93
N VAL A 405 -20.97 -30.17 -24.30
CA VAL A 405 -20.04 -29.26 -24.96
C VAL A 405 -18.75 -30.00 -25.33
N GLN A 406 -18.22 -29.67 -26.50
CA GLN A 406 -16.96 -30.27 -27.00
C GLN A 406 -15.84 -29.22 -26.94
N SER A 407 -16.25 -27.95 -27.01
CA SER A 407 -15.39 -26.80 -26.84
C SER A 407 -16.34 -25.62 -26.66
N LEU A 408 -15.96 -24.71 -25.78
CA LEU A 408 -16.77 -23.56 -25.46
C LEU A 408 -16.18 -22.21 -25.93
N ARG A 409 -16.90 -21.49 -26.80
CA ARG A 409 -16.45 -20.17 -27.26
C ARG A 409 -16.71 -19.20 -26.15
N VAL A 410 -15.72 -18.37 -25.84
CA VAL A 410 -15.86 -17.46 -24.71
C VAL A 410 -15.55 -16.02 -25.07
N ASP A 411 -16.11 -15.07 -24.33
CA ASP A 411 -15.87 -13.66 -24.54
C ASP A 411 -16.13 -12.96 -23.19
N GLY A 412 -15.92 -11.65 -23.16
CA GLY A 412 -16.06 -10.80 -21.97
C GLY A 412 -14.71 -10.43 -21.40
N GLY A 413 -14.67 -9.51 -20.44
CA GLY A 413 -13.42 -9.01 -19.83
C GLY A 413 -12.46 -9.99 -19.20
N ALA A 414 -12.98 -10.94 -18.43
CA ALA A 414 -12.13 -11.95 -17.79
C ALA A 414 -11.44 -12.93 -18.69
N VAL A 415 -11.84 -13.06 -19.96
CA VAL A 415 -11.23 -14.05 -20.82
C VAL A 415 -9.76 -13.76 -21.12
N LYS A 416 -9.34 -12.52 -20.92
CA LYS A 416 -7.94 -12.13 -21.12
CA LYS A 416 -7.94 -12.10 -21.10
C LYS A 416 -7.01 -12.77 -20.10
N ASN A 417 -7.55 -13.16 -18.93
CA ASN A 417 -6.79 -13.79 -17.86
C ASN A 417 -6.54 -15.28 -18.18
N ASN A 418 -5.32 -15.62 -18.59
CA ASN A 418 -4.95 -17.00 -18.90
C ASN A 418 -5.14 -17.97 -17.75
N PHE A 419 -4.91 -17.54 -16.51
CA PHE A 419 -5.15 -18.42 -15.37
C PHE A 419 -6.58 -18.93 -15.30
N ILE A 420 -7.52 -18.03 -15.54
CA ILE A 420 -8.92 -18.33 -15.45
C ILE A 420 -9.39 -19.22 -16.57
N MSE A 421 -8.91 -18.98 -17.79
CA MSE A 421 -9.34 -19.79 -18.91
C MSE A 421 -8.79 -21.19 -18.80
O MSE A 421 -9.48 -22.14 -19.16
CB MSE A 421 -8.91 -19.18 -20.23
CG MSE A 421 -9.55 -17.83 -20.54
SE MSE A 421 -11.49 -17.90 -20.55
CE MSE A 421 -12.00 -17.28 -18.81
N GLN A 422 -7.55 -21.31 -18.34
CA GLN A 422 -6.97 -22.63 -18.15
C GLN A 422 -7.64 -23.37 -17.02
N PHE A 423 -7.92 -22.71 -15.91
CA PHE A 423 -8.62 -23.38 -14.84
C PHE A 423 -10.03 -23.76 -15.30
N GLN A 424 -10.67 -22.95 -16.13
CA GLN A 424 -12.01 -23.28 -16.64
C GLN A 424 -12.01 -24.56 -17.43
N ALA A 425 -11.05 -24.67 -18.33
CA ALA A 425 -10.95 -25.83 -19.18
C ALA A 425 -10.67 -27.06 -18.33
N ASP A 426 -9.74 -26.92 -17.38
CA ASP A 426 -9.40 -28.00 -16.48
C ASP A 426 -10.63 -28.43 -15.65
N ILE A 427 -11.34 -27.51 -15.00
CA ILE A 427 -12.44 -27.93 -14.13
C ILE A 427 -13.67 -28.54 -14.80
N VAL A 428 -13.84 -28.26 -16.10
CA VAL A 428 -14.91 -28.86 -16.91
C VAL A 428 -14.47 -29.97 -17.88
N ASN A 429 -13.17 -30.23 -18.04
CA ASN A 429 -12.67 -31.27 -18.96
C ASN A 429 -13.17 -31.04 -20.39
N THR A 430 -13.09 -29.78 -20.82
CA THR A 430 -13.60 -29.32 -22.10
C THR A 430 -12.72 -28.16 -22.58
N SER A 431 -12.44 -28.07 -23.87
CA SER A 431 -11.63 -26.96 -24.39
C SER A 431 -12.39 -25.62 -24.37
N VAL A 432 -11.63 -24.55 -24.15
CA VAL A 432 -12.13 -23.20 -24.15
C VAL A 432 -11.41 -22.46 -25.29
N GLU A 433 -12.17 -21.76 -26.13
CA GLU A 433 -11.61 -21.00 -27.24
C GLU A 433 -11.87 -19.54 -27.13
N ARG A 434 -10.79 -18.77 -26.97
CA ARG A 434 -10.84 -17.33 -26.86
C ARG A 434 -10.59 -16.70 -28.23
N PRO A 435 -11.54 -15.91 -28.75
CA PRO A 435 -11.34 -15.32 -30.09
C PRO A 435 -10.37 -14.14 -30.12
N GLU A 436 -9.90 -13.78 -31.32
CA GLU A 436 -9.01 -12.61 -31.44
C GLU A 436 -9.71 -11.31 -31.10
N ILE A 437 -10.98 -11.17 -31.49
CA ILE A 437 -11.75 -9.98 -31.14
C ILE A 437 -12.76 -10.42 -30.10
N GLN A 438 -12.54 -10.03 -28.86
CA GLN A 438 -13.35 -10.42 -27.72
C GLN A 438 -14.58 -9.59 -27.45
N GLU A 439 -14.68 -8.44 -28.12
N GLU A 439 -14.68 -8.45 -28.14
CA GLU A 439 -15.83 -7.57 -27.96
CA GLU A 439 -15.82 -7.55 -27.98
C GLU A 439 -16.98 -8.07 -28.84
C GLU A 439 -16.98 -8.07 -28.84
N THR A 440 -17.43 -9.29 -28.60
CA THR A 440 -18.51 -9.91 -29.39
C THR A 440 -19.86 -9.28 -29.14
N THR A 441 -20.05 -8.75 -27.96
CA THR A 441 -21.30 -8.12 -27.69
C THR A 441 -21.45 -6.94 -28.64
N ALA A 442 -20.39 -6.13 -28.76
CA ALA A 442 -20.40 -4.93 -29.60
C ALA A 442 -20.51 -5.27 -31.07
N LEU A 443 -19.78 -6.28 -31.47
CA LEU A 443 -19.80 -6.77 -32.86
C LEU A 443 -21.18 -7.26 -33.26
N GLY A 444 -21.80 -8.03 -32.36
CA GLY A 444 -23.16 -8.50 -32.60
C GLY A 444 -24.09 -7.33 -32.86
N ALA A 445 -24.09 -6.33 -31.97
CA ALA A 445 -24.95 -5.15 -32.13
C ALA A 445 -24.61 -4.32 -33.38
N ALA A 446 -23.33 -4.24 -33.73
CA ALA A 446 -22.90 -3.58 -34.96
C ALA A 446 -23.48 -4.31 -36.15
N PHE A 447 -23.44 -5.64 -36.16
CA PHE A 447 -23.96 -6.36 -37.31
C PHE A 447 -25.46 -6.23 -37.45
N LEU A 448 -26.19 -6.27 -36.36
CA LEU A 448 -27.65 -6.13 -36.43
C LEU A 448 -27.97 -4.81 -37.11
N ALA A 449 -27.22 -3.77 -36.79
CA ALA A 449 -27.41 -2.44 -37.40
C ALA A 449 -26.96 -2.43 -38.83
N GLY A 450 -25.72 -2.85 -39.05
CA GLY A 450 -25.13 -2.87 -40.41
C GLY A 450 -25.94 -3.70 -41.41
N LEU A 451 -26.47 -4.83 -40.94
CA LEU A 451 -27.31 -5.67 -41.77
C LEU A 451 -28.53 -4.90 -42.23
N ALA A 452 -29.14 -4.19 -41.29
CA ALA A 452 -30.36 -3.43 -41.53
C ALA A 452 -30.19 -2.25 -42.47
N VAL A 453 -28.99 -1.68 -42.55
CA VAL A 453 -28.75 -0.57 -43.44
C VAL A 453 -27.93 -0.94 -44.68
N GLY A 454 -27.72 -2.23 -44.91
CA GLY A 454 -26.98 -2.69 -46.09
C GLY A 454 -25.47 -2.56 -46.01
N PHE A 455 -24.94 -2.21 -44.84
CA PHE A 455 -23.49 -2.08 -44.63
C PHE A 455 -22.82 -3.44 -44.89
N TRP A 456 -23.42 -4.50 -44.35
CA TRP A 456 -23.00 -5.89 -44.61
C TRP A 456 -24.22 -6.54 -45.28
N GLU A 457 -23.99 -7.48 -46.19
CA GLU A 457 -25.12 -8.16 -46.84
C GLU A 457 -25.48 -9.47 -46.17
N SER A 458 -24.58 -10.00 -45.35
CA SER A 458 -24.81 -11.30 -44.71
C SER A 458 -24.20 -11.48 -43.31
N LYS A 459 -24.92 -12.14 -42.42
CA LYS A 459 -24.39 -12.42 -41.10
C LYS A 459 -23.24 -13.42 -41.15
N ASP A 460 -23.10 -14.14 -42.28
CA ASP A 460 -22.03 -15.14 -42.47
C ASP A 460 -20.64 -14.52 -42.29
N ASP A 461 -20.50 -13.23 -42.58
CA ASP A 461 -19.23 -12.53 -42.35
C ASP A 461 -18.71 -12.61 -40.93
N ILE A 462 -19.60 -12.76 -39.95
CA ILE A 462 -19.17 -12.85 -38.55
C ILE A 462 -18.40 -14.16 -38.38
N ALA A 463 -18.98 -15.24 -38.91
CA ALA A 463 -18.38 -16.58 -38.87
C ALA A 463 -17.03 -16.58 -39.57
N LYS A 464 -16.99 -15.98 -40.76
CA LYS A 464 -15.76 -15.95 -41.55
C LYS A 464 -14.67 -15.10 -40.89
N ASN A 465 -15.04 -13.97 -40.29
CA ASN A 465 -14.08 -13.06 -39.66
C ASN A 465 -13.54 -13.58 -38.32
N TRP A 466 -14.37 -14.32 -37.57
CA TRP A 466 -13.95 -14.94 -36.29
C TRP A 466 -12.63 -15.66 -36.45
N LYS A 467 -11.71 -15.43 -35.51
CA LYS A 467 -10.38 -16.02 -35.55
C LYS A 467 -10.00 -16.55 -34.19
N LEU A 468 -9.45 -17.77 -34.12
CA LEU A 468 -9.09 -18.31 -32.82
C LEU A 468 -7.80 -17.68 -32.33
N GLU A 469 -7.82 -17.11 -31.13
N GLU A 469 -7.82 -17.09 -31.14
CA GLU A 469 -6.60 -16.52 -30.57
CA GLU A 469 -6.60 -16.54 -30.57
C GLU A 469 -5.87 -17.56 -29.71
C GLU A 469 -5.88 -17.60 -29.74
N GLU A 470 -6.62 -18.29 -28.89
CA GLU A 470 -6.03 -19.35 -28.08
C GLU A 470 -7.07 -20.40 -27.65
N LYS A 471 -6.70 -21.67 -27.80
CA LYS A 471 -7.54 -22.81 -27.38
C LYS A 471 -6.87 -23.34 -26.12
N PHE A 472 -7.59 -23.30 -25.00
CA PHE A 472 -7.13 -23.83 -23.73
C PHE A 472 -7.65 -25.25 -23.63
N ASP A 473 -6.75 -26.19 -23.38
CA ASP A 473 -7.06 -27.62 -23.34
C ASP A 473 -6.93 -28.11 -21.93
N PRO A 474 -7.88 -28.94 -21.48
CA PRO A 474 -7.86 -29.37 -20.09
C PRO A 474 -6.66 -30.26 -19.78
N LYS A 475 -5.95 -29.93 -18.70
CA LYS A 475 -4.89 -30.76 -18.21
C LYS A 475 -4.97 -30.79 -16.68
N MSE A 476 -5.93 -31.57 -16.20
CA MSE A 476 -6.11 -31.81 -14.81
C MSE A 476 -6.60 -33.23 -14.68
O MSE A 476 -7.41 -33.68 -15.46
CB MSE A 476 -7.10 -30.81 -14.22
CG MSE A 476 -7.56 -31.15 -12.88
SE MSE A 476 -8.70 -29.80 -12.09
CE MSE A 476 -7.32 -28.44 -11.78
N ASP A 477 -6.05 -33.92 -13.70
CA ASP A 477 -6.43 -35.29 -13.35
C ASP A 477 -7.90 -35.31 -12.93
N GLU A 478 -8.61 -36.37 -13.32
CA GLU A 478 -10.04 -36.49 -12.97
C GLU A 478 -10.28 -36.55 -11.48
N GLY A 479 -9.45 -37.31 -10.77
CA GLY A 479 -9.57 -37.35 -9.32
C GLY A 479 -9.48 -35.97 -8.68
N GLU A 480 -8.54 -35.15 -9.12
CA GLU A 480 -8.39 -33.77 -8.60
C GLU A 480 -9.63 -32.91 -8.92
N ARG A 481 -10.08 -33.00 -10.17
CA ARG A 481 -11.24 -32.25 -10.66
C ARG A 481 -12.51 -32.53 -9.84
N GLU A 482 -12.76 -33.81 -9.59
CA GLU A 482 -13.92 -34.23 -8.83
C GLU A 482 -13.83 -33.80 -7.38
N LYS A 483 -12.62 -33.86 -6.79
CA LYS A 483 -12.41 -33.38 -5.43
C LYS A 483 -12.66 -31.90 -5.33
N LEU A 484 -12.04 -31.14 -6.23
CA LEU A 484 -12.21 -29.70 -6.27
C LEU A 484 -13.68 -29.31 -6.44
N TYR A 485 -14.39 -29.98 -7.35
CA TYR A 485 -15.79 -29.61 -7.59
C TYR A 485 -16.71 -30.04 -6.46
N ARG A 486 -16.35 -31.13 -5.78
CA ARG A 486 -17.13 -31.55 -4.61
C ARG A 486 -17.06 -30.49 -3.51
N GLY A 487 -15.89 -29.91 -3.30
CA GLY A 487 -15.80 -28.85 -2.23
C GLY A 487 -16.59 -27.63 -2.62
N TRP A 488 -16.59 -27.29 -3.91
CA TRP A 488 -17.38 -26.16 -4.41
C TRP A 488 -18.86 -26.39 -4.12
N LYS A 489 -19.36 -27.57 -4.47
CA LYS A 489 -20.75 -27.90 -4.17
C LYS A 489 -21.05 -27.84 -2.67
N LYS A 490 -20.15 -28.33 -1.83
CA LYS A 490 -20.31 -28.18 -0.37
C LYS A 490 -20.30 -26.72 0.10
N ALA A 491 -19.43 -25.91 -0.53
CA ALA A 491 -19.38 -24.49 -0.27
C ALA A 491 -20.76 -23.85 -0.56
N VAL A 492 -21.33 -24.22 -1.71
CA VAL A 492 -22.65 -23.68 -2.08
C VAL A 492 -23.75 -24.16 -1.15
N GLU A 493 -23.72 -25.46 -0.83
CA GLU A 493 -24.66 -25.99 0.21
C GLU A 493 -24.58 -25.19 1.52
N ALA A 494 -23.36 -24.94 2.03
CA ALA A 494 -23.27 -24.21 3.27
C ALA A 494 -23.75 -22.76 3.10
N THR A 495 -23.47 -22.18 1.94
CA THR A 495 -23.89 -20.82 1.65
C THR A 495 -25.39 -20.72 1.78
N GLN A 496 -26.09 -21.70 1.24
CA GLN A 496 -27.55 -21.71 1.31
C GLN A 496 -28.12 -21.83 2.72
N VAL A 497 -27.34 -22.31 3.68
CA VAL A 497 -27.80 -22.39 5.07
C VAL A 497 -27.85 -21.01 5.77
N PHE A 498 -26.99 -20.08 5.36
CA PHE A 498 -26.96 -18.77 6.04
C PHE A 498 -28.10 -17.86 5.54
N LYS A 499 -29.17 -17.78 6.33
CA LYS A 499 -30.36 -17.04 6.05
C LYS A 499 -30.77 -16.33 7.34
N THR A 500 -31.00 -15.03 7.28
CA THR A 500 -31.29 -14.26 8.49
C THR A 500 -32.62 -13.58 8.41
N GLU A 501 -33.11 -13.17 9.56
CA GLU A 501 -34.43 -12.56 9.61
C GLU A 501 -34.28 -11.07 9.88
N ALA B 3 22.96 -4.92 42.72
CA ALA B 3 22.69 -3.62 43.43
C ALA B 3 21.73 -3.90 44.59
N MSE B 4 21.20 -2.84 45.22
CA MSE B 4 20.28 -3.06 46.34
C MSE B 4 18.91 -3.61 45.93
O MSE B 4 18.44 -4.54 46.53
CB MSE B 4 20.11 -1.79 47.16
CG MSE B 4 21.22 -1.61 48.14
SE MSE B 4 21.32 0.22 48.66
CE MSE B 4 21.93 1.02 46.97
N GLU B 5 18.30 -3.03 44.91
CA GLU B 5 16.98 -3.49 44.50
C GLU B 5 16.98 -4.88 43.89
N LYS B 6 15.93 -5.64 44.15
CA LYS B 6 15.79 -6.99 43.60
C LYS B 6 14.50 -7.08 42.78
N TYR B 7 14.46 -8.01 41.83
CA TYR B 7 13.32 -8.17 40.95
C TYR B 7 12.98 -9.64 40.73
N ILE B 8 11.79 -9.85 40.20
CA ILE B 8 11.35 -11.17 39.73
C ILE B 8 11.31 -11.11 38.24
N LEU B 9 11.83 -12.14 37.60
CA LEU B 9 11.80 -12.24 36.16
C LEU B 9 10.70 -13.22 35.77
N SER B 10 9.78 -12.82 34.91
CA SER B 10 8.67 -13.66 34.46
C SER B 10 8.84 -13.92 32.99
N ILE B 11 8.78 -15.19 32.61
CA ILE B 11 8.88 -15.56 31.20
C ILE B 11 7.50 -16.07 30.78
N ASP B 12 6.92 -15.45 29.75
CA ASP B 12 5.62 -15.89 29.19
C ASP B 12 5.93 -16.41 27.78
N GLN B 13 6.01 -17.72 27.64
CA GLN B 13 6.29 -18.33 26.32
C GLN B 13 4.93 -18.60 25.63
N GLY B 14 4.49 -17.65 24.80
CA GLY B 14 3.21 -17.68 24.14
C GLY B 14 3.21 -18.48 22.85
N THR B 15 2.08 -18.46 22.16
CA THR B 15 1.92 -19.16 20.88
C THR B 15 2.66 -18.58 19.73
N THR B 16 2.78 -17.26 19.67
CA THR B 16 3.43 -16.60 18.55
C THR B 16 4.71 -15.83 18.96
N SER B 17 4.92 -15.61 20.24
CA SER B 17 6.08 -14.89 20.73
C SER B 17 6.38 -15.28 22.18
N SER B 18 7.62 -15.04 22.56
CA SER B 18 8.05 -15.21 23.95
C SER B 18 8.27 -13.81 24.47
N ARG B 19 7.88 -13.62 25.72
CA ARG B 19 8.06 -12.38 26.45
C ARG B 19 8.70 -12.58 27.83
N ALA B 20 9.62 -11.69 28.19
CA ALA B 20 10.25 -11.63 29.50
C ALA B 20 9.96 -10.26 30.08
N ILE B 21 9.46 -10.21 31.31
CA ILE B 21 9.09 -8.99 31.97
C ILE B 21 9.64 -9.04 33.39
N LEU B 22 10.24 -7.95 33.80
CA LEU B 22 10.75 -7.78 35.13
C LEU B 22 9.73 -7.04 35.98
N PHE B 23 9.54 -7.50 37.22
CA PHE B 23 8.66 -6.85 38.20
C PHE B 23 9.44 -6.49 39.43
N ASN B 24 9.24 -5.27 39.91
CA ASN B 24 9.85 -4.82 41.15
C ASN B 24 8.95 -5.18 42.35
N GLN B 25 9.44 -4.85 43.54
N GLN B 25 9.39 -4.87 43.56
CA GLN B 25 8.73 -5.09 44.79
CA GLN B 25 8.60 -5.22 44.75
C GLN B 25 7.29 -4.53 44.78
C GLN B 25 7.22 -4.56 44.73
N LYS B 26 7.11 -3.36 44.17
CA LYS B 26 5.80 -2.65 44.10
C LYS B 26 4.81 -3.27 43.10
N GLY B 27 5.28 -4.17 42.25
CA GLY B 27 4.42 -4.79 41.27
C GLY B 27 4.50 -4.07 39.96
N GLU B 28 5.40 -3.11 39.85
CA GLU B 28 5.52 -2.33 38.63
C GLU B 28 6.42 -3.08 37.64
N ILE B 29 6.20 -2.84 36.36
CA ILE B 29 7.00 -3.40 35.30
C ILE B 29 8.30 -2.58 35.20
N ALA B 30 9.42 -3.27 35.28
CA ALA B 30 10.72 -2.62 35.20
C ALA B 30 11.44 -2.96 33.90
N GLY B 31 10.77 -3.70 33.01
CA GLY B 31 11.34 -4.06 31.72
C GLY B 31 10.57 -5.15 30.98
N VAL B 32 10.53 -5.05 29.66
CA VAL B 32 9.81 -6.01 28.86
C VAL B 32 10.55 -6.24 27.60
N ALA B 33 10.59 -7.49 27.17
CA ALA B 33 11.21 -7.82 25.89
C ALA B 33 10.36 -8.90 25.24
N GLN B 34 10.26 -8.86 23.92
CA GLN B 34 9.42 -9.82 23.20
C GLN B 34 10.08 -10.18 21.89
N ARG B 35 10.01 -11.44 21.55
CA ARG B 35 10.58 -11.96 20.29
C ARG B 35 9.66 -13.00 19.69
N GLU B 36 9.37 -12.84 18.41
CA GLU B 36 8.50 -13.74 17.69
C GLU B 36 9.29 -14.95 17.25
N PHE B 37 8.60 -16.04 16.98
CA PHE B 37 9.20 -17.23 16.45
C PHE B 37 8.27 -17.77 15.39
N LYS B 38 8.82 -18.60 14.53
N LYS B 38 8.81 -18.59 14.50
CA LYS B 38 8.10 -19.15 13.39
CA LYS B 38 8.06 -19.05 13.33
C LYS B 38 6.89 -20.02 13.70
C LYS B 38 6.98 -20.10 13.56
N GLN B 39 5.84 -19.87 12.90
CA GLN B 39 4.64 -20.69 12.99
C GLN B 39 4.67 -21.54 11.73
N TYR B 40 4.54 -22.85 11.88
CA TYR B 40 4.53 -23.78 10.76
C TYR B 40 3.13 -24.35 10.59
N PHE B 41 2.63 -24.32 9.35
CA PHE B 41 1.31 -24.88 8.97
C PHE B 41 1.50 -25.83 7.81
N PRO B 42 1.98 -27.04 8.08
CA PRO B 42 2.33 -27.92 6.95
C PRO B 42 1.16 -28.50 6.16
N GLN B 43 -0.03 -28.54 6.77
CA GLN B 43 -1.27 -28.96 6.10
C GLN B 43 -2.39 -28.15 6.71
N SER B 44 -3.57 -28.22 6.09
CA SER B 44 -4.75 -27.48 6.60
C SER B 44 -5.10 -27.81 8.04
N GLY B 45 -5.12 -26.80 8.91
CA GLY B 45 -5.43 -27.01 10.31
C GLY B 45 -4.30 -27.57 11.20
N TRP B 46 -3.13 -27.90 10.65
CA TRP B 46 -2.00 -28.26 11.51
C TRP B 46 -1.23 -27.00 11.94
N VAL B 47 -0.63 -27.01 13.13
CA VAL B 47 0.16 -25.90 13.62
C VAL B 47 1.29 -26.52 14.39
N GLU B 48 2.52 -26.22 14.01
CA GLU B 48 3.71 -26.73 14.66
C GLU B 48 4.65 -25.57 14.96
N HIS B 49 5.49 -25.82 15.94
CA HIS B 49 6.57 -24.88 16.30
C HIS B 49 7.87 -25.68 16.36
N ASP B 50 8.99 -25.00 16.18
CA ASP B 50 10.31 -25.63 16.37
C ASP B 50 10.66 -25.33 17.82
N ALA B 51 10.73 -26.34 18.69
CA ALA B 51 10.99 -26.14 20.13
C ALA B 51 12.40 -25.62 20.37
N ASN B 52 13.29 -25.88 19.43
CA ASN B 52 14.62 -25.29 19.49
C ASN B 52 14.54 -23.78 19.29
N GLU B 53 13.71 -23.31 18.35
N GLU B 53 13.69 -23.34 18.36
CA GLU B 53 13.61 -21.89 18.16
CA GLU B 53 13.51 -21.92 18.08
C GLU B 53 12.90 -21.28 19.37
C GLU B 53 12.77 -21.24 19.24
N ILE B 54 11.95 -22.00 19.95
CA ILE B 54 11.25 -21.46 21.14
C ILE B 54 12.27 -21.25 22.26
N TRP B 55 13.14 -22.22 22.44
CA TRP B 55 14.20 -22.10 23.43
C TRP B 55 15.07 -20.86 23.14
N THR B 56 15.56 -20.73 21.91
CA THR B 56 16.41 -19.56 21.60
C THR B 56 15.64 -18.24 21.79
N SER B 57 14.35 -18.21 21.50
CA SER B 57 13.54 -17.00 21.71
C SER B 57 13.45 -16.66 23.21
N VAL B 58 13.44 -17.67 24.08
CA VAL B 58 13.41 -17.40 25.54
C VAL B 58 14.76 -16.88 25.99
N LEU B 59 15.83 -17.46 25.50
CA LEU B 59 17.16 -16.94 25.83
C LEU B 59 17.26 -15.50 25.29
N ALA B 60 16.70 -15.26 24.12
CA ALA B 60 16.77 -13.94 23.50
C ALA B 60 16.08 -12.88 24.39
N VAL B 61 14.87 -13.15 24.85
CA VAL B 61 14.17 -12.17 25.66
C VAL B 61 14.75 -12.02 27.08
N MSE B 62 15.30 -13.08 27.68
CA MSE B 62 15.92 -12.95 29.01
C MSE B 62 17.10 -11.98 28.91
O MSE B 62 17.28 -11.06 29.73
CB MSE B 62 16.40 -14.31 29.57
CG MSE B 62 15.27 -15.30 29.68
SE MSE B 62 15.90 -16.95 30.57
CE MSE B 62 15.43 -16.28 32.22
N THR B 63 17.91 -12.21 27.89
CA THR B 63 19.10 -11.45 27.67
C THR B 63 18.80 -10.00 27.33
N GLU B 64 17.77 -9.77 26.53
N GLU B 64 17.79 -9.75 26.52
CA GLU B 64 17.37 -8.42 26.15
CA GLU B 64 17.41 -8.38 26.17
C GLU B 64 16.88 -7.62 27.35
C GLU B 64 16.90 -7.62 27.38
N VAL B 65 16.05 -8.25 28.17
CA VAL B 65 15.44 -7.57 29.28
C VAL B 65 16.45 -7.24 30.37
N ILE B 66 17.45 -8.10 30.57
CA ILE B 66 18.56 -7.88 31.54
C ILE B 66 19.62 -6.88 31.00
N ASN B 67 19.91 -6.92 29.71
CA ASN B 67 20.91 -6.04 29.12
C ASN B 67 20.39 -4.60 28.89
N GLU B 68 19.10 -4.46 28.61
CA GLU B 68 18.54 -3.20 28.14
C GLU B 68 17.70 -2.37 29.13
N ASN B 69 17.61 -2.81 30.38
CA ASN B 69 16.92 -2.03 31.39
C ASN B 69 17.95 -1.78 32.46
N ASP B 70 17.58 -1.42 33.66
CA ASP B 70 18.65 -1.12 34.62
C ASP B 70 18.73 -2.17 35.72
N VAL B 71 18.72 -3.42 35.28
CA VAL B 71 18.75 -4.56 36.17
C VAL B 71 19.81 -5.55 35.73
N ARG B 72 20.65 -5.98 36.67
CA ARG B 72 21.65 -6.97 36.36
C ARG B 72 21.15 -8.34 36.80
N ALA B 73 21.76 -9.37 36.25
CA ALA B 73 21.37 -10.75 36.53
C ALA B 73 21.39 -11.04 38.04
N ASP B 74 22.37 -10.49 38.76
CA ASP B 74 22.50 -10.69 40.22
C ASP B 74 21.40 -10.02 41.06
N GLN B 75 20.57 -9.20 40.43
CA GLN B 75 19.42 -8.56 41.09
C GLN B 75 18.14 -9.39 40.96
N ILE B 76 18.20 -10.51 40.23
CA ILE B 76 17.02 -11.38 40.07
C ILE B 76 16.86 -12.40 41.21
N ALA B 77 15.78 -12.21 41.98
CA ALA B 77 15.48 -13.04 43.15
C ALA B 77 14.82 -14.36 42.79
N GLY B 78 14.17 -14.40 41.64
CA GLY B 78 13.53 -15.61 41.21
C GLY B 78 12.88 -15.46 39.87
N ILE B 79 12.64 -16.62 39.24
CA ILE B 79 12.08 -16.70 37.90
C ILE B 79 10.78 -17.49 37.91
N GLY B 80 9.76 -16.91 37.31
CA GLY B 80 8.49 -17.57 37.12
C GLY B 80 8.37 -17.89 35.63
N ILE B 81 7.85 -19.08 35.31
CA ILE B 81 7.67 -19.52 33.92
C ILE B 81 6.18 -19.85 33.65
N THR B 82 5.66 -19.28 32.59
CA THR B 82 4.31 -19.56 32.19
C THR B 82 4.28 -19.73 30.69
N ASN B 83 3.23 -20.38 30.20
CA ASN B 83 3.29 -20.87 28.84
C ASN B 83 2.03 -21.21 28.10
N GLN B 84 2.12 -21.17 26.77
CA GLN B 84 1.08 -21.73 25.92
C GLN B 84 0.96 -23.18 26.44
N ARG B 85 -0.27 -23.60 26.71
CA ARG B 85 -0.57 -24.90 27.25
C ARG B 85 -0.69 -25.95 26.13
N GLU B 86 -0.74 -27.22 26.53
CA GLU B 86 -0.93 -28.37 25.62
C GLU B 86 0.15 -28.66 24.58
N THR B 87 0.74 -27.62 23.98
CA THR B 87 1.84 -27.77 23.03
C THR B 87 2.86 -28.75 23.62
N THR B 88 3.28 -29.70 22.79
CA THR B 88 4.03 -30.86 23.17
C THR B 88 5.38 -31.00 22.49
N VAL B 89 6.37 -31.26 23.32
CA VAL B 89 7.73 -31.45 22.90
C VAL B 89 8.15 -32.83 23.39
N VAL B 90 8.82 -33.56 22.51
CA VAL B 90 9.43 -34.82 22.82
C VAL B 90 10.88 -34.68 22.43
N TRP B 91 11.79 -34.95 23.35
CA TRP B 91 13.19 -34.80 23.06
C TRP B 91 14.07 -35.91 23.60
N ASP B 92 15.31 -35.94 23.08
CA ASP B 92 16.32 -36.90 23.53
C ASP B 92 17.00 -36.35 24.77
N LYS B 93 16.94 -37.12 25.86
CA LYS B 93 17.42 -36.66 27.15
C LYS B 93 18.93 -36.48 27.19
N HIS B 94 19.65 -37.22 26.36
CA HIS B 94 21.10 -37.12 26.31
C HIS B 94 21.57 -35.92 25.49
N THR B 95 21.03 -35.78 24.27
CA THR B 95 21.40 -34.66 23.39
C THR B 95 20.64 -33.38 23.69
N GLY B 96 19.45 -33.52 24.26
CA GLY B 96 18.63 -32.33 24.54
C GLY B 96 17.93 -31.84 23.28
N ARG B 97 17.98 -32.61 22.21
CA ARG B 97 17.38 -32.24 20.95
C ARG B 97 15.96 -32.81 20.79
N PRO B 98 14.99 -31.99 20.37
CA PRO B 98 13.70 -32.59 20.08
C PRO B 98 13.79 -33.55 18.89
N ILE B 99 12.92 -34.54 18.92
CA ILE B 99 12.89 -35.52 17.88
C ILE B 99 11.93 -35.10 16.76
N TYR B 100 11.13 -34.05 17.01
CA TYR B 100 10.18 -33.56 16.01
C TYR B 100 9.74 -32.14 16.40
N HIS B 101 9.10 -31.40 15.49
CA HIS B 101 8.56 -30.10 15.91
C HIS B 101 7.70 -30.27 17.15
N ALA B 102 7.50 -29.20 17.89
CA ALA B 102 6.50 -29.19 18.93
C ALA B 102 5.13 -29.14 18.20
N ILE B 103 4.18 -29.95 18.64
CA ILE B 103 2.86 -29.93 18.03
C ILE B 103 2.09 -28.95 18.89
N VAL B 104 1.59 -27.89 18.27
CA VAL B 104 0.90 -26.79 19.03
C VAL B 104 -0.52 -27.19 19.43
N TRP B 105 -1.00 -26.60 20.53
CA TRP B 105 -2.32 -26.84 21.00
C TRP B 105 -3.38 -26.71 19.92
N GLN B 106 -3.24 -25.70 19.05
CA GLN B 106 -4.19 -25.48 17.99
C GLN B 106 -4.26 -26.59 16.95
N SER B 107 -3.17 -27.31 16.80
CA SER B 107 -3.08 -28.27 15.72
C SER B 107 -4.18 -29.32 15.74
N ARG B 108 -4.66 -29.65 14.53
CA ARG B 108 -5.67 -30.67 14.38
C ARG B 108 -5.06 -31.96 13.86
N GLN B 109 -3.74 -32.07 13.84
CA GLN B 109 -3.08 -33.22 13.19
C GLN B 109 -3.29 -34.55 13.90
N THR B 110 -3.75 -34.52 15.15
CA THR B 110 -3.99 -35.76 15.90
C THR B 110 -5.43 -36.15 15.88
N GLN B 111 -6.16 -35.66 14.89
N GLN B 111 -6.21 -35.52 15.02
CA GLN B 111 -7.54 -36.05 14.72
CA GLN B 111 -7.64 -35.76 14.90
C GLN B 111 -7.78 -37.55 14.53
C GLN B 111 -8.00 -37.25 14.73
N SER B 112 -7.08 -38.25 13.61
N SER B 112 -7.22 -37.94 13.91
CA SER B 112 -7.33 -39.68 13.45
CA SER B 112 -7.45 -39.37 13.63
C SER B 112 -7.19 -40.43 14.80
C SER B 112 -7.34 -40.22 14.90
N ILE B 113 -6.28 -39.98 15.66
CA ILE B 113 -6.07 -40.65 16.96
C ILE B 113 -7.25 -40.42 17.89
N CYS B 114 -7.73 -39.18 17.96
CA CYS B 114 -8.90 -38.86 18.78
C CYS B 114 -10.10 -39.68 18.29
N SER B 115 -10.31 -39.68 16.98
CA SER B 115 -11.41 -40.45 16.38
C SER B 115 -11.35 -41.93 16.75
N GLU B 116 -10.18 -42.54 16.67
N GLU B 116 -10.17 -42.53 16.67
CA GLU B 116 -10.02 -43.95 17.00
CA GLU B 116 -9.99 -43.95 16.99
C GLU B 116 -10.40 -44.19 18.45
C GLU B 116 -10.34 -44.22 18.45
N LEU B 117 -9.88 -43.35 19.35
CA LEU B 117 -10.19 -43.51 20.77
C LEU B 117 -11.66 -43.30 21.05
N LYS B 118 -12.30 -42.39 20.32
CA LYS B 118 -13.72 -42.11 20.52
C LYS B 118 -14.55 -43.29 20.05
N GLN B 119 -14.14 -43.84 18.91
CA GLN B 119 -14.78 -45.03 18.29
C GLN B 119 -14.71 -46.27 19.19
N GLN B 120 -13.59 -46.42 19.89
CA GLN B 120 -13.39 -47.48 20.85
C GLN B 120 -14.09 -47.28 22.19
N GLY B 121 -14.77 -46.15 22.36
CA GLY B 121 -15.62 -45.90 23.52
C GLY B 121 -14.96 -45.33 24.75
N TYR B 122 -13.84 -44.62 24.59
CA TYR B 122 -13.12 -44.17 25.79
C TYR B 122 -13.30 -42.72 26.14
N GLU B 123 -14.11 -41.98 25.39
CA GLU B 123 -14.16 -40.55 25.66
C GLU B 123 -14.70 -40.23 27.05
N GLN B 124 -15.67 -41.01 27.53
CA GLN B 124 -16.21 -40.75 28.85
C GLN B 124 -15.17 -40.93 29.97
N THR B 125 -14.27 -41.91 29.82
CA THR B 125 -13.19 -42.16 30.78
C THR B 125 -12.24 -40.93 30.85
N PHE B 126 -11.86 -40.42 29.70
CA PHE B 126 -11.03 -39.20 29.67
C PHE B 126 -11.76 -38.03 30.30
N ARG B 127 -13.07 -37.88 30.03
CA ARG B 127 -13.86 -36.79 30.60
CA ARG B 127 -13.83 -36.76 30.61
C ARG B 127 -13.84 -36.85 32.14
N ASP B 128 -14.20 -38.03 32.68
CA ASP B 128 -14.29 -38.28 34.13
C ASP B 128 -12.95 -38.12 34.87
N LYS B 129 -11.87 -38.55 34.23
CA LYS B 129 -10.55 -38.46 34.86
C LYS B 129 -9.77 -37.16 34.70
N THR B 130 -9.96 -36.44 33.58
CA THR B 130 -9.15 -35.27 33.25
C THR B 130 -9.85 -33.94 33.19
N GLY B 131 -11.17 -33.97 33.00
CA GLY B 131 -12.03 -32.79 32.86
C GLY B 131 -12.05 -32.23 31.45
N LEU B 132 -11.43 -32.96 30.52
CA LEU B 132 -11.27 -32.53 29.13
C LEU B 132 -12.15 -33.41 28.22
N LEU B 133 -11.70 -33.68 27.01
CA LEU B 133 -12.42 -34.56 26.12
C LEU B 133 -11.42 -35.01 25.05
N LEU B 134 -11.86 -35.85 24.13
CA LEU B 134 -10.95 -36.33 23.09
C LEU B 134 -10.96 -35.43 21.86
N ASP B 135 -10.41 -34.24 22.02
CA ASP B 135 -10.25 -33.25 20.96
C ASP B 135 -8.73 -33.13 20.79
N PRO B 136 -8.26 -32.82 19.56
CA PRO B 136 -6.82 -32.63 19.23
C PRO B 136 -6.12 -31.56 20.00
N TYR B 137 -6.88 -30.74 20.73
CA TYR B 137 -6.34 -29.70 21.57
C TYR B 137 -5.29 -30.15 22.56
N PHE B 138 -5.50 -31.28 23.21
CA PHE B 138 -4.69 -31.68 24.38
C PHE B 138 -3.40 -32.44 24.10
N ALA B 139 -2.46 -32.43 25.05
CA ALA B 139 -1.12 -33.02 24.78
C ALA B 139 -1.03 -34.51 24.46
N GLY B 140 -1.83 -35.32 25.14
CA GLY B 140 -1.72 -36.76 25.09
C GLY B 140 -1.64 -37.35 23.70
N THR B 141 -2.55 -36.94 22.83
CA THR B 141 -2.58 -37.42 21.48
C THR B 141 -1.42 -36.94 20.62
N LYS B 142 -0.84 -35.80 20.98
CA LYS B 142 0.32 -35.21 20.29
C LYS B 142 1.53 -36.09 20.65
N VAL B 143 1.62 -36.50 21.91
CA VAL B 143 2.68 -37.46 22.30
C VAL B 143 2.53 -38.76 21.50
N LYS B 144 1.31 -39.32 21.52
CA LYS B 144 1.05 -40.54 20.75
C LYS B 144 1.42 -40.36 19.28
N TRP B 145 1.02 -39.24 18.69
CA TRP B 145 1.31 -38.97 17.28
C TRP B 145 2.81 -39.02 16.98
N ILE B 146 3.58 -38.36 17.82
CA ILE B 146 5.03 -38.35 17.67
C ILE B 146 5.57 -39.75 17.78
N LEU B 147 5.19 -40.50 18.81
CA LEU B 147 5.69 -41.88 18.96
C LEU B 147 5.29 -42.85 17.84
N ASP B 148 4.11 -42.63 17.25
CA ASP B 148 3.62 -43.49 16.20
C ASP B 148 4.10 -43.10 14.81
N ASN B 149 4.38 -41.81 14.58
CA ASN B 149 4.67 -41.34 13.23
C ASN B 149 6.09 -40.95 12.91
N VAL B 150 6.89 -40.70 13.93
CA VAL B 150 8.29 -40.28 13.73
C VAL B 150 9.17 -41.52 13.73
N GLU B 151 9.97 -41.68 12.68
N GLU B 151 9.96 -41.69 12.68
CA GLU B 151 10.82 -42.86 12.55
CA GLU B 151 10.81 -42.88 12.56
C GLU B 151 11.78 -42.97 13.74
C GLU B 151 11.78 -42.98 13.73
N GLY B 152 11.76 -44.12 14.39
CA GLY B 152 12.64 -44.41 15.52
C GLY B 152 12.11 -44.01 16.87
N ALA B 153 11.12 -43.11 16.91
CA ALA B 153 10.57 -42.60 18.17
C ALA B 153 10.17 -43.72 19.11
N ARG B 154 9.34 -44.64 18.62
CA ARG B 154 8.82 -45.71 19.45
C ARG B 154 9.90 -46.45 20.22
N GLU B 155 10.95 -46.86 19.51
CA GLU B 155 12.06 -47.61 20.08
C GLU B 155 12.82 -46.81 21.14
N LYS B 156 13.10 -45.55 20.83
CA LYS B 156 13.81 -44.69 21.77
C LYS B 156 12.99 -44.54 23.04
N ALA B 157 11.67 -44.43 22.87
CA ALA B 157 10.75 -44.34 23.98
C ALA B 157 10.87 -45.58 24.84
N GLU B 158 10.87 -46.74 24.17
CA GLU B 158 11.02 -48.06 24.80
C GLU B 158 12.38 -48.24 25.46
N ASN B 159 13.42 -47.66 24.87
CA ASN B 159 14.74 -47.73 25.48
C ASN B 159 14.98 -46.69 26.57
N GLY B 160 14.01 -45.82 26.85
CA GLY B 160 14.19 -44.81 27.90
C GLY B 160 15.00 -43.58 27.51
N ASP B 161 15.15 -43.34 26.21
CA ASP B 161 15.92 -42.18 25.74
C ASP B 161 15.15 -40.85 25.68
N LEU B 162 13.81 -40.92 25.70
CA LEU B 162 12.98 -39.75 25.49
C LEU B 162 12.28 -39.17 26.72
N LEU B 163 12.07 -37.88 26.67
CA LEU B 163 11.29 -37.17 27.67
C LEU B 163 10.17 -36.42 26.99
N PHE B 164 9.02 -36.37 27.65
CA PHE B 164 7.87 -35.59 27.23
C PHE B 164 7.87 -34.32 28.02
N GLY B 165 7.34 -33.26 27.43
CA GLY B 165 7.05 -32.05 28.14
C GLY B 165 6.12 -31.07 27.44
N THR B 166 5.28 -30.43 28.24
CA THR B 166 4.59 -29.26 27.80
C THR B 166 5.69 -28.18 27.85
N ILE B 167 5.40 -26.97 27.42
CA ILE B 167 6.46 -25.94 27.26
C ILE B 167 7.13 -25.53 28.52
N ASP B 168 6.35 -25.39 29.59
CA ASP B 168 6.90 -25.14 30.90
C ASP B 168 7.98 -26.15 31.24
N THR B 169 7.69 -27.43 30.97
CA THR B 169 8.60 -28.53 31.33
C THR B 169 9.87 -28.43 30.50
N TRP B 170 9.69 -28.18 29.20
CA TRP B 170 10.80 -28.02 28.27
C TRP B 170 11.73 -26.89 28.73
N LEU B 171 11.16 -25.72 29.00
N LEU B 171 11.15 -25.72 28.99
CA LEU B 171 11.98 -24.57 29.37
CA LEU B 171 11.90 -24.53 29.41
C LEU B 171 12.71 -24.78 30.69
C LEU B 171 12.70 -24.80 30.68
N VAL B 172 12.04 -25.33 31.70
CA VAL B 172 12.68 -25.59 33.02
C VAL B 172 13.84 -26.61 32.88
N TRP B 173 13.62 -27.65 32.09
CA TRP B 173 14.68 -28.61 31.89
C TRP B 173 15.86 -27.96 31.21
N LYS B 174 15.62 -27.22 30.12
CA LYS B 174 16.74 -26.55 29.41
C LYS B 174 17.41 -25.53 30.30
N LEU B 175 16.60 -24.71 30.94
CA LEU B 175 17.13 -23.64 31.81
C LEU B 175 17.95 -24.10 33.02
N SER B 176 17.52 -25.21 33.64
CA SER B 176 18.17 -25.80 34.80
C SER B 176 19.34 -26.70 34.45
N GLY B 177 19.68 -26.81 33.18
CA GLY B 177 20.79 -27.62 32.79
C GLY B 177 20.46 -29.09 32.96
N LYS B 178 19.21 -29.46 32.69
CA LYS B 178 18.72 -30.83 32.82
CA LYS B 178 18.72 -30.83 32.81
C LYS B 178 18.53 -31.30 34.25
N ALA B 179 18.60 -30.39 35.20
CA ALA B 179 18.47 -30.73 36.61
C ALA B 179 17.07 -31.11 37.04
N ALA B 180 16.08 -30.46 36.45
CA ALA B 180 14.69 -30.59 36.84
C ALA B 180 13.77 -30.92 35.68
N HIS B 181 13.01 -32.01 35.83
CA HIS B 181 12.02 -32.44 34.81
C HIS B 181 10.68 -32.45 35.55
N ILE B 182 10.01 -31.32 35.47
CA ILE B 182 8.82 -31.09 36.23
C ILE B 182 7.77 -30.31 35.47
N THR B 183 6.55 -30.36 36.01
CA THR B 183 5.43 -29.56 35.55
C THR B 183 4.63 -29.20 36.81
N ASP B 184 3.72 -28.24 36.71
CA ASP B 184 2.82 -28.00 37.83
C ASP B 184 1.46 -28.64 37.55
N TYR B 185 0.57 -28.55 38.52
CA TYR B 185 -0.74 -29.14 38.38
C TYR B 185 -1.56 -28.52 37.26
N SER B 186 -1.48 -27.20 37.07
CA SER B 186 -2.28 -26.57 36.02
C SER B 186 -1.84 -27.04 34.65
N ASN B 187 -0.54 -27.03 34.34
CA ASN B 187 -0.06 -27.60 33.07
C ASN B 187 -0.34 -29.09 32.88
N ALA B 188 -0.10 -29.90 33.90
CA ALA B 188 -0.39 -31.33 33.83
C ALA B 188 -1.88 -31.64 33.55
N SER B 189 -2.78 -30.83 34.11
CA SER B 189 -4.22 -31.01 33.91
C SER B 189 -4.66 -30.93 32.42
N ARG B 190 -3.80 -30.40 31.55
CA ARG B 190 -4.09 -30.19 30.14
C ARG B 190 -3.53 -31.29 29.23
N THR B 191 -2.94 -32.32 29.82
CA THR B 191 -2.22 -33.33 29.04
C THR B 191 -3.05 -34.48 28.55
N LEU B 192 -4.25 -34.68 29.12
CA LEU B 192 -5.08 -35.84 28.85
C LEU B 192 -4.47 -37.12 29.51
N MSE B 193 -3.43 -36.96 30.32
CA MSE B 193 -2.75 -38.08 31.00
C MSE B 193 -2.73 -37.98 32.52
O MSE B 193 -2.24 -38.92 33.19
CB MSE B 193 -1.30 -38.12 30.52
CG MSE B 193 -1.18 -38.39 29.05
SE MSE B 193 0.62 -38.44 28.34
CE MSE B 193 1.14 -36.58 28.50
N PHE B 194 -3.16 -36.84 33.05
CA PHE B 194 -3.14 -36.55 34.47
C PHE B 194 -4.57 -36.52 35.00
N ASN B 195 -4.80 -37.34 36.01
CA ASN B 195 -6.06 -37.43 36.68
C ASN B 195 -6.18 -36.27 37.66
N ILE B 196 -7.10 -35.33 37.38
CA ILE B 196 -7.25 -34.09 38.16
C ILE B 196 -7.95 -34.26 39.48
N HIS B 197 -8.53 -35.45 39.65
CA HIS B 197 -9.22 -35.77 40.89
C HIS B 197 -8.30 -36.38 41.90
N ASP B 198 -7.45 -37.32 41.50
CA ASP B 198 -6.52 -37.87 42.48
C ASP B 198 -5.12 -37.28 42.38
N LEU B 199 -4.96 -36.32 41.46
CA LEU B 199 -3.70 -35.58 41.28
C LEU B 199 -2.49 -36.48 41.03
N GLU B 200 -2.65 -37.44 40.11
CA GLU B 200 -1.56 -38.34 39.74
C GLU B 200 -1.66 -38.64 38.24
N TRP B 201 -0.51 -38.88 37.61
CA TRP B 201 -0.54 -39.41 36.24
C TRP B 201 -1.41 -40.67 36.27
N ASP B 202 -2.25 -40.87 35.26
CA ASP B 202 -3.19 -41.98 35.26
C ASP B 202 -2.72 -43.14 34.37
N ASP B 203 -2.35 -44.25 34.98
CA ASP B 203 -1.83 -45.38 34.19
C ASP B 203 -2.77 -45.88 33.11
N GLU B 204 -4.08 -45.87 33.36
CA GLU B 204 -5.01 -46.33 32.33
C GLU B 204 -4.96 -45.40 31.13
N LEU B 205 -4.99 -44.10 31.38
CA LEU B 205 -4.96 -43.18 30.27
C LEU B 205 -3.66 -43.25 29.47
N LEU B 206 -2.55 -43.49 30.16
CA LEU B 206 -1.25 -43.62 29.52
C LEU B 206 -1.22 -44.85 28.64
N GLU B 207 -1.83 -45.93 29.12
CA GLU B 207 -1.89 -47.16 28.34
C GLU B 207 -2.77 -46.97 27.11
N LEU B 208 -3.89 -46.25 27.27
CA LEU B 208 -4.74 -45.94 26.12
C LEU B 208 -4.00 -45.03 25.11
N LEU B 209 -3.12 -44.16 25.60
CA LEU B 209 -2.36 -43.28 24.72
C LEU B 209 -1.03 -43.87 24.24
N THR B 210 -0.68 -45.08 24.66
CA THR B 210 0.59 -45.76 24.33
C THR B 210 1.84 -44.90 24.69
N VAL B 211 1.77 -44.21 25.81
CA VAL B 211 2.86 -43.38 26.31
C VAL B 211 3.54 -44.05 27.51
N PRO B 212 4.84 -44.36 27.40
CA PRO B 212 5.59 -44.95 28.51
C PRO B 212 5.73 -43.95 29.63
N LYS B 213 5.46 -44.42 30.84
CA LYS B 213 5.49 -43.58 32.03
CA LYS B 213 5.51 -43.64 32.07
C LYS B 213 6.89 -43.01 32.26
N ASN B 214 7.91 -43.65 31.72
CA ASN B 214 9.30 -43.18 31.84
C ASN B 214 9.58 -41.85 31.14
N MSE B 215 8.65 -41.38 30.32
CA MSE B 215 8.85 -40.09 29.66
C MSE B 215 8.27 -38.91 30.44
O MSE B 215 8.49 -37.78 30.03
CB MSE B 215 8.22 -40.08 28.27
CG MSE B 215 8.76 -41.11 27.31
SE MSE B 215 7.66 -41.05 25.68
CE MSE B 215 8.04 -39.23 25.01
N LEU B 216 7.60 -39.14 31.55
CA LEU B 216 6.87 -38.06 32.20
C LEU B 216 7.61 -37.31 33.32
N PRO B 217 7.38 -36.00 33.41
CA PRO B 217 7.95 -35.21 34.51
C PRO B 217 7.20 -35.46 35.82
N GLU B 218 7.75 -34.96 36.91
CA GLU B 218 7.12 -35.05 38.23
C GLU B 218 6.22 -33.85 38.36
N VAL B 219 4.97 -34.07 38.76
CA VAL B 219 4.02 -32.96 38.94
C VAL B 219 4.17 -32.30 40.30
N LYS B 220 4.33 -30.98 40.29
CA LYS B 220 4.53 -30.20 41.48
C LYS B 220 3.47 -29.11 41.58
N ALA B 221 3.45 -28.45 42.71
CA ALA B 221 2.68 -27.25 42.94
C ALA B 221 3.19 -26.15 42.01
N SER B 222 2.45 -25.05 41.95
CA SER B 222 2.68 -23.97 41.02
C SER B 222 3.60 -22.89 41.58
N SER B 223 3.92 -22.97 42.88
CA SER B 223 4.78 -22.01 43.56
C SER B 223 5.70 -22.81 44.48
N GLU B 224 6.94 -22.98 44.05
CA GLU B 224 7.90 -23.84 44.76
C GLU B 224 9.22 -23.72 44.05
N VAL B 225 10.34 -23.76 44.78
CA VAL B 225 11.62 -23.73 44.11
C VAL B 225 11.85 -25.08 43.46
N TYR B 226 11.83 -25.11 42.14
CA TYR B 226 11.97 -26.36 41.42
C TYR B 226 13.43 -26.70 41.21
N GLY B 227 14.26 -25.68 41.19
CA GLY B 227 15.67 -25.83 40.92
C GLY B 227 16.21 -24.45 40.66
N LYS B 228 17.39 -24.39 40.04
CA LYS B 228 17.99 -23.12 39.70
C LYS B 228 18.48 -23.12 38.30
N THR B 229 18.67 -21.91 37.79
CA THR B 229 19.29 -21.76 36.47
C THR B 229 20.70 -22.36 36.49
N ILE B 230 21.04 -23.09 35.43
CA ILE B 230 22.40 -23.52 35.26
C ILE B 230 23.18 -22.22 34.94
N ASP B 231 24.34 -22.07 35.54
CA ASP B 231 25.07 -20.79 35.46
C ASP B 231 25.29 -20.23 34.05
N TYR B 232 25.59 -21.08 33.08
CA TYR B 232 25.85 -20.60 31.72
C TYR B 232 24.63 -20.14 30.94
N HIS B 233 23.44 -20.43 31.44
CA HIS B 233 22.21 -19.89 30.87
C HIS B 233 21.70 -18.66 31.64
N PHE B 234 22.42 -18.21 32.67
CA PHE B 234 21.97 -17.00 33.36
C PHE B 234 23.12 -16.12 33.88
N TYR B 235 24.03 -15.81 32.95
N TYR B 235 23.99 -15.68 32.97
CA TYR B 235 25.08 -14.85 33.17
CA TYR B 235 25.11 -14.77 33.28
C TYR B 235 25.96 -15.21 34.39
C TYR B 235 26.04 -15.21 34.39
N GLY B 236 26.16 -16.51 34.61
CA GLY B 236 27.02 -17.02 35.68
C GLY B 236 26.38 -17.21 37.03
N GLN B 237 25.07 -16.95 37.09
CA GLN B 237 24.34 -16.98 38.34
C GLN B 237 23.39 -18.18 38.41
N GLU B 238 23.09 -18.61 39.62
CA GLU B 238 22.19 -19.73 39.86
C GLU B 238 20.97 -19.15 40.55
N VAL B 239 19.95 -18.86 39.74
CA VAL B 239 18.75 -18.17 40.24
C VAL B 239 17.60 -19.14 40.41
N PRO B 240 16.86 -19.05 41.54
CA PRO B 240 15.69 -19.92 41.74
C PRO B 240 14.63 -19.86 40.64
N ILE B 241 14.27 -21.03 40.07
CA ILE B 241 13.16 -21.18 39.13
C ILE B 241 12.05 -21.65 40.06
N ALA B 242 11.08 -20.76 40.30
CA ALA B 242 10.20 -20.96 41.44
C ALA B 242 8.68 -20.80 41.26
N GLY B 243 8.24 -20.53 40.05
CA GLY B 243 6.82 -20.40 39.74
C GLY B 243 6.60 -21.00 38.36
N VAL B 244 5.59 -21.85 38.22
CA VAL B 244 5.21 -22.46 36.92
C VAL B 244 3.69 -22.65 36.90
N ALA B 245 3.03 -22.09 35.89
CA ALA B 245 1.60 -22.37 35.67
C ALA B 245 1.26 -22.20 34.23
N GLY B 246 0.18 -22.82 33.78
CA GLY B 246 -0.22 -22.61 32.39
C GLY B 246 -0.60 -21.16 32.24
N ASP B 247 -0.41 -20.60 31.05
CA ASP B 247 -0.65 -19.18 30.83
C ASP B 247 -2.00 -18.66 31.26
N GLN B 248 -3.08 -19.36 30.93
CA GLN B 248 -4.42 -18.88 31.26
C GLN B 248 -4.73 -18.93 32.76
N GLN B 249 -4.14 -19.91 33.44
CA GLN B 249 -4.20 -20.05 34.85
C GLN B 249 -3.38 -18.96 35.54
N ALA B 250 -2.22 -18.66 34.97
CA ALA B 250 -1.41 -17.58 35.47
C ALA B 250 -2.16 -16.25 35.39
N ALA B 251 -2.88 -16.01 34.29
CA ALA B 251 -3.69 -14.78 34.13
C ALA B 251 -4.81 -14.71 35.17
N LEU B 252 -5.44 -15.87 35.43
CA LEU B 252 -6.45 -16.01 36.46
C LEU B 252 -5.88 -15.54 37.83
N PHE B 253 -4.73 -16.08 38.20
CA PHE B 253 -4.07 -15.70 39.43
C PHE B 253 -3.66 -14.20 39.40
N GLY B 254 -3.13 -13.74 38.27
CA GLY B 254 -2.74 -12.32 38.10
C GLY B 254 -3.88 -11.31 38.03
N GLN B 255 -5.12 -11.80 37.92
CA GLN B 255 -6.33 -10.99 37.99
C GLN B 255 -6.98 -11.08 39.40
N ALA B 256 -6.22 -11.61 40.36
CA ALA B 256 -6.67 -11.84 41.74
C ALA B 256 -7.95 -12.66 41.80
N CYS B 257 -8.16 -13.59 40.86
CA CYS B 257 -9.38 -14.39 40.87
C CYS B 257 -9.11 -15.65 41.67
N PHE B 258 -9.02 -15.47 42.98
CA PHE B 258 -8.63 -16.53 43.88
C PHE B 258 -9.75 -17.35 44.49
N GLU B 259 -10.99 -16.90 44.33
CA GLU B 259 -12.09 -17.53 45.04
C GLU B 259 -13.15 -18.01 44.10
N ARG B 260 -13.97 -18.88 44.68
CA ARG B 260 -15.08 -19.51 43.99
CA ARG B 260 -15.10 -19.50 44.02
C ARG B 260 -15.95 -18.41 43.37
N GLY B 261 -16.07 -18.50 42.04
CA GLY B 261 -16.85 -17.60 41.18
C GLY B 261 -16.09 -16.50 40.47
N ASP B 262 -14.83 -16.27 40.84
CA ASP B 262 -14.01 -15.20 40.28
C ASP B 262 -13.64 -15.62 38.88
N VAL B 263 -13.78 -14.70 37.93
CA VAL B 263 -13.58 -15.00 36.51
C VAL B 263 -12.88 -13.88 35.76
N LYS B 264 -12.20 -14.26 34.68
CA LYS B 264 -11.54 -13.31 33.80
C LYS B 264 -11.59 -13.90 32.41
N ASN B 265 -11.47 -13.03 31.44
CA ASN B 265 -11.30 -13.50 30.07
C ASN B 265 -10.02 -12.90 29.52
N THR B 266 -9.21 -13.74 28.84
CA THR B 266 -7.96 -13.32 28.22
C THR B 266 -8.16 -13.43 26.71
N TYR B 267 -7.89 -12.33 26.00
CA TYR B 267 -7.95 -12.28 24.54
C TYR B 267 -6.52 -12.30 24.01
N GLY B 268 -6.01 -13.48 23.65
CA GLY B 268 -4.64 -13.67 23.10
C GLY B 268 -4.75 -14.28 21.72
N THR B 269 -3.82 -15.17 21.39
CA THR B 269 -3.93 -15.92 20.16
C THR B 269 -5.32 -16.56 20.17
N GLY B 270 -5.68 -17.22 21.28
CA GLY B 270 -7.00 -17.78 21.52
C GLY B 270 -7.66 -16.95 22.64
N GLY B 271 -8.93 -17.23 22.96
CA GLY B 271 -9.65 -16.49 24.01
C GLY B 271 -10.07 -17.47 25.08
N PHE B 272 -9.66 -17.23 26.32
CA PHE B 272 -9.89 -18.20 27.38
C PHE B 272 -10.53 -17.54 28.60
N MSE B 273 -11.74 -18.00 28.96
CA MSE B 273 -12.46 -17.51 30.13
C MSE B 273 -12.26 -18.57 31.18
O MSE B 273 -12.52 -19.77 30.91
CB MSE B 273 -13.96 -17.36 29.85
CG MSE B 273 -14.68 -16.61 30.98
SE MSE B 273 -16.52 -16.27 30.69
CE MSE B 273 -16.19 -15.08 29.21
N LEU B 274 -11.82 -18.16 32.37
CA LEU B 274 -11.72 -19.11 33.46
C LEU B 274 -12.36 -18.53 34.69
N MSE B 275 -13.12 -19.38 35.37
CA MSE B 275 -13.71 -19.02 36.65
C MSE B 275 -13.11 -20.00 37.64
O MSE B 275 -13.13 -21.23 37.42
CB MSE B 275 -15.23 -19.23 36.60
CG MSE B 275 -15.95 -19.06 37.91
SE MSE B 275 -17.87 -19.38 37.76
CE MSE B 275 -18.34 -17.75 36.83
N ASN B 276 -12.60 -19.46 38.73
CA ASN B 276 -12.10 -20.27 39.84
C ASN B 276 -13.28 -20.96 40.53
N THR B 277 -13.20 -22.27 40.73
CA THR B 277 -14.26 -22.95 41.43
C THR B 277 -13.83 -23.41 42.83
N GLY B 278 -12.82 -22.75 43.39
CA GLY B 278 -12.38 -23.05 44.76
C GLY B 278 -11.76 -24.43 44.82
N ASP B 279 -12.06 -25.15 45.89
CA ASP B 279 -11.43 -26.47 46.14
C ASP B 279 -12.13 -27.69 45.54
N LYS B 280 -13.19 -27.48 44.75
CA LYS B 280 -13.94 -28.54 44.10
C LYS B 280 -13.99 -28.39 42.56
N ALA B 281 -13.86 -29.53 41.88
CA ALA B 281 -13.96 -29.60 40.43
C ALA B 281 -15.45 -29.59 40.07
N VAL B 282 -15.82 -28.82 39.05
CA VAL B 282 -17.20 -28.72 38.62
C VAL B 282 -17.31 -29.30 37.24
N LYS B 283 -18.35 -30.09 37.00
CA LYS B 283 -18.53 -30.74 35.70
C LYS B 283 -19.33 -29.79 34.82
N SER B 284 -19.23 -29.91 33.52
CA SER B 284 -19.99 -29.05 32.60
C SER B 284 -20.78 -29.86 31.58
N GLU B 285 -22.01 -29.46 31.32
CA GLU B 285 -22.80 -30.08 30.26
C GLU B 285 -22.83 -29.19 29.03
N SER B 286 -22.29 -27.97 29.13
CA SER B 286 -22.41 -27.00 28.07
C SER B 286 -21.14 -26.73 27.31
N GLY B 287 -20.17 -27.65 27.37
CA GLY B 287 -18.94 -27.55 26.60
C GLY B 287 -17.76 -26.81 27.20
N LEU B 288 -17.70 -26.70 28.54
CA LEU B 288 -16.59 -26.12 29.23
C LEU B 288 -15.67 -27.25 29.68
N LEU B 289 -14.41 -26.91 29.93
CA LEU B 289 -13.46 -27.85 30.51
C LEU B 289 -13.43 -27.70 32.03
N THR B 290 -13.23 -28.81 32.71
CA THR B 290 -13.02 -28.79 34.17
C THR B 290 -11.49 -28.92 34.24
N THR B 291 -10.82 -27.98 34.88
CA THR B 291 -9.38 -27.97 34.88
C THR B 291 -8.82 -27.51 36.24
N ILE B 292 -7.50 -27.60 36.42
CA ILE B 292 -6.87 -27.13 37.67
C ILE B 292 -6.38 -25.69 37.50
N ALA B 293 -6.75 -24.81 38.43
CA ALA B 293 -6.32 -23.43 38.40
C ALA B 293 -4.85 -23.33 38.80
N TYR B 294 -4.53 -23.86 39.97
CA TYR B 294 -3.16 -23.78 40.50
C TYR B 294 -3.06 -24.54 41.80
N GLY B 295 -1.83 -24.84 42.19
CA GLY B 295 -1.53 -25.43 43.49
C GLY B 295 -0.60 -24.48 44.26
N ILE B 296 -1.06 -24.00 45.42
CA ILE B 296 -0.26 -23.13 46.24
C ILE B 296 -0.73 -23.24 47.70
N ASP B 297 0.17 -22.99 48.63
CA ASP B 297 -0.08 -23.08 50.05
C ASP B 297 -0.67 -24.43 50.46
N GLY B 298 -0.28 -25.51 49.78
CA GLY B 298 -0.75 -26.84 50.11
C GLY B 298 -2.19 -27.15 49.72
N LYS B 299 -2.79 -26.30 48.89
CA LYS B 299 -4.17 -26.42 48.43
C LYS B 299 -4.16 -26.45 46.91
N VAL B 300 -5.21 -27.04 46.35
CA VAL B 300 -5.39 -27.07 44.90
C VAL B 300 -6.74 -26.45 44.56
N ASN B 301 -6.72 -25.41 43.75
CA ASN B 301 -7.94 -24.79 43.22
C ASN B 301 -8.24 -25.30 41.81
N TYR B 302 -9.50 -25.43 41.48
CA TYR B 302 -9.91 -25.92 40.16
C TYR B 302 -10.58 -24.76 39.46
N ALA B 303 -10.86 -24.95 38.17
CA ALA B 303 -11.50 -23.94 37.40
C ALA B 303 -12.45 -24.52 36.39
N LEU B 304 -13.38 -23.70 35.94
CA LEU B 304 -14.18 -24.02 34.73
C LEU B 304 -13.61 -23.15 33.61
N GLU B 305 -13.38 -23.71 32.42
CA GLU B 305 -12.83 -22.97 31.30
C GLU B 305 -13.62 -23.06 30.01
N GLY B 306 -13.70 -21.92 29.35
CA GLY B 306 -14.25 -21.78 28.02
C GLY B 306 -13.08 -21.44 27.12
N SER B 307 -12.88 -22.27 26.10
CA SER B 307 -11.77 -22.19 25.18
C SER B 307 -12.12 -21.90 23.73
N ILE B 308 -11.54 -20.82 23.21
CA ILE B 308 -11.73 -20.29 21.88
C ILE B 308 -10.36 -20.32 21.24
N PHE B 309 -10.25 -21.08 20.16
CA PHE B 309 -8.97 -21.28 19.54
C PHE B 309 -8.39 -20.08 18.77
N VAL B 310 -9.26 -19.29 18.13
CA VAL B 310 -8.81 -18.10 17.36
C VAL B 310 -9.57 -16.87 17.86
N SER B 311 -8.85 -15.99 18.51
CA SER B 311 -9.44 -14.75 19.03
C SER B 311 -8.61 -13.61 18.44
N GLY B 312 -7.58 -13.15 19.18
CA GLY B 312 -6.69 -12.12 18.68
C GLY B 312 -5.97 -12.49 17.41
N SER B 313 -5.75 -13.80 17.19
N SER B 313 -5.76 -13.80 17.22
CA SER B 313 -5.06 -14.24 16.00
CA SER B 313 -5.13 -14.33 16.02
C SER B 313 -5.89 -14.04 14.72
C SER B 313 -5.86 -13.91 14.75
N ALA B 314 -7.17 -13.73 14.87
CA ALA B 314 -8.00 -13.34 13.73
C ALA B 314 -7.53 -11.99 13.22
N ILE B 315 -7.19 -11.08 14.15
CA ILE B 315 -6.73 -9.75 13.80
C ILE B 315 -5.34 -9.83 13.20
N GLN B 316 -4.51 -10.70 13.77
CA GLN B 316 -3.18 -10.92 13.22
C GLN B 316 -3.23 -11.52 11.83
N TRP B 317 -4.25 -12.32 11.56
CA TRP B 317 -4.41 -12.91 10.22
C TRP B 317 -4.72 -11.79 9.20
N LEU B 318 -5.48 -10.79 9.61
CA LEU B 318 -5.72 -9.63 8.76
C LEU B 318 -4.42 -8.95 8.37
N ARG B 319 -3.41 -8.97 9.25
N ARG B 319 -3.44 -8.98 9.28
CA ARG B 319 -2.13 -8.35 8.94
CA ARG B 319 -2.14 -8.33 9.09
C ARG B 319 -1.24 -9.27 8.12
C ARG B 319 -1.15 -9.13 8.24
N ASP B 320 -0.87 -10.40 8.71
N ASP B 320 -0.90 -10.37 8.61
CA ASP B 320 0.08 -11.31 8.10
CA ASP B 320 0.12 -11.15 7.90
C ASP B 320 -0.42 -12.15 6.93
C ASP B 320 -0.42 -12.14 6.87
N GLY B 321 -1.72 -12.46 6.92
CA GLY B 321 -2.33 -13.36 5.97
C GLY B 321 -2.88 -12.59 4.79
N LEU B 322 -3.92 -11.81 5.03
CA LEU B 322 -4.55 -11.03 3.95
C LEU B 322 -3.85 -9.71 3.65
N ARG B 323 -2.96 -9.28 4.54
CA ARG B 323 -2.19 -8.05 4.37
C ARG B 323 -3.04 -6.83 4.17
N MSE B 324 -4.11 -6.78 4.94
CA MSE B 324 -5.04 -5.66 4.90
C MSE B 324 -4.71 -4.57 5.89
O MSE B 324 -5.20 -3.45 5.74
CB MSE B 324 -6.45 -6.14 5.26
CG MSE B 324 -7.15 -6.86 4.17
SE MSE B 324 -8.88 -7.45 4.86
CE MSE B 324 -9.50 -8.11 3.22
N ILE B 325 -3.96 -4.87 6.95
CA ILE B 325 -3.62 -3.84 7.93
C ILE B 325 -2.15 -3.93 8.30
N ASN B 326 -1.57 -2.79 8.69
N ASN B 326 -1.53 -2.81 8.68
CA ASN B 326 -0.16 -2.69 9.04
CA ASN B 326 -0.10 -2.82 9.06
C ASN B 326 0.17 -3.11 10.47
C ASN B 326 0.13 -3.33 10.48
N SER B 327 -0.82 -3.09 11.37
CA SER B 327 -0.66 -3.51 12.76
C SER B 327 -2.04 -3.84 13.29
N ALA B 328 -2.14 -4.63 14.34
CA ALA B 328 -3.46 -4.93 14.94
C ALA B 328 -4.21 -3.68 15.43
N PRO B 329 -3.52 -2.73 16.11
CA PRO B 329 -4.24 -1.53 16.53
C PRO B 329 -4.87 -0.74 15.39
N GLN B 330 -4.29 -0.80 14.19
N GLN B 330 -4.29 -0.77 14.20
CA GLN B 330 -4.82 -0.07 13.05
CA GLN B 330 -4.86 -0.03 13.07
C GLN B 330 -6.22 -0.55 12.65
C GLN B 330 -6.20 -0.59 12.57
N SER B 331 -6.57 -1.80 13.01
CA SER B 331 -7.89 -2.35 12.69
C SER B 331 -9.08 -1.52 13.24
N GLU B 332 -8.88 -0.84 14.37
CA GLU B 332 -9.93 -0.05 14.98
C GLU B 332 -10.38 1.09 14.08
N SER B 333 -9.43 1.76 13.42
CA SER B 333 -9.77 2.86 12.53
C SER B 333 -10.65 2.42 11.37
N TYR B 334 -10.37 1.27 10.76
CA TYR B 334 -11.22 0.75 9.70
C TYR B 334 -12.57 0.34 10.24
N ALA B 335 -12.55 -0.35 11.37
CA ALA B 335 -13.79 -0.90 11.93
C ALA B 335 -14.78 0.20 12.36
N THR B 336 -14.27 1.33 12.78
CA THR B 336 -15.09 2.44 13.32
C THR B 336 -15.50 3.50 12.30
N ARG B 337 -14.98 3.36 11.10
CA ARG B 337 -15.27 4.22 9.98
C ARG B 337 -16.64 3.91 9.39
N VAL B 338 -17.20 2.76 9.75
CA VAL B 338 -18.58 2.40 9.36
C VAL B 338 -19.38 2.16 10.64
N ASP B 339 -20.70 2.15 10.54
CA ASP B 339 -21.52 2.00 11.76
C ASP B 339 -22.04 0.60 11.97
N SER B 340 -21.77 -0.31 11.04
N SER B 340 -21.76 -0.30 11.03
CA SER B 340 -22.21 -1.68 11.17
CA SER B 340 -22.27 -1.65 11.06
C SER B 340 -21.44 -2.50 10.16
C SER B 340 -21.47 -2.51 10.10
N THR B 341 -21.53 -3.81 10.30
CA THR B 341 -20.89 -4.73 9.38
C THR B 341 -21.83 -4.95 8.18
N GLU B 342 -23.06 -4.47 8.29
CA GLU B 342 -24.13 -4.61 7.26
C GLU B 342 -24.43 -6.07 6.90
N GLY B 343 -24.48 -6.93 7.90
CA GLY B 343 -24.83 -8.31 7.71
C GLY B 343 -23.67 -9.31 7.64
N VAL B 344 -22.43 -8.83 7.53
CA VAL B 344 -21.27 -9.68 7.46
C VAL B 344 -20.86 -10.32 8.78
N TYR B 345 -20.57 -11.60 8.74
CA TYR B 345 -20.04 -12.32 9.88
C TYR B 345 -18.76 -13.04 9.48
N VAL B 346 -17.82 -13.10 10.40
CA VAL B 346 -16.59 -13.84 10.23
C VAL B 346 -16.47 -14.86 11.39
N VAL B 347 -16.34 -16.11 11.03
CA VAL B 347 -16.26 -17.24 11.96
C VAL B 347 -14.85 -17.81 11.85
N PRO B 348 -13.96 -17.41 12.76
CA PRO B 348 -12.56 -17.75 12.49
C PRO B 348 -12.11 -19.11 13.04
N ALA B 349 -12.80 -20.15 12.62
CA ALA B 349 -12.59 -21.54 12.98
C ALA B 349 -11.39 -22.13 12.25
N PHE B 350 -10.28 -21.37 12.20
CA PHE B 350 -9.08 -21.81 11.45
C PHE B 350 -8.54 -23.18 11.86
N VAL B 351 -8.78 -23.54 13.12
CA VAL B 351 -8.39 -24.83 13.70
C VAL B 351 -9.57 -25.50 14.42
N GLY B 352 -10.76 -25.35 13.84
CA GLY B 352 -11.98 -25.95 14.31
C GLY B 352 -12.55 -25.03 15.36
N LEU B 353 -13.56 -25.53 16.03
CA LEU B 353 -14.28 -24.78 17.01
C LEU B 353 -14.14 -25.46 18.35
N GLY B 354 -13.89 -24.65 19.38
CA GLY B 354 -13.82 -25.12 20.77
C GLY B 354 -15.16 -24.93 21.49
N THR B 355 -15.12 -24.36 22.69
CA THR B 355 -16.33 -24.18 23.43
C THR B 355 -17.36 -23.40 22.64
N PRO B 356 -18.62 -23.87 22.64
CA PRO B 356 -19.21 -25.10 23.16
C PRO B 356 -19.41 -26.12 22.05
N TYR B 357 -18.99 -25.78 20.85
CA TYR B 357 -19.25 -26.63 19.66
C TYR B 357 -18.40 -27.90 19.62
N TRP B 358 -17.12 -27.74 19.90
CA TRP B 358 -16.15 -28.84 19.90
C TRP B 358 -16.19 -29.63 18.58
N ASP B 359 -15.97 -28.89 17.50
CA ASP B 359 -16.04 -29.39 16.12
C ASP B 359 -14.66 -29.21 15.50
N SER B 360 -13.84 -30.25 15.58
CA SER B 360 -12.46 -30.14 15.15
C SER B 360 -12.25 -30.11 13.61
N GLU B 361 -13.30 -30.38 12.85
CA GLU B 361 -13.25 -30.36 11.37
C GLU B 361 -13.68 -29.07 10.71
N ALA B 362 -14.31 -28.15 11.44
CA ALA B 362 -14.76 -26.89 10.90
C ALA B 362 -13.54 -26.06 10.58
N ARG B 363 -13.68 -25.22 9.57
CA ARG B 363 -12.63 -24.31 9.16
C ARG B 363 -13.27 -22.92 9.09
N GLY B 364 -12.45 -21.93 8.87
CA GLY B 364 -12.94 -20.57 8.92
C GLY B 364 -13.87 -20.24 7.75
N ALA B 365 -14.82 -19.38 8.05
CA ALA B 365 -15.77 -18.96 7.05
C ALA B 365 -16.28 -17.57 7.30
N ILE B 366 -16.79 -16.99 6.21
CA ILE B 366 -17.29 -15.63 6.23
C ILE B 366 -18.65 -15.60 5.55
N PHE B 367 -19.60 -14.84 6.09
CA PHE B 367 -20.97 -14.77 5.54
C PHE B 367 -21.56 -13.35 5.43
N GLY B 368 -22.68 -13.24 4.72
CA GLY B 368 -23.37 -12.01 4.49
C GLY B 368 -22.71 -11.01 3.56
N LEU B 369 -21.87 -11.48 2.64
CA LEU B 369 -21.14 -10.57 1.76
C LEU B 369 -22.03 -10.04 0.63
N THR B 370 -21.92 -8.74 0.37
CA THR B 370 -22.63 -8.11 -0.78
C THR B 370 -21.62 -7.28 -1.57
N ARG B 371 -22.05 -6.76 -2.72
CA ARG B 371 -21.16 -6.00 -3.56
C ARG B 371 -20.70 -4.71 -2.88
N GLY B 372 -21.50 -4.20 -1.95
CA GLY B 372 -21.14 -3.00 -1.19
C GLY B 372 -20.35 -3.30 0.07
N THR B 373 -19.99 -4.58 0.30
CA THR B 373 -19.14 -4.91 1.44
C THR B 373 -17.73 -4.36 1.15
N GLU B 374 -17.25 -3.49 2.03
CA GLU B 374 -15.91 -2.93 1.90
C GLU B 374 -14.95 -3.49 2.94
N LYS B 375 -13.70 -3.10 2.81
CA LYS B 375 -12.64 -3.47 3.70
C LYS B 375 -13.03 -3.16 5.14
N GLU B 376 -13.70 -2.01 5.34
CA GLU B 376 -14.13 -1.53 6.69
C GLU B 376 -15.06 -2.53 7.34
N HIS B 377 -16.06 -2.99 6.60
CA HIS B 377 -17.03 -4.01 7.02
C HIS B 377 -16.43 -5.34 7.38
N PHE B 378 -15.54 -5.82 6.53
CA PHE B 378 -14.84 -7.09 6.68
C PHE B 378 -13.99 -7.07 7.94
N ILE B 379 -13.22 -6.00 8.11
CA ILE B 379 -12.37 -5.88 9.30
C ILE B 379 -13.25 -5.77 10.55
N ARG B 380 -14.31 -4.97 10.48
CA ARG B 380 -15.25 -4.83 11.59
C ARG B 380 -15.82 -6.17 12.04
N ALA B 381 -16.22 -7.00 11.08
CA ALA B 381 -16.79 -8.31 11.36
C ALA B 381 -15.73 -9.19 12.02
N THR B 382 -14.49 -9.12 11.52
CA THR B 382 -13.39 -9.91 12.07
C THR B 382 -13.23 -9.53 13.60
N LEU B 383 -13.18 -8.25 13.87
CA LEU B 383 -13.07 -7.76 15.25
C LEU B 383 -14.26 -8.21 16.10
N GLU B 384 -15.49 -8.14 15.61
CA GLU B 384 -16.64 -8.57 16.43
C GLU B 384 -16.61 -10.08 16.72
N SER B 385 -16.02 -10.91 15.85
CA SER B 385 -15.93 -12.35 16.14
C SER B 385 -15.29 -12.67 17.51
N LEU B 386 -14.40 -11.81 18.00
CA LEU B 386 -13.75 -12.01 19.33
C LEU B 386 -14.85 -11.91 20.41
N CYS B 387 -15.80 -11.01 20.18
CA CYS B 387 -16.88 -10.75 21.14
C CYS B 387 -18.00 -11.78 21.10
N TYR B 388 -18.41 -12.18 19.88
CA TYR B 388 -19.43 -13.20 19.72
C TYR B 388 -18.96 -14.53 20.34
N GLN B 389 -17.69 -14.88 20.13
CA GLN B 389 -17.18 -16.15 20.67
C GLN B 389 -17.19 -16.10 22.21
N THR B 390 -16.84 -14.96 22.76
CA THR B 390 -16.87 -14.77 24.21
C THR B 390 -18.31 -14.94 24.71
N ARG B 391 -19.30 -14.40 24.00
CA ARG B 391 -20.69 -14.56 24.44
C ARG B 391 -21.07 -16.03 24.43
N ASP B 392 -20.63 -16.77 23.42
CA ASP B 392 -20.94 -18.19 23.41
C ASP B 392 -20.43 -18.83 24.71
N VAL B 393 -19.22 -18.48 25.11
CA VAL B 393 -18.59 -19.05 26.30
C VAL B 393 -19.33 -18.62 27.55
N MSE B 394 -19.66 -17.34 27.63
N MSE B 394 -19.65 -17.33 27.64
CA MSE B 394 -20.37 -16.82 28.80
CA MSE B 394 -20.35 -16.78 28.83
C MSE B 394 -21.68 -17.52 29.04
C MSE B 394 -21.73 -17.41 29.04
O MSE B 394 -22.04 -17.81 30.17
O MSE B 394 -22.19 -17.52 30.18
CB MSE B 394 -20.66 -15.34 28.59
CB MSE B 394 -20.48 -15.25 28.74
CG MSE B 394 -19.44 -14.57 28.17
CG MSE B 394 -20.88 -14.56 30.07
SE MSE B 394 -19.50 -12.89 29.05
SE MSE B 394 -20.94 -12.60 29.99
CE MSE B 394 -19.79 -13.75 30.79
CE MSE B 394 -19.03 -12.18 30.09
N GLU B 395 -22.39 -17.81 27.96
CA GLU B 395 -23.69 -18.45 28.08
C GLU B 395 -23.54 -19.84 28.68
N ALA B 396 -22.58 -20.61 28.16
CA ALA B 396 -22.23 -21.91 28.69
C ALA B 396 -21.80 -21.80 30.18
N MSE B 397 -20.96 -20.81 30.47
N MSE B 397 -20.96 -20.81 30.42
CA MSE B 397 -20.42 -20.56 31.80
CA MSE B 397 -20.42 -20.47 31.73
C MSE B 397 -21.50 -20.15 32.81
C MSE B 397 -21.50 -20.17 32.77
O MSE B 397 -21.49 -20.62 33.94
O MSE B 397 -21.50 -20.73 33.86
CB MSE B 397 -19.32 -19.50 31.73
CB MSE B 397 -19.61 -19.18 31.60
CG MSE B 397 -18.62 -19.15 33.03
CG MSE B 397 -19.17 -18.61 32.91
SE MSE B 397 -17.35 -20.47 33.62
SE MSE B 397 -17.28 -18.69 33.20
CE MSE B 397 -15.89 -20.15 32.39
CE MSE B 397 -16.82 -20.42 32.44
N SER B 398 -22.41 -19.27 32.41
CA SER B 398 -23.46 -18.82 33.33
C SER B 398 -24.43 -19.95 33.61
N LYS B 399 -24.62 -20.80 32.61
CA LYS B 399 -25.51 -21.94 32.71
C LYS B 399 -24.95 -23.00 33.65
N ASP B 400 -23.69 -23.40 33.44
CA ASP B 400 -23.10 -24.50 34.22
C ASP B 400 -22.61 -24.08 35.60
N SER B 401 -22.12 -22.85 35.72
CA SER B 401 -21.62 -22.35 37.00
C SER B 401 -22.75 -22.08 37.97
N GLY B 402 -23.85 -21.57 37.46
CA GLY B 402 -24.96 -21.21 38.30
C GLY B 402 -24.76 -19.80 38.83
N ILE B 403 -23.73 -19.11 38.36
CA ILE B 403 -23.45 -17.74 38.74
C ILE B 403 -23.76 -16.85 37.54
N ASP B 404 -24.36 -15.69 37.78
CA ASP B 404 -24.63 -14.74 36.70
C ASP B 404 -23.52 -13.73 36.78
N VAL B 405 -22.67 -13.67 35.76
CA VAL B 405 -21.51 -12.79 35.81
C VAL B 405 -21.94 -11.34 35.64
N GLN B 406 -21.72 -10.51 36.66
CA GLN B 406 -22.11 -9.10 36.59
C GLN B 406 -20.97 -8.14 36.23
N SER B 407 -19.79 -8.68 35.91
CA SER B 407 -18.66 -7.87 35.50
C SER B 407 -17.46 -8.75 35.21
N LEU B 408 -16.95 -8.64 33.99
CA LEU B 408 -15.83 -9.44 33.55
C LEU B 408 -14.50 -8.66 33.47
N ARG B 409 -13.48 -9.14 34.19
CA ARG B 409 -12.15 -8.56 34.14
C ARG B 409 -11.53 -9.15 32.94
N VAL B 410 -10.84 -8.33 32.15
CA VAL B 410 -10.22 -8.81 30.94
C VAL B 410 -8.76 -8.43 30.81
N ASP B 411 -8.05 -9.22 30.00
CA ASP B 411 -6.66 -8.96 29.73
C ASP B 411 -6.30 -9.57 28.36
N GLY B 412 -5.09 -9.29 27.88
CA GLY B 412 -4.55 -9.80 26.61
C GLY B 412 -4.40 -8.61 25.67
N GLY B 413 -3.73 -8.80 24.53
CA GLY B 413 -3.48 -7.70 23.58
C GLY B 413 -4.70 -6.98 23.02
N ALA B 414 -5.74 -7.72 22.65
CA ALA B 414 -6.93 -7.13 22.07
C ALA B 414 -7.68 -6.20 22.99
N VAL B 415 -7.39 -6.22 24.29
CA VAL B 415 -8.15 -5.38 25.22
C VAL B 415 -7.86 -3.91 25.06
N LYS B 416 -6.73 -3.57 24.47
CA LYS B 416 -6.36 -2.18 24.22
C LYS B 416 -7.32 -1.54 23.21
N ASN B 417 -7.99 -2.37 22.42
CA ASN B 417 -8.91 -1.91 21.40
C ASN B 417 -10.27 -1.53 21.99
N ASN B 418 -10.51 -0.23 22.06
CA ASN B 418 -11.74 0.29 22.67
C ASN B 418 -12.97 -0.18 21.89
N PHE B 419 -12.88 -0.27 20.56
CA PHE B 419 -14.03 -0.76 19.79
C PHE B 419 -14.46 -2.16 20.22
N ILE B 420 -13.49 -3.04 20.37
CA ILE B 420 -13.76 -4.43 20.69
C ILE B 420 -14.32 -4.56 22.08
N MSE B 421 -13.71 -3.84 23.03
CA MSE B 421 -14.17 -3.87 24.45
C MSE B 421 -15.60 -3.35 24.56
O MSE B 421 -16.44 -3.96 25.26
CB MSE B 421 -13.19 -3.12 25.34
CG MSE B 421 -11.85 -3.90 25.53
SE MSE B 421 -11.96 -5.75 26.01
CE MSE B 421 -11.96 -6.62 24.29
N GLN B 422 -15.92 -2.25 23.87
CA GLN B 422 -17.27 -1.72 23.93
C GLN B 422 -18.26 -2.66 23.26
N PHE B 423 -17.89 -3.18 22.10
CA PHE B 423 -18.77 -4.14 21.40
C PHE B 423 -18.97 -5.35 22.31
N GLN B 424 -17.96 -5.72 23.08
CA GLN B 424 -18.07 -6.88 23.94
C GLN B 424 -19.11 -6.68 25.01
N ALA B 425 -19.04 -5.53 25.66
CA ALA B 425 -19.95 -5.13 26.72
C ALA B 425 -21.39 -5.09 26.17
N ASP B 426 -21.54 -4.43 25.02
CA ASP B 426 -22.83 -4.37 24.32
C ASP B 426 -23.43 -5.74 23.99
N ILE B 427 -22.68 -6.61 23.32
CA ILE B 427 -23.22 -7.89 22.87
C ILE B 427 -23.57 -8.86 24.01
N VAL B 428 -22.87 -8.78 25.14
CA VAL B 428 -23.20 -9.65 26.28
C VAL B 428 -23.99 -8.94 27.38
N ASN B 429 -24.16 -7.63 27.26
CA ASN B 429 -24.90 -6.85 28.25
C ASN B 429 -24.35 -7.10 29.65
N THR B 430 -23.03 -6.98 29.76
CA THR B 430 -22.29 -7.17 31.00
C THR B 430 -21.11 -6.21 30.93
N SER B 431 -20.78 -5.59 32.05
N SER B 431 -20.82 -5.51 32.03
CA SER B 431 -19.64 -4.69 32.11
CA SER B 431 -19.66 -4.62 32.06
C SER B 431 -18.33 -5.43 31.89
C SER B 431 -18.35 -5.40 31.89
N VAL B 432 -17.38 -4.74 31.26
CA VAL B 432 -16.08 -5.30 30.96
C VAL B 432 -15.05 -4.38 31.62
N GLU B 433 -14.15 -4.95 32.42
CA GLU B 433 -13.17 -4.14 33.14
C GLU B 433 -11.77 -4.47 32.68
N ARG B 434 -11.09 -3.46 32.15
CA ARG B 434 -9.70 -3.50 31.69
C ARG B 434 -8.84 -2.87 32.80
N PRO B 435 -7.79 -3.57 33.26
CA PRO B 435 -6.89 -3.13 34.28
C PRO B 435 -5.79 -2.24 33.74
N GLU B 436 -5.19 -1.47 34.64
CA GLU B 436 -4.08 -0.61 34.27
C GLU B 436 -2.89 -1.43 33.76
N ILE B 437 -2.61 -2.55 34.42
CA ILE B 437 -1.52 -3.42 34.02
C ILE B 437 -2.13 -4.66 33.42
N GLN B 438 -2.07 -4.74 32.11
CA GLN B 438 -2.76 -5.76 31.37
C GLN B 438 -1.93 -7.02 31.16
N GLU B 439 -0.71 -7.04 31.68
CA GLU B 439 0.18 -8.19 31.51
C GLU B 439 -0.08 -9.15 32.69
N THR B 440 -1.33 -9.58 32.83
CA THR B 440 -1.71 -10.39 33.98
C THR B 440 -1.12 -11.79 33.96
N THR B 441 -0.85 -12.33 32.79
CA THR B 441 -0.25 -13.62 32.73
C THR B 441 1.13 -13.58 33.35
N ALA B 442 1.89 -12.56 32.97
CA ALA B 442 3.25 -12.37 33.48
C ALA B 442 3.25 -12.08 34.92
N LEU B 443 2.32 -11.23 35.34
CA LEU B 443 2.19 -10.86 36.75
C LEU B 443 1.88 -12.09 37.63
N GLY B 444 0.94 -12.92 37.19
CA GLY B 444 0.61 -14.16 37.89
C GLY B 444 1.82 -15.06 38.06
N ALA B 445 2.53 -15.35 36.97
CA ALA B 445 3.73 -16.16 37.10
C ALA B 445 4.80 -15.51 38.00
N ALA B 446 4.93 -14.18 37.98
CA ALA B 446 5.89 -13.46 38.82
C ALA B 446 5.56 -13.67 40.30
N PHE B 447 4.28 -13.58 40.63
CA PHE B 447 3.83 -13.81 41.99
C PHE B 447 3.97 -15.24 42.41
N LEU B 448 3.73 -16.20 41.51
CA LEU B 448 3.96 -17.58 41.92
C LEU B 448 5.43 -17.71 42.38
N ALA B 449 6.38 -17.25 41.57
CA ALA B 449 7.82 -17.32 41.90
C ALA B 449 8.18 -16.50 43.14
N GLY B 450 7.69 -15.28 43.17
CA GLY B 450 8.03 -14.34 44.24
C GLY B 450 7.50 -14.83 45.56
N LEU B 451 6.30 -15.42 45.56
CA LEU B 451 5.76 -15.97 46.84
C LEU B 451 6.65 -17.10 47.33
N ALA B 452 7.14 -17.93 46.40
CA ALA B 452 7.97 -19.06 46.72
C ALA B 452 9.31 -18.68 47.31
N VAL B 453 9.85 -17.54 46.90
CA VAL B 453 11.16 -17.11 47.39
C VAL B 453 11.06 -16.03 48.47
N GLY B 454 9.86 -15.71 48.90
CA GLY B 454 9.69 -14.70 49.95
C GLY B 454 9.89 -13.26 49.48
N PHE B 455 9.76 -13.01 48.18
CA PHE B 455 9.89 -11.65 47.62
C PHE B 455 8.63 -10.86 47.98
N TRP B 456 7.50 -11.54 47.86
CA TRP B 456 6.21 -11.04 48.40
C TRP B 456 5.75 -12.05 49.43
N GLU B 457 5.04 -11.52 50.41
CA GLU B 457 4.52 -12.23 51.56
C GLU B 457 3.13 -12.82 51.34
N SER B 458 2.30 -12.16 50.55
CA SER B 458 0.91 -12.59 50.38
C SER B 458 0.41 -12.40 48.96
N LYS B 459 -0.42 -13.34 48.48
CA LYS B 459 -0.99 -13.22 47.14
C LYS B 459 -1.97 -12.06 47.07
N ASP B 460 -2.48 -11.62 48.23
CA ASP B 460 -3.45 -10.53 48.29
C ASP B 460 -2.87 -9.21 47.78
N ASP B 461 -1.54 -9.11 47.73
CA ASP B 461 -0.89 -7.95 47.13
C ASP B 461 -1.42 -7.76 45.70
N ILE B 462 -1.70 -8.85 45.01
CA ILE B 462 -2.20 -8.77 43.65
C ILE B 462 -3.55 -8.04 43.62
N ALA B 463 -4.44 -8.48 44.50
CA ALA B 463 -5.78 -7.87 44.59
C ALA B 463 -5.60 -6.38 44.92
N LYS B 464 -4.81 -6.08 45.94
CA LYS B 464 -4.55 -4.69 46.36
C LYS B 464 -3.96 -3.79 45.27
N ASN B 465 -3.02 -4.31 44.49
CA ASN B 465 -2.33 -3.53 43.46
C ASN B 465 -3.15 -3.29 42.20
N TRP B 466 -4.10 -4.18 41.95
CA TRP B 466 -4.95 -4.16 40.73
C TRP B 466 -5.70 -2.83 40.69
N LYS B 467 -5.74 -2.20 39.51
CA LYS B 467 -6.46 -0.93 39.39
CA LYS B 467 -6.43 -0.90 39.36
C LYS B 467 -7.19 -0.84 38.05
N LEU B 468 -8.44 -0.40 38.12
CA LEU B 468 -9.27 -0.27 36.93
C LEU B 468 -8.80 0.90 36.09
N GLU B 469 -8.49 0.62 34.83
CA GLU B 469 -8.10 1.62 33.87
C GLU B 469 -9.39 2.08 33.16
N GLU B 470 -10.23 1.15 32.71
CA GLU B 470 -11.50 1.54 32.07
C GLU B 470 -12.59 0.47 32.19
N LYS B 471 -13.78 0.92 32.56
CA LYS B 471 -14.94 0.03 32.62
C LYS B 471 -15.88 0.41 31.49
N PHE B 472 -16.16 -0.57 30.64
CA PHE B 472 -17.04 -0.42 29.51
C PHE B 472 -18.37 -0.97 29.95
N ASP B 473 -19.38 -0.16 29.66
CA ASP B 473 -20.75 -0.41 30.07
C ASP B 473 -21.60 -0.67 28.81
N PRO B 474 -22.53 -1.64 28.87
CA PRO B 474 -23.39 -1.89 27.71
C PRO B 474 -24.26 -0.69 27.32
N LYS B 475 -24.26 -0.36 26.03
CA LYS B 475 -25.06 0.72 25.45
CA LYS B 475 -25.06 0.71 25.45
C LYS B 475 -25.62 0.23 24.09
N MSE B 476 -26.56 -0.72 24.15
CA MSE B 476 -27.19 -1.24 22.89
C MSE B 476 -28.51 -1.88 23.35
O MSE B 476 -28.55 -2.51 24.42
CB MSE B 476 -26.26 -2.17 22.08
CG MSE B 476 -26.65 -3.66 21.93
SE MSE B 476 -25.69 -4.66 20.53
CE MSE B 476 -25.44 -6.29 21.47
N ASP B 477 -29.59 -1.62 22.61
CA ASP B 477 -30.92 -2.17 22.91
C ASP B 477 -30.96 -3.68 22.82
N GLU B 478 -31.84 -4.30 23.60
CA GLU B 478 -31.98 -5.77 23.63
C GLU B 478 -32.33 -6.31 22.25
N GLY B 479 -33.12 -5.56 21.48
CA GLY B 479 -33.53 -6.01 20.18
C GLY B 479 -32.37 -6.13 19.20
N GLU B 480 -31.52 -5.09 19.15
CA GLU B 480 -30.37 -5.12 18.26
C GLU B 480 -29.40 -6.24 18.66
N ARG B 481 -29.12 -6.30 19.96
CA ARG B 481 -28.26 -7.32 20.53
C ARG B 481 -28.75 -8.71 20.19
N GLU B 482 -30.05 -8.95 20.37
CA GLU B 482 -30.55 -10.28 20.06
C GLU B 482 -30.54 -10.59 18.56
N LYS B 483 -30.81 -9.63 17.68
CA LYS B 483 -30.75 -9.87 16.23
C LYS B 483 -29.32 -10.19 15.78
N LEU B 484 -28.37 -9.42 16.28
CA LEU B 484 -26.98 -9.58 15.96
C LEU B 484 -26.49 -10.97 16.35
N TYR B 485 -26.87 -11.38 17.56
CA TYR B 485 -26.43 -12.67 18.07
C TYR B 485 -27.07 -13.83 17.32
N ARG B 486 -28.33 -13.68 16.90
N ARG B 486 -28.32 -13.65 16.89
CA ARG B 486 -29.00 -14.73 16.13
CA ARG B 486 -29.02 -14.66 16.12
C ARG B 486 -28.30 -14.92 14.79
C ARG B 486 -28.25 -14.92 14.84
N GLY B 487 -27.82 -13.83 14.20
CA GLY B 487 -27.05 -13.91 12.96
C GLY B 487 -25.72 -14.60 13.18
N TRP B 488 -25.06 -14.32 14.28
CA TRP B 488 -23.84 -15.04 14.63
C TRP B 488 -24.06 -16.55 14.74
N LYS B 489 -25.10 -16.94 15.48
CA LYS B 489 -25.35 -18.36 15.63
C LYS B 489 -25.65 -19.01 14.27
N LYS B 490 -26.36 -18.29 13.40
CA LYS B 490 -26.64 -18.80 12.06
C LYS B 490 -25.33 -18.96 11.29
N ALA B 491 -24.43 -17.99 11.43
CA ALA B 491 -23.14 -18.11 10.75
C ALA B 491 -22.38 -19.35 11.20
N VAL B 492 -22.42 -19.61 12.48
CA VAL B 492 -21.71 -20.79 13.00
C VAL B 492 -22.38 -22.05 12.49
N GLU B 493 -23.71 -22.06 12.47
CA GLU B 493 -24.46 -23.19 11.93
C GLU B 493 -24.00 -23.54 10.49
N ALA B 494 -23.97 -22.51 9.65
CA ALA B 494 -23.58 -22.65 8.27
C ALA B 494 -22.10 -23.08 8.21
N THR B 495 -21.25 -22.52 9.06
CA THR B 495 -19.84 -22.97 9.09
C THR B 495 -19.71 -24.47 9.33
N GLN B 496 -20.53 -25.01 10.23
CA GLN B 496 -20.47 -26.43 10.51
C GLN B 496 -20.89 -27.35 9.36
N VAL B 497 -21.65 -26.83 8.39
CA VAL B 497 -22.03 -27.63 7.22
C VAL B 497 -20.86 -27.84 6.26
N PHE B 498 -19.94 -26.88 6.19
CA PHE B 498 -18.83 -27.03 5.24
C PHE B 498 -17.81 -28.08 5.74
N LYS B 499 -17.92 -29.29 5.21
CA LYS B 499 -17.07 -30.40 5.67
C LYS B 499 -16.76 -31.10 4.40
N THR B 500 -15.47 -31.29 4.16
CA THR B 500 -14.98 -31.92 2.94
C THR B 500 -14.20 -33.19 3.19
N GLU B 501 -13.68 -33.29 4.40
N GLU B 501 -13.74 -33.38 4.43
CA GLU B 501 -12.79 -34.35 4.84
CA GLU B 501 -12.95 -34.56 4.81
C GLU B 501 -13.53 -35.62 5.23
C GLU B 501 -13.65 -35.28 5.98
N MSE C 4 -38.71 29.06 -15.70
CA MSE C 4 -38.89 30.41 -15.03
C MSE C 4 -37.60 30.98 -14.42
O MSE C 4 -37.22 32.14 -14.67
CB MSE C 4 -39.91 30.29 -13.91
CG MSE C 4 -39.65 29.16 -12.88
SE MSE C 4 -40.08 29.73 -11.04
CE MSE C 4 -38.81 31.22 -10.86
N GLU C 5 -36.99 30.14 -13.60
CA GLU C 5 -35.71 30.36 -12.94
C GLU C 5 -34.65 30.17 -14.04
N LYS C 6 -33.74 31.12 -14.15
CA LYS C 6 -32.63 30.97 -15.10
C LYS C 6 -31.29 30.83 -14.37
N TYR C 7 -30.26 30.43 -15.12
CA TYR C 7 -28.94 30.20 -14.55
C TYR C 7 -27.90 30.62 -15.59
N ILE C 8 -26.68 30.83 -15.12
CA ILE C 8 -25.51 31.08 -15.95
C ILE C 8 -24.66 29.82 -15.77
N LEU C 9 -24.11 29.34 -16.88
CA LEU C 9 -23.27 28.17 -16.93
C LEU C 9 -21.85 28.69 -17.09
N SER C 10 -20.98 28.34 -16.15
CA SER C 10 -19.60 28.72 -16.20
C SER C 10 -18.73 27.51 -16.45
N ILE C 11 -17.87 27.65 -17.44
CA ILE C 11 -16.89 26.66 -17.80
C ILE C 11 -15.50 27.11 -17.28
N ASP C 12 -14.84 26.28 -16.49
CA ASP C 12 -13.45 26.53 -16.04
C ASP C 12 -12.61 25.43 -16.66
N GLN C 13 -12.00 25.75 -17.78
CA GLN C 13 -11.14 24.76 -18.42
C GLN C 13 -9.72 24.88 -17.81
N GLY C 14 -9.44 24.07 -16.78
CA GLY C 14 -8.19 24.11 -16.05
C GLY C 14 -7.08 23.29 -16.67
N THR C 15 -5.91 23.31 -16.00
CA THR C 15 -4.76 22.54 -16.51
C THR C 15 -4.92 21.03 -16.34
N THR C 16 -5.58 20.61 -15.27
CA THR C 16 -5.72 19.17 -15.03
C THR C 16 -7.14 18.63 -15.25
N SER C 17 -8.15 19.48 -15.15
CA SER C 17 -9.52 19.04 -15.34
C SER C 17 -10.39 20.20 -15.85
N SER C 18 -11.50 19.85 -16.53
CA SER C 18 -12.52 20.84 -16.94
C SER C 18 -13.69 20.70 -16.00
N ARG C 19 -14.22 21.85 -15.59
CA ARG C 19 -15.37 21.97 -14.73
C ARG C 19 -16.45 22.85 -15.36
N ALA C 20 -17.71 22.53 -15.03
CA ALA C 20 -18.88 23.27 -15.45
C ALA C 20 -19.64 23.54 -14.16
N ILE C 21 -19.99 24.80 -13.89
CA ILE C 21 -20.74 25.12 -12.68
C ILE C 21 -21.94 25.94 -13.10
N LEU C 22 -23.09 25.65 -12.48
CA LEU C 22 -24.31 26.39 -12.68
C LEU C 22 -24.45 27.37 -11.49
N PHE C 23 -24.78 28.61 -11.81
CA PHE C 23 -24.99 29.63 -10.80
C PHE C 23 -26.39 30.21 -10.95
N ASN C 24 -27.15 30.21 -9.86
CA ASN C 24 -28.48 30.77 -9.87
C ASN C 24 -28.35 32.28 -9.65
N GLN C 25 -29.50 32.98 -9.67
CA GLN C 25 -29.55 34.45 -9.61
C GLN C 25 -29.02 35.00 -8.30
N LYS C 26 -29.19 34.25 -7.21
CA LYS C 26 -28.66 34.63 -5.92
C LYS C 26 -27.14 34.43 -5.85
N GLY C 27 -26.55 33.90 -6.91
CA GLY C 27 -25.11 33.63 -6.95
C GLY C 27 -24.67 32.31 -6.34
N GLU C 28 -25.61 31.43 -6.03
CA GLU C 28 -25.24 30.16 -5.43
C GLU C 28 -25.00 29.10 -6.51
N ILE C 29 -24.19 28.10 -6.17
CA ILE C 29 -23.92 26.98 -7.06
C ILE C 29 -25.15 26.07 -7.11
N ALA C 30 -25.66 25.83 -8.31
CA ALA C 30 -26.84 24.95 -8.48
C ALA C 30 -26.45 23.65 -9.14
N GLY C 31 -25.16 23.45 -9.38
CA GLY C 31 -24.70 22.20 -9.98
C GLY C 31 -23.26 22.28 -10.39
N VAL C 32 -22.51 21.20 -10.16
CA VAL C 32 -21.08 21.14 -10.52
C VAL C 32 -20.73 19.82 -11.21
N ALA C 33 -19.94 19.88 -12.26
CA ALA C 33 -19.41 18.66 -12.94
C ALA C 33 -17.95 18.88 -13.27
N GLN C 34 -17.16 17.80 -13.27
CA GLN C 34 -15.73 17.85 -13.50
C GLN C 34 -15.21 16.61 -14.21
N ARG C 35 -14.33 16.81 -15.19
CA ARG C 35 -13.65 15.72 -15.87
C ARG C 35 -12.17 16.00 -16.03
N GLU C 36 -11.37 15.00 -15.67
CA GLU C 36 -9.92 15.03 -15.83
C GLU C 36 -9.60 14.68 -17.26
N PHE C 37 -8.47 15.16 -17.75
CA PHE C 37 -8.02 14.81 -19.09
C PHE C 37 -6.51 14.54 -18.98
N LYS C 38 -5.99 13.76 -19.91
CA LYS C 38 -4.63 13.27 -19.88
C LYS C 38 -3.59 14.39 -19.92
N GLN C 39 -2.53 14.25 -19.12
CA GLN C 39 -1.41 15.18 -19.11
C GLN C 39 -0.29 14.44 -19.80
N TYR C 40 0.36 15.04 -20.80
CA TYR C 40 1.47 14.42 -21.49
C TYR C 40 2.79 15.11 -21.12
N PHE C 41 3.80 14.31 -20.78
CA PHE C 41 5.14 14.78 -20.44
C PHE C 41 6.09 13.96 -21.30
N PRO C 42 6.10 14.20 -22.61
CA PRO C 42 6.89 13.37 -23.56
C PRO C 42 8.45 13.43 -23.43
N GLN C 43 8.98 14.47 -22.80
CA GLN C 43 10.41 14.65 -22.52
C GLN C 43 10.46 15.45 -21.23
N SER C 44 11.49 15.29 -20.42
CA SER C 44 11.58 16.04 -19.16
C SER C 44 11.41 17.54 -19.46
N GLY C 45 10.49 18.14 -18.74
CA GLY C 45 10.23 19.57 -18.88
C GLY C 45 9.12 19.91 -19.85
N TRP C 46 8.74 18.98 -20.75
CA TRP C 46 7.66 19.22 -21.70
C TRP C 46 6.34 18.91 -21.03
N VAL C 47 5.33 19.72 -21.32
CA VAL C 47 3.98 19.52 -20.81
C VAL C 47 3.03 19.80 -21.97
N GLU C 48 2.29 18.79 -22.40
CA GLU C 48 1.34 18.92 -23.51
C GLU C 48 -0.03 18.39 -23.14
N HIS C 49 -1.03 18.87 -23.87
CA HIS C 49 -2.38 18.34 -23.73
C HIS C 49 -2.90 18.06 -25.13
N ASP C 50 -3.83 17.13 -25.22
CA ASP C 50 -4.56 16.92 -26.44
C ASP C 50 -5.79 17.87 -26.49
N ALA C 51 -5.81 18.82 -27.44
CA ALA C 51 -6.89 19.83 -27.48
C ALA C 51 -8.27 19.24 -27.76
N ASN C 52 -8.29 18.18 -28.57
CA ASN C 52 -9.49 17.47 -28.83
C ASN C 52 -10.08 16.86 -27.51
N GLU C 53 -9.22 16.28 -26.67
N GLU C 53 -9.22 16.27 -26.68
CA GLU C 53 -9.69 15.69 -25.43
CA GLU C 53 -9.65 15.66 -25.43
C GLU C 53 -10.20 16.81 -24.55
C GLU C 53 -10.11 16.76 -24.48
N ILE C 54 -9.53 17.96 -24.60
CA ILE C 54 -9.97 19.10 -23.78
C ILE C 54 -11.42 19.42 -24.23
N TRP C 55 -11.66 19.39 -25.54
CA TRP C 55 -12.95 19.76 -26.12
C TRP C 55 -14.01 18.73 -25.64
N THR C 56 -13.67 17.45 -25.76
CA THR C 56 -14.49 16.32 -25.24
C THR C 56 -14.81 16.47 -23.76
N SER C 57 -13.82 16.90 -22.98
CA SER C 57 -13.96 17.07 -21.55
C SER C 57 -14.96 18.18 -21.29
N VAL C 58 -14.93 19.25 -22.09
CA VAL C 58 -15.86 20.36 -21.98
C VAL C 58 -17.28 19.98 -22.38
N LEU C 59 -17.44 19.27 -23.48
CA LEU C 59 -18.76 18.77 -23.88
C LEU C 59 -19.32 17.83 -22.82
N ALA C 60 -18.44 17.03 -22.21
CA ALA C 60 -18.81 16.11 -21.14
C ALA C 60 -19.31 16.83 -19.89
N VAL C 61 -18.62 17.87 -19.42
CA VAL C 61 -19.02 18.51 -18.18
C VAL C 61 -20.30 19.33 -18.36
N MSE C 62 -20.45 19.95 -19.49
CA MSE C 62 -21.66 20.66 -19.87
C MSE C 62 -22.87 19.73 -19.83
O MSE C 62 -23.88 20.04 -19.20
CB MSE C 62 -21.55 21.22 -21.28
CG MSE C 62 -20.50 22.30 -21.35
SE MSE C 62 -20.63 23.45 -22.90
CE MSE C 62 -20.13 22.35 -24.35
N THR C 63 -22.74 18.60 -20.50
CA THR C 63 -23.80 17.60 -20.56
C THR C 63 -24.12 17.04 -19.20
N GLU C 64 -23.09 16.74 -18.41
N GLU C 64 -23.09 16.74 -18.41
CA GLU C 64 -23.30 16.23 -17.08
CA GLU C 64 -23.29 16.23 -17.05
C GLU C 64 -24.02 17.26 -16.17
C GLU C 64 -24.00 17.25 -16.16
N VAL C 65 -23.53 18.49 -16.15
CA VAL C 65 -24.08 19.47 -15.21
C VAL C 65 -25.53 19.83 -15.50
N ILE C 66 -25.92 19.87 -16.77
CA ILE C 66 -27.34 20.19 -17.01
C ILE C 66 -28.22 18.98 -16.73
N ASN C 67 -27.77 17.81 -17.21
CA ASN C 67 -28.49 16.58 -16.98
C ASN C 67 -28.71 16.12 -15.55
N GLU C 68 -27.72 16.30 -14.70
N GLU C 68 -27.70 16.25 -14.70
CA GLU C 68 -27.82 15.75 -13.36
CA GLU C 68 -27.75 15.77 -13.31
C GLU C 68 -28.21 16.81 -12.31
C GLU C 68 -28.46 16.71 -12.32
N ASN C 69 -28.78 17.92 -12.76
CA ASN C 69 -29.28 18.94 -11.84
C ASN C 69 -30.68 19.42 -12.18
N ASP C 70 -31.41 18.65 -12.98
CA ASP C 70 -32.78 18.97 -13.31
C ASP C 70 -32.91 20.43 -13.76
N VAL C 71 -31.96 20.89 -14.58
CA VAL C 71 -31.92 22.22 -15.14
C VAL C 71 -31.86 22.05 -16.65
N ARG C 72 -32.83 22.64 -17.35
CA ARG C 72 -32.97 22.49 -18.81
C ARG C 72 -32.00 23.42 -19.52
N ALA C 73 -31.58 23.04 -20.72
CA ALA C 73 -30.70 23.89 -21.53
C ALA C 73 -31.30 25.24 -21.88
N ASP C 74 -32.60 25.29 -22.12
CA ASP C 74 -33.29 26.55 -22.39
C ASP C 74 -33.50 27.44 -21.13
N GLN C 75 -33.08 26.94 -19.97
CA GLN C 75 -33.05 27.75 -18.73
C GLN C 75 -31.68 28.43 -18.57
N ILE C 76 -30.78 28.23 -19.53
CA ILE C 76 -29.47 28.85 -19.42
C ILE C 76 -29.47 30.21 -20.12
N ALA C 77 -29.27 31.27 -19.34
CA ALA C 77 -29.26 32.64 -19.84
C ALA C 77 -27.97 33.05 -20.54
N GLY C 78 -26.89 32.34 -20.27
CA GLY C 78 -25.62 32.65 -20.87
C GLY C 78 -24.52 31.77 -20.31
N ILE C 79 -23.43 31.71 -21.07
CA ILE C 79 -22.30 30.89 -20.80
C ILE C 79 -21.05 31.74 -20.65
N GLY C 80 -20.35 31.51 -19.54
CA GLY C 80 -19.06 32.15 -19.21
C GLY C 80 -17.95 31.12 -19.40
N ILE C 81 -16.85 31.55 -20.01
CA ILE C 81 -15.74 30.68 -20.31
C ILE C 81 -14.44 31.19 -19.72
N THR C 82 -13.77 30.36 -18.94
CA THR C 82 -12.48 30.75 -18.37
C THR C 82 -11.52 29.61 -18.41
N ASN C 83 -10.22 29.91 -18.38
CA ASN C 83 -9.25 28.89 -18.78
C ASN C 83 -7.81 29.03 -18.27
N GLN C 84 -7.14 27.89 -18.24
CA GLN C 84 -5.68 27.85 -18.03
C GLN C 84 -5.18 28.77 -19.17
N ARG C 85 -4.31 29.71 -18.83
CA ARG C 85 -3.83 30.71 -19.83
C ARG C 85 -2.62 30.14 -20.56
N GLU C 86 -2.13 30.87 -21.55
CA GLU C 86 -0.93 30.59 -22.36
C GLU C 86 -0.99 29.35 -23.19
N THR C 87 -1.56 28.29 -22.63
CA THR C 87 -1.67 27.06 -23.35
C THR C 87 -2.19 27.35 -24.72
N THR C 88 -1.46 26.80 -25.68
CA THR C 88 -1.67 27.15 -27.07
C THR C 88 -2.13 26.05 -27.97
N VAL C 89 -3.16 26.34 -28.76
CA VAL C 89 -3.67 25.41 -29.76
C VAL C 89 -3.55 26.02 -31.14
N VAL C 90 -3.07 25.23 -32.12
CA VAL C 90 -3.02 25.62 -33.54
C VAL C 90 -3.77 24.55 -34.26
N TRP C 91 -4.78 24.97 -35.05
CA TRP C 91 -5.71 24.10 -35.73
C TRP C 91 -6.08 24.48 -37.17
N ASP C 92 -6.51 23.48 -37.93
CA ASP C 92 -7.00 23.69 -39.30
C ASP C 92 -8.42 24.26 -39.19
N LYS C 93 -8.68 25.42 -39.79
CA LYS C 93 -9.99 26.08 -39.68
C LYS C 93 -11.11 25.35 -40.45
N HIS C 94 -10.75 24.57 -41.47
CA HIS C 94 -11.73 23.84 -42.27
C HIS C 94 -12.18 22.57 -41.61
N THR C 95 -11.24 21.77 -41.11
CA THR C 95 -11.56 20.50 -40.44
C THR C 95 -11.84 20.66 -38.95
N GLY C 96 -11.35 21.75 -38.35
CA GLY C 96 -11.55 21.97 -36.94
C GLY C 96 -10.61 21.13 -36.09
N ARG C 97 -9.67 20.44 -36.74
CA ARG C 97 -8.71 19.59 -36.04
C ARG C 97 -7.41 20.34 -35.76
N PRO C 98 -6.86 20.15 -34.55
CA PRO C 98 -5.55 20.69 -34.21
C PRO C 98 -4.49 19.94 -35.01
N ILE C 99 -3.45 20.67 -35.41
CA ILE C 99 -2.33 20.09 -36.11
C ILE C 99 -1.27 19.53 -35.14
N TYR C 100 -1.40 19.79 -33.84
CA TYR C 100 -0.45 19.25 -32.88
C TYR C 100 -1.13 19.32 -31.53
N HIS C 101 -0.59 18.62 -30.53
CA HIS C 101 -1.09 18.79 -29.16
C HIS C 101 -1.07 20.25 -28.77
N ALA C 102 -1.92 20.64 -27.83
CA ALA C 102 -1.74 21.97 -27.25
C ALA C 102 -0.45 21.95 -26.43
N ILE C 103 0.39 22.97 -26.59
N ILE C 103 0.35 23.01 -26.58
CA ILE C 103 1.55 23.09 -25.74
CA ILE C 103 1.55 23.19 -25.78
C ILE C 103 1.12 23.89 -24.51
C ILE C 103 1.14 23.93 -24.50
N VAL C 104 1.35 23.31 -23.34
CA VAL C 104 0.85 23.88 -22.07
C VAL C 104 1.76 24.98 -21.60
N TRP C 105 1.13 25.91 -20.89
CA TRP C 105 1.77 27.03 -20.23
C TRP C 105 3.04 26.59 -19.48
N GLN C 106 2.92 25.55 -18.69
CA GLN C 106 4.11 24.98 -17.99
C GLN C 106 5.27 24.51 -18.92
N SER C 107 4.99 24.00 -20.11
CA SER C 107 6.06 23.36 -20.95
C SER C 107 7.33 24.23 -21.14
N ARG C 108 8.49 23.61 -21.00
CA ARG C 108 9.75 24.27 -21.27
C ARG C 108 10.25 23.92 -22.70
N GLN C 109 9.40 23.33 -23.54
CA GLN C 109 9.88 22.89 -24.86
C GLN C 109 10.23 24.01 -25.84
N THR C 110 9.83 25.24 -25.53
CA THR C 110 10.10 26.40 -26.42
C THR C 110 11.36 27.14 -25.97
N GLN C 111 12.09 26.53 -25.03
CA GLN C 111 13.28 27.15 -24.45
C GLN C 111 14.29 27.66 -25.47
N SER C 112 14.60 26.87 -26.50
CA SER C 112 15.63 27.32 -27.46
C SER C 112 15.22 28.53 -28.30
N ILE C 113 13.91 28.63 -28.52
CA ILE C 113 13.31 29.76 -29.20
C ILE C 113 13.43 30.99 -28.29
N CYS C 114 13.12 30.86 -26.99
CA CYS C 114 13.29 32.02 -26.08
C CYS C 114 14.77 32.47 -25.94
N SER C 115 15.67 31.51 -25.77
CA SER C 115 17.09 31.82 -25.61
C SER C 115 17.66 32.56 -26.82
N GLU C 116 17.25 32.13 -27.99
CA GLU C 116 17.73 32.75 -29.23
C GLU C 116 17.27 34.19 -29.39
N LEU C 117 16.00 34.47 -29.04
CA LEU C 117 15.45 35.81 -29.09
C LEU C 117 16.08 36.69 -28.00
N LYS C 118 16.39 36.08 -26.87
CA LYS C 118 17.12 36.74 -25.79
C LYS C 118 18.55 37.09 -26.23
N GLN C 119 19.25 36.12 -26.80
N GLN C 119 19.23 36.10 -26.80
CA GLN C 119 20.62 36.37 -27.27
CA GLN C 119 20.61 36.28 -27.30
C GLN C 119 20.67 37.46 -28.35
C GLN C 119 20.71 37.33 -28.44
N GLN C 120 19.59 37.58 -29.11
CA GLN C 120 19.49 38.62 -30.16
C GLN C 120 19.19 40.01 -29.55
N GLY C 121 18.89 40.06 -28.26
CA GLY C 121 18.67 41.33 -27.56
C GLY C 121 17.23 41.81 -27.58
N TYR C 122 16.27 40.91 -27.80
CA TYR C 122 14.89 41.38 -27.90
C TYR C 122 14.11 41.33 -26.63
N GLU C 123 14.70 40.86 -25.53
CA GLU C 123 13.87 40.68 -24.34
C GLU C 123 13.25 41.99 -23.85
N GLN C 124 14.04 43.07 -23.77
CA GLN C 124 13.51 44.35 -23.26
C GLN C 124 12.28 44.84 -24.04
N THR C 125 12.35 44.70 -25.37
CA THR C 125 11.25 45.05 -26.27
C THR C 125 10.01 44.26 -25.87
N PHE C 126 10.15 42.96 -25.66
CA PHE C 126 9.01 42.18 -25.17
C PHE C 126 8.53 42.68 -23.82
N ARG C 127 9.42 42.97 -22.89
CA ARG C 127 8.98 43.44 -21.56
C ARG C 127 8.22 44.75 -21.66
N ASP C 128 8.74 45.66 -22.48
CA ASP C 128 8.15 46.99 -22.65
C ASP C 128 6.75 46.97 -23.29
N LYS C 129 6.54 46.13 -24.28
CA LYS C 129 5.26 46.05 -24.98
C LYS C 129 4.20 45.15 -24.34
N THR C 130 4.59 44.06 -23.69
CA THR C 130 3.64 43.05 -23.20
C THR C 130 3.51 42.91 -21.66
N GLY C 131 4.46 43.46 -20.90
CA GLY C 131 4.53 43.24 -19.47
C GLY C 131 5.01 41.83 -19.07
N LEU C 132 5.49 41.06 -20.03
CA LEU C 132 5.98 39.74 -19.76
C LEU C 132 7.52 39.73 -19.93
N LEU C 133 8.07 38.58 -20.30
CA LEU C 133 9.50 38.39 -20.57
C LEU C 133 9.64 37.22 -21.54
N LEU C 134 10.87 36.86 -21.91
CA LEU C 134 11.08 35.77 -22.86
C LEU C 134 11.30 34.44 -22.14
N ASP C 135 10.22 33.99 -21.51
CA ASP C 135 10.18 32.72 -20.80
C ASP C 135 9.26 31.77 -21.59
N PRO C 136 9.60 30.47 -21.63
CA PRO C 136 8.75 29.50 -22.32
C PRO C 136 7.27 29.46 -21.86
N TYR C 137 6.95 30.12 -20.75
CA TYR C 137 5.61 30.22 -20.21
C TYR C 137 4.60 30.73 -21.26
N PHE C 138 4.98 31.77 -22.03
CA PHE C 138 3.98 32.49 -22.83
C PHE C 138 3.62 31.86 -24.20
N ALA C 139 2.45 32.21 -24.75
CA ALA C 139 1.96 31.53 -25.95
C ALA C 139 2.82 31.63 -27.19
N GLY C 140 3.32 32.85 -27.42
CA GLY C 140 3.97 33.21 -28.66
C GLY C 140 5.02 32.26 -29.13
N THR C 141 5.93 31.85 -28.24
CA THR C 141 6.97 30.90 -28.67
C THR C 141 6.39 29.53 -28.97
N LYS C 142 5.31 29.15 -28.26
CA LYS C 142 4.64 27.87 -28.58
C LYS C 142 4.07 27.92 -30.01
N VAL C 143 3.57 29.06 -30.44
CA VAL C 143 3.08 29.14 -31.81
C VAL C 143 4.25 28.93 -32.78
N LYS C 144 5.38 29.56 -32.49
CA LYS C 144 6.51 29.47 -33.37
C LYS C 144 6.99 28.03 -33.41
N TRP C 145 7.06 27.40 -32.22
CA TRP C 145 7.45 26.00 -32.15
C TRP C 145 6.64 25.12 -33.11
N ILE C 146 5.31 25.18 -32.98
CA ILE C 146 4.42 24.43 -33.84
C ILE C 146 4.67 24.71 -35.35
N LEU C 147 4.73 25.97 -35.73
CA LEU C 147 4.97 26.31 -37.14
C LEU C 147 6.33 25.82 -37.64
N ASP C 148 7.35 25.87 -36.78
CA ASP C 148 8.70 25.46 -37.17
C ASP C 148 8.94 23.98 -37.05
N ASN C 149 8.25 23.34 -36.10
CA ASN C 149 8.48 21.94 -35.80
C ASN C 149 7.49 20.95 -36.40
N VAL C 150 6.27 21.40 -36.72
CA VAL C 150 5.25 20.51 -37.30
C VAL C 150 5.26 20.51 -38.82
N GLU C 151 5.56 19.34 -39.36
CA GLU C 151 5.63 19.06 -40.82
C GLU C 151 4.45 19.64 -41.61
N GLY C 152 4.72 20.56 -42.54
CA GLY C 152 3.67 21.19 -43.36
C GLY C 152 2.92 22.36 -42.73
N ALA C 153 3.23 22.68 -41.47
CA ALA C 153 2.57 23.76 -40.72
C ALA C 153 2.81 25.14 -41.29
N ARG C 154 4.07 25.42 -41.63
N ARG C 154 4.06 25.41 -41.66
CA ARG C 154 4.45 26.71 -42.21
CA ARG C 154 4.42 26.70 -42.23
C ARG C 154 3.65 26.94 -43.53
C ARG C 154 3.61 26.93 -43.52
N GLU C 155 3.54 25.90 -44.35
CA GLU C 155 2.75 25.94 -45.58
C GLU C 155 1.25 26.26 -45.40
N LYS C 156 0.60 25.59 -44.46
CA LYS C 156 -0.83 25.81 -44.22
C LYS C 156 -1.04 27.21 -43.65
N ALA C 157 -0.06 27.68 -42.88
CA ALA C 157 -0.16 28.99 -42.22
C ALA C 157 -0.14 30.12 -43.25
N GLU C 158 0.89 30.12 -44.09
N GLU C 158 0.84 30.07 -44.14
CA GLU C 158 1.07 31.14 -45.12
CA GLU C 158 1.02 31.09 -45.18
C GLU C 158 0.13 30.97 -46.33
C GLU C 158 -0.22 31.22 -46.05
N ASN C 159 -0.70 29.93 -46.31
N ASN C 159 -0.67 30.11 -46.62
CA ASN C 159 -1.74 29.76 -47.30
CA ASN C 159 -1.86 30.17 -47.48
C ASN C 159 -3.06 30.29 -46.71
C ASN C 159 -3.13 30.50 -46.69
N GLY C 160 -3.16 30.23 -45.38
CA GLY C 160 -4.32 30.66 -44.59
C GLY C 160 -5.21 29.58 -44.01
N ASP C 161 -4.73 28.35 -43.90
CA ASP C 161 -5.54 27.25 -43.35
C ASP C 161 -5.53 27.16 -41.81
N LEU C 162 -4.65 27.89 -41.14
CA LEU C 162 -4.52 27.80 -39.67
C LEU C 162 -5.00 28.98 -38.81
N LEU C 163 -5.51 28.61 -37.65
CA LEU C 163 -5.93 29.54 -36.61
C LEU C 163 -5.19 29.13 -35.34
N PHE C 164 -4.91 30.14 -34.56
CA PHE C 164 -4.23 30.04 -33.29
C PHE C 164 -5.25 30.46 -32.25
N GLY C 165 -5.14 29.85 -31.09
CA GLY C 165 -5.89 30.34 -29.96
C GLY C 165 -5.32 29.76 -28.70
N THR C 166 -5.44 30.60 -27.66
CA THR C 166 -5.32 30.16 -26.27
C THR C 166 -6.63 29.36 -26.03
N ILE C 167 -6.81 28.75 -24.85
CA ILE C 167 -7.94 27.83 -24.61
C ILE C 167 -9.33 28.47 -24.72
N ASP C 168 -9.51 29.66 -24.16
CA ASP C 168 -10.76 30.41 -24.36
C ASP C 168 -11.12 30.45 -25.85
N THR C 169 -10.16 30.80 -26.71
CA THR C 169 -10.47 30.97 -28.15
C THR C 169 -10.89 29.64 -28.75
N TRP C 170 -10.14 28.60 -28.45
CA TRP C 170 -10.46 27.24 -28.90
C TRP C 170 -11.88 26.83 -28.53
N LEU C 171 -12.22 26.97 -27.26
CA LEU C 171 -13.56 26.59 -26.79
C LEU C 171 -14.68 27.41 -27.46
N VAL C 172 -14.57 28.73 -27.45
CA VAL C 172 -15.58 29.58 -28.13
C VAL C 172 -15.70 29.18 -29.62
N TRP C 173 -14.59 28.98 -30.31
CA TRP C 173 -14.68 28.61 -31.72
C TRP C 173 -15.45 27.34 -31.88
N LYS C 174 -15.06 26.29 -31.16
CA LYS C 174 -15.73 25.00 -31.28
C LYS C 174 -17.20 25.06 -30.85
N LEU C 175 -17.49 25.69 -29.70
CA LEU C 175 -18.86 25.77 -29.17
C LEU C 175 -19.82 26.62 -30.06
N SER C 176 -19.30 27.70 -30.67
CA SER C 176 -20.08 28.52 -31.60
C SER C 176 -20.10 27.97 -33.02
N GLY C 177 -19.58 26.79 -33.22
CA GLY C 177 -19.65 26.16 -34.54
C GLY C 177 -18.96 27.02 -35.56
N LYS C 178 -17.73 27.44 -35.24
CA LYS C 178 -16.86 28.27 -36.08
C LYS C 178 -17.29 29.72 -36.28
N ALA C 179 -18.34 30.13 -35.59
CA ALA C 179 -18.89 31.47 -35.76
C ALA C 179 -17.99 32.57 -35.21
N ALA C 180 -17.32 32.32 -34.09
CA ALA C 180 -16.53 33.32 -33.44
C ALA C 180 -15.12 32.87 -33.21
N HIS C 181 -14.17 33.69 -33.63
CA HIS C 181 -12.76 33.43 -33.32
C HIS C 181 -12.30 34.67 -32.56
N ILE C 182 -12.37 34.58 -31.24
CA ILE C 182 -12.10 35.71 -30.36
C ILE C 182 -11.30 35.36 -29.08
N THR C 183 -10.83 36.38 -28.40
CA THR C 183 -10.19 36.23 -27.11
C THR C 183 -10.52 37.54 -26.38
N ASP C 184 -10.37 37.58 -25.07
CA ASP C 184 -10.55 38.82 -24.36
C ASP C 184 -9.18 39.42 -24.12
N TYR C 185 -9.21 40.64 -23.60
CA TYR C 185 -7.98 41.37 -23.27
C TYR C 185 -7.06 40.58 -22.32
N SER C 186 -7.66 39.94 -21.33
CA SER C 186 -6.84 39.25 -20.30
C SER C 186 -6.13 38.04 -20.91
N ASN C 187 -6.84 37.22 -21.71
CA ASN C 187 -6.16 36.13 -22.40
C ASN C 187 -5.12 36.63 -23.45
N ALA C 188 -5.47 37.66 -24.24
CA ALA C 188 -4.54 38.24 -25.20
C ALA C 188 -3.25 38.74 -24.54
N SER C 189 -3.36 39.37 -23.35
CA SER C 189 -2.19 39.92 -22.64
C SER C 189 -1.12 38.84 -22.33
N ARG C 190 -1.46 37.55 -22.48
CA ARG C 190 -0.55 36.43 -22.07
C ARG C 190 0.14 35.74 -23.23
N THR C 191 -0.09 36.28 -24.44
CA THR C 191 0.35 35.65 -25.65
C THR C 191 1.79 36.04 -26.11
N LEU C 192 2.34 37.08 -25.49
CA LEU C 192 3.63 37.69 -25.94
C LEU C 192 3.49 38.32 -27.35
N MSE C 193 2.27 38.31 -27.92
CA MSE C 193 2.04 38.95 -29.24
C MSE C 193 1.19 40.22 -29.17
O MSE C 193 1.02 40.90 -30.17
CB MSE C 193 1.39 37.92 -30.18
CG MSE C 193 2.29 36.71 -30.40
SE MSE C 193 1.43 35.32 -31.43
CE MSE C 193 0.19 34.76 -30.06
N PHE C 194 0.65 40.50 -27.97
CA PHE C 194 -0.26 41.61 -27.70
C PHE C 194 0.37 42.72 -26.81
N ASN C 195 0.33 43.93 -27.34
CA ASN C 195 0.87 45.12 -26.74
C ASN C 195 -0.19 45.59 -25.74
N ILE C 196 0.11 45.48 -24.45
CA ILE C 196 -0.85 45.85 -23.42
C ILE C 196 -1.03 47.34 -23.26
N HIS C 197 -0.18 48.13 -23.89
CA HIS C 197 -0.25 49.60 -23.78
C HIS C 197 -1.07 50.26 -24.89
N ASP C 198 -1.07 49.72 -26.10
CA ASP C 198 -1.88 50.29 -27.15
C ASP C 198 -3.05 49.39 -27.45
N LEU C 199 -3.15 48.31 -26.66
CA LEU C 199 -4.23 47.33 -26.79
C LEU C 199 -4.45 46.73 -28.16
N GLU C 200 -3.41 46.23 -28.81
N GLU C 200 -3.38 46.27 -28.78
CA GLU C 200 -3.65 45.54 -30.06
CA GLU C 200 -3.49 45.62 -30.08
C GLU C 200 -2.43 44.72 -30.40
C GLU C 200 -2.41 44.59 -30.29
N TRP C 201 -2.65 43.72 -31.25
CA TRP C 201 -1.63 42.77 -31.63
C TRP C 201 -0.49 43.62 -32.12
N ASP C 202 0.73 43.21 -31.80
CA ASP C 202 1.95 43.98 -32.15
C ASP C 202 2.68 43.38 -33.33
N ASP C 203 2.66 44.06 -34.45
CA ASP C 203 3.29 43.52 -35.66
C ASP C 203 4.77 43.22 -35.50
N GLU C 204 5.44 44.01 -34.67
N GLU C 204 5.46 44.00 -34.68
CA GLU C 204 6.87 43.83 -34.45
CA GLU C 204 6.90 43.80 -34.48
C GLU C 204 7.11 42.50 -33.76
C GLU C 204 7.18 42.54 -33.68
N LEU C 205 6.35 42.24 -32.70
CA LEU C 205 6.49 41.01 -31.94
C LEU C 205 6.13 39.81 -32.85
N LEU C 206 5.11 40.00 -33.71
CA LEU C 206 4.67 38.95 -34.66
C LEU C 206 5.75 38.56 -35.62
N GLU C 207 6.43 39.57 -36.16
N GLU C 207 6.43 39.58 -36.15
CA GLU C 207 7.50 39.30 -37.09
CA GLU C 207 7.54 39.40 -37.07
C GLU C 207 8.67 38.67 -36.36
C GLU C 207 8.67 38.68 -36.36
N LEU C 208 8.95 39.10 -35.13
CA LEU C 208 10.02 38.46 -34.33
C LEU C 208 9.65 37.00 -34.00
N LEU C 209 8.39 36.74 -33.67
CA LEU C 209 7.97 35.35 -33.45
C LEU C 209 7.68 34.53 -34.73
N THR C 210 7.81 35.15 -35.92
CA THR C 210 7.52 34.51 -37.20
C THR C 210 6.07 33.96 -37.24
N VAL C 211 5.14 34.70 -36.63
CA VAL C 211 3.70 34.35 -36.61
C VAL C 211 2.89 35.23 -37.57
N PRO C 212 2.19 34.60 -38.52
CA PRO C 212 1.37 35.38 -39.45
C PRO C 212 0.12 35.93 -38.78
N LYS C 213 -0.13 37.20 -39.04
CA LYS C 213 -1.25 37.90 -38.40
C LYS C 213 -2.60 37.25 -38.69
N ASN C 214 -2.74 36.63 -39.85
CA ASN C 214 -4.02 36.00 -40.25
C ASN C 214 -4.43 34.81 -39.36
N MSE C 215 -3.57 34.36 -38.45
CA MSE C 215 -3.92 33.24 -37.58
C MSE C 215 -4.62 33.70 -36.31
O MSE C 215 -5.21 32.87 -35.59
CB MSE C 215 -2.65 32.48 -37.17
CG MSE C 215 -1.97 31.79 -38.34
SE MSE C 215 -0.43 30.74 -37.70
CE MSE C 215 -1.35 29.42 -36.52
N LEU C 216 -4.51 35.00 -36.03
CA LEU C 216 -4.95 35.55 -34.77
C LEU C 216 -6.44 35.86 -34.66
N PRO C 217 -7.04 35.71 -33.44
CA PRO C 217 -8.47 36.02 -33.24
C PRO C 217 -8.65 37.49 -32.97
N GLU C 218 -9.90 37.92 -32.92
N GLU C 218 -9.90 37.93 -32.97
CA GLU C 218 -10.19 39.32 -32.62
CA GLU C 218 -10.14 39.31 -32.62
C GLU C 218 -10.31 39.50 -31.09
C GLU C 218 -10.13 39.40 -31.10
N VAL C 219 -9.57 40.48 -30.58
CA VAL C 219 -9.51 40.74 -29.14
C VAL C 219 -10.69 41.60 -28.75
N LYS C 220 -11.42 41.16 -27.75
N LYS C 220 -11.39 41.17 -27.71
CA LYS C 220 -12.63 41.83 -27.29
CA LYS C 220 -12.59 41.82 -27.26
C LYS C 220 -12.61 42.01 -25.79
C LYS C 220 -12.57 42.03 -25.77
N ALA C 221 -13.61 42.71 -25.28
CA ALA C 221 -13.81 42.88 -23.83
C ALA C 221 -14.15 41.52 -23.18
N SER C 222 -14.08 41.42 -21.85
CA SER C 222 -14.27 40.11 -21.17
C SER C 222 -15.76 39.82 -20.86
N SER C 223 -16.60 40.83 -21.07
CA SER C 223 -18.02 40.77 -20.77
C SER C 223 -18.72 41.36 -21.96
N GLU C 224 -19.16 40.46 -22.84
CA GLU C 224 -19.79 40.83 -24.08
C GLU C 224 -20.30 39.59 -24.76
N VAL C 225 -21.40 39.68 -25.52
CA VAL C 225 -21.90 38.53 -26.27
C VAL C 225 -21.01 38.34 -27.51
N TYR C 226 -20.27 37.25 -27.56
CA TYR C 226 -19.39 36.99 -28.68
C TYR C 226 -20.03 36.21 -29.77
N GLY C 227 -21.16 35.59 -29.45
CA GLY C 227 -21.85 34.73 -30.38
C GLY C 227 -22.74 33.81 -29.59
N LYS C 228 -23.13 32.72 -30.23
CA LYS C 228 -24.03 31.78 -29.62
C LYS C 228 -23.60 30.33 -29.85
N THR C 229 -23.99 29.47 -28.91
CA THR C 229 -23.70 28.06 -29.07
C THR C 229 -24.29 27.56 -30.38
N ILE C 230 -23.53 26.76 -31.12
CA ILE C 230 -24.12 26.11 -32.30
C ILE C 230 -25.20 25.10 -31.77
N ASP C 231 -26.32 24.93 -32.46
CA ASP C 231 -27.39 24.09 -31.90
C ASP C 231 -27.03 22.65 -31.49
N TYR C 232 -26.33 21.91 -32.32
CA TYR C 232 -25.98 20.55 -31.96
C TYR C 232 -24.97 20.39 -30.82
N HIS C 233 -24.29 21.47 -30.36
CA HIS C 233 -23.39 21.39 -29.20
C HIS C 233 -24.08 21.92 -27.97
N PHE C 234 -25.32 22.33 -28.09
CA PHE C 234 -26.00 22.73 -26.84
C PHE C 234 -27.46 22.30 -26.83
N TYR C 235 -27.72 21.03 -27.15
CA TYR C 235 -29.04 20.46 -26.93
C TYR C 235 -30.15 21.19 -27.71
N GLY C 236 -29.84 21.57 -28.96
CA GLY C 236 -30.74 22.33 -29.81
C GLY C 236 -30.89 23.80 -29.49
N GLN C 237 -30.13 24.32 -28.54
CA GLN C 237 -30.27 25.70 -28.11
C GLN C 237 -29.10 26.55 -28.64
N GLU C 238 -29.37 27.83 -28.82
CA GLU C 238 -28.42 28.82 -29.29
C GLU C 238 -28.29 29.81 -28.16
N VAL C 239 -27.38 29.50 -27.25
CA VAL C 239 -27.21 30.23 -26.01
C VAL C 239 -26.05 31.24 -26.13
N PRO C 240 -26.24 32.46 -25.58
CA PRO C 240 -25.19 33.47 -25.59
C PRO C 240 -23.91 33.03 -24.84
N ILE C 241 -22.77 33.09 -25.55
CA ILE C 241 -21.42 32.91 -25.01
C ILE C 241 -21.02 34.37 -24.73
N ALA C 242 -21.04 34.75 -23.44
CA ALA C 242 -20.99 36.15 -23.04
C ALA C 242 -19.91 36.61 -22.07
N GLY C 243 -19.06 35.72 -21.59
CA GLY C 243 -17.99 36.11 -20.68
C GLY C 243 -16.76 35.28 -21.02
N VAL C 244 -15.59 35.92 -21.07
CA VAL C 244 -14.32 35.24 -21.33
C VAL C 244 -13.18 35.98 -20.61
N ALA C 245 -12.44 35.23 -19.80
CA ALA C 245 -11.23 35.78 -19.17
C ALA C 245 -10.25 34.66 -18.80
N GLY C 246 -8.97 34.99 -18.62
CA GLY C 246 -7.99 33.99 -18.16
C GLY C 246 -8.40 33.59 -16.75
N ASP C 247 -8.10 32.34 -16.37
CA ASP C 247 -8.62 31.80 -15.13
C ASP C 247 -8.21 32.62 -13.93
N GLN C 248 -6.95 33.03 -13.89
CA GLN C 248 -6.49 33.80 -12.72
C GLN C 248 -7.15 35.18 -12.58
N GLN C 249 -7.42 35.79 -13.73
CA GLN C 249 -8.17 37.04 -13.84
C GLN C 249 -9.61 36.88 -13.44
N ALA C 250 -10.22 35.80 -13.93
CA ALA C 250 -11.54 35.44 -13.50
C ALA C 250 -11.65 35.37 -11.95
N ALA C 251 -10.68 34.68 -11.34
CA ALA C 251 -10.60 34.52 -9.88
C ALA C 251 -10.43 35.85 -9.17
N LEU C 252 -9.70 36.80 -9.76
CA LEU C 252 -9.56 38.14 -9.16
C LEU C 252 -10.93 38.85 -9.15
N PHE C 253 -11.62 38.76 -10.28
CA PHE C 253 -12.96 39.32 -10.42
C PHE C 253 -13.92 38.63 -9.44
N GLY C 254 -13.75 37.31 -9.31
CA GLY C 254 -14.56 36.47 -8.43
C GLY C 254 -14.39 36.67 -6.94
N GLN C 255 -13.29 37.28 -6.53
CA GLN C 255 -13.02 37.66 -5.15
C GLN C 255 -13.38 39.13 -4.89
N ALA C 256 -14.15 39.76 -5.79
CA ALA C 256 -14.51 41.17 -5.66
C ALA C 256 -13.25 42.09 -5.56
N CYS C 257 -12.17 41.72 -6.24
CA CYS C 257 -10.94 42.54 -6.27
C CYS C 257 -11.05 43.52 -7.47
N PHE C 258 -11.92 44.51 -7.31
CA PHE C 258 -12.26 45.46 -8.36
C PHE C 258 -11.44 46.76 -8.37
N GLU C 259 -10.72 47.04 -7.29
CA GLU C 259 -10.01 48.31 -7.23
C GLU C 259 -8.55 48.20 -6.84
N ARG C 260 -7.84 49.29 -7.09
CA ARG C 260 -6.39 49.40 -6.89
C ARG C 260 -5.99 48.89 -5.53
N GLY C 261 -5.05 47.96 -5.50
CA GLY C 261 -4.60 47.35 -4.25
C GLY C 261 -5.31 46.04 -3.91
N ASP C 262 -6.45 45.74 -4.53
CA ASP C 262 -7.20 44.54 -4.13
C ASP C 262 -6.43 43.34 -4.63
N VAL C 263 -6.23 42.34 -3.75
CA VAL C 263 -5.37 41.20 -4.03
C VAL C 263 -5.96 39.85 -3.61
N LYS C 264 -5.61 38.81 -4.36
CA LYS C 264 -5.98 37.45 -3.98
C LYS C 264 -4.86 36.52 -4.39
N ASN C 265 -4.83 35.35 -3.80
CA ASN C 265 -3.93 34.31 -4.28
C ASN C 265 -4.74 33.07 -4.61
N THR C 266 -4.44 32.43 -5.76
CA THR C 266 -5.12 31.20 -6.14
C THR C 266 -4.14 30.01 -6.08
N TYR C 267 -4.54 28.94 -5.38
CA TYR C 267 -3.71 27.73 -5.24
C TYR C 267 -4.33 26.58 -6.05
N GLY C 268 -3.85 26.42 -7.27
CA GLY C 268 -4.31 25.42 -8.21
C GLY C 268 -3.13 24.60 -8.67
N THR C 269 -3.09 24.27 -9.96
CA THR C 269 -1.94 23.51 -10.52
C THR C 269 -0.73 24.37 -10.23
N GLY C 270 -0.85 25.67 -10.58
CA GLY C 270 0.09 26.67 -10.26
C GLY C 270 -0.50 27.53 -9.13
N GLY C 271 0.32 28.48 -8.67
CA GLY C 271 -0.09 29.47 -7.61
C GLY C 271 0.00 30.91 -8.13
N PHE C 272 -1.09 31.69 -8.08
CA PHE C 272 -1.04 33.00 -8.72
C PHE C 272 -1.63 34.10 -7.87
N MSE C 273 -0.81 35.07 -7.54
CA MSE C 273 -1.30 36.18 -6.78
C MSE C 273 -1.52 37.29 -7.76
O MSE C 273 -0.60 37.65 -8.46
CB MSE C 273 -0.28 36.63 -5.74
CG MSE C 273 -0.84 37.63 -4.78
SE MSE C 273 0.46 38.05 -3.35
CE MSE C 273 0.29 36.30 -2.46
N LEU C 274 -2.71 37.88 -7.76
CA LEU C 274 -2.94 39.05 -8.58
C LEU C 274 -3.41 40.16 -7.70
N MSE C 275 -2.88 41.36 -7.98
CA MSE C 275 -3.33 42.61 -7.37
C MSE C 275 -3.90 43.45 -8.49
O MSE C 275 -3.27 43.54 -9.53
CB MSE C 275 -2.17 43.40 -6.73
CG MSE C 275 -2.65 44.66 -6.09
SE MSE C 275 -1.16 45.57 -5.27
CE MSE C 275 -0.60 46.60 -6.82
N ASN C 276 -5.11 44.03 -8.31
CA ASN C 276 -5.74 44.91 -9.29
C ASN C 276 -4.99 46.27 -9.21
N THR C 277 -4.62 46.87 -10.34
CA THR C 277 -3.91 48.18 -10.30
C THR C 277 -4.73 49.26 -10.99
N GLY C 278 -6.05 49.11 -10.89
CA GLY C 278 -6.98 50.05 -11.51
C GLY C 278 -6.77 50.06 -13.01
N ASP C 279 -6.91 51.23 -13.64
CA ASP C 279 -6.77 51.30 -15.08
C ASP C 279 -5.39 51.74 -15.58
N LYS C 280 -4.36 51.55 -14.76
CA LYS C 280 -3.00 51.90 -15.10
C LYS C 280 -2.11 50.68 -14.92
N ALA C 281 -1.26 50.39 -15.90
CA ALA C 281 -0.28 49.32 -15.88
C ALA C 281 0.84 49.77 -14.94
N VAL C 282 1.30 48.87 -14.07
CA VAL C 282 2.37 49.17 -13.11
C VAL C 282 3.57 48.27 -13.45
N LYS C 283 4.77 48.87 -13.49
N LYS C 283 4.76 48.89 -13.48
CA LYS C 283 5.98 48.12 -13.84
CA LYS C 283 5.99 48.19 -13.77
C LYS C 283 6.61 47.51 -12.57
C LYS C 283 6.42 47.37 -12.53
N SER C 284 7.26 46.36 -12.75
CA SER C 284 7.83 45.61 -11.64
C SER C 284 9.33 45.46 -11.74
N GLU C 285 10.04 45.77 -10.65
CA GLU C 285 11.48 45.55 -10.63
C GLU C 285 11.75 44.20 -9.93
N SER C 286 10.74 43.69 -9.23
CA SER C 286 10.86 42.51 -8.36
C SER C 286 10.33 41.16 -8.89
N GLY C 287 10.28 41.02 -10.21
CA GLY C 287 9.87 39.75 -10.82
C GLY C 287 8.38 39.47 -11.03
N LEU C 288 7.55 40.49 -10.90
N LEU C 288 7.56 40.49 -10.89
CA LEU C 288 6.12 40.35 -11.12
CA LEU C 288 6.11 40.36 -11.13
C LEU C 288 5.80 40.70 -12.57
C LEU C 288 5.85 40.63 -12.60
N LEU C 289 4.73 40.10 -13.10
CA LEU C 289 4.30 40.37 -14.46
C LEU C 289 3.35 41.55 -14.44
N THR C 290 3.35 42.34 -15.50
CA THR C 290 2.39 43.46 -15.65
C THR C 290 1.36 42.85 -16.60
N THR C 291 0.10 42.79 -16.20
CA THR C 291 -0.88 42.15 -17.06
C THR C 291 -2.22 42.89 -17.10
N ILE C 292 -3.13 42.41 -17.95
CA ILE C 292 -4.49 42.96 -18.02
C ILE C 292 -5.39 42.13 -17.12
N ALA C 293 -6.11 42.79 -16.21
CA ALA C 293 -7.04 42.13 -15.32
C ALA C 293 -8.32 41.73 -16.08
N TYR C 294 -8.95 42.67 -16.76
CA TYR C 294 -10.19 42.35 -17.49
C TYR C 294 -10.63 43.58 -18.23
N GLY C 295 -11.59 43.43 -19.14
CA GLY C 295 -12.19 44.59 -19.80
C GLY C 295 -13.69 44.49 -19.61
N ILE C 296 -14.25 45.46 -18.89
CA ILE C 296 -15.66 45.55 -18.57
C ILE C 296 -16.08 47.02 -18.47
N ASP C 297 -17.33 47.27 -18.84
CA ASP C 297 -17.91 48.60 -18.80
C ASP C 297 -17.07 49.60 -19.60
N GLY C 298 -16.49 49.12 -20.71
CA GLY C 298 -15.70 49.96 -21.58
C GLY C 298 -14.31 50.32 -21.03
N LYS C 299 -13.96 49.81 -19.86
N LYS C 299 -13.97 49.76 -19.87
CA LYS C 299 -12.65 50.09 -19.26
CA LYS C 299 -12.69 50.01 -19.21
C LYS C 299 -11.80 48.84 -19.19
C LYS C 299 -11.80 48.80 -19.18
N VAL C 300 -10.49 49.05 -19.24
CA VAL C 300 -9.49 47.98 -19.14
C VAL C 300 -8.71 48.18 -17.82
N ASN C 301 -8.85 47.21 -16.92
CA ASN C 301 -8.07 47.21 -15.67
C ASN C 301 -6.84 46.36 -15.85
N TYR C 302 -5.78 46.74 -15.14
CA TYR C 302 -4.51 46.04 -15.16
C TYR C 302 -4.27 45.35 -13.83
N ALA C 303 -3.29 44.44 -13.78
CA ALA C 303 -2.89 43.77 -12.53
C ALA C 303 -1.39 43.51 -12.47
N LEU C 304 -0.89 43.31 -11.25
CA LEU C 304 0.47 42.89 -11.02
C LEU C 304 0.27 41.43 -10.69
N GLU C 305 1.05 40.57 -11.34
CA GLU C 305 0.99 39.17 -11.02
C GLU C 305 2.32 38.52 -10.59
N GLY C 306 2.19 37.66 -9.57
CA GLY C 306 3.25 36.77 -9.10
C GLY C 306 2.83 35.40 -9.54
N SER C 307 3.68 34.79 -10.37
CA SER C 307 3.43 33.48 -10.97
C SER C 307 4.27 32.31 -10.42
N ILE C 308 3.61 31.30 -9.82
CA ILE C 308 4.25 30.06 -9.32
C ILE C 308 3.82 28.90 -10.20
N PHE C 309 4.76 28.22 -10.87
CA PHE C 309 4.31 27.21 -11.87
C PHE C 309 3.75 25.91 -11.28
N VAL C 310 4.29 25.50 -10.13
CA VAL C 310 3.88 24.25 -9.50
C VAL C 310 3.50 24.56 -8.05
N SER C 311 2.21 24.60 -7.78
CA SER C 311 1.73 24.78 -6.42
C SER C 311 1.05 23.45 -5.96
N GLY C 312 -0.26 23.32 -6.19
CA GLY C 312 -1.04 22.10 -5.84
C GLY C 312 -0.57 20.92 -6.67
N SER C 313 -0.04 21.22 -7.84
CA SER C 313 0.54 20.20 -8.69
C SER C 313 1.69 19.44 -7.98
N ALA C 314 2.37 20.08 -7.01
CA ALA C 314 3.40 19.39 -6.23
C ALA C 314 2.74 18.22 -5.49
N ILE C 315 1.54 18.45 -4.97
CA ILE C 315 0.80 17.40 -4.28
C ILE C 315 0.33 16.30 -5.25
N GLN C 316 -0.08 16.70 -6.44
CA GLN C 316 -0.54 15.70 -7.41
C GLN C 316 0.64 14.84 -7.83
N TRP C 317 1.84 15.38 -7.77
CA TRP C 317 3.02 14.62 -8.10
C TRP C 317 3.23 13.45 -7.09
N LEU C 318 3.00 13.73 -5.82
CA LEU C 318 3.14 12.69 -4.78
C LEU C 318 2.17 11.53 -5.12
N ARG C 319 0.98 11.89 -5.62
CA ARG C 319 -0.06 10.90 -5.94
C ARG C 319 0.22 10.08 -7.20
N ASP C 320 0.49 10.78 -8.30
CA ASP C 320 0.65 10.19 -9.63
C ASP C 320 2.05 9.76 -9.97
N GLY C 321 3.03 10.58 -9.58
CA GLY C 321 4.43 10.36 -9.88
C GLY C 321 5.07 9.36 -8.92
N LEU C 322 5.23 9.76 -7.66
CA LEU C 322 5.84 8.85 -6.67
C LEU C 322 4.88 7.80 -6.10
N ARG C 323 3.58 7.93 -6.39
CA ARG C 323 2.56 7.00 -5.90
C ARG C 323 2.68 6.81 -4.39
N MSE C 324 2.87 7.90 -3.67
N MSE C 324 2.91 7.90 -3.68
CA MSE C 324 3.03 7.87 -2.23
CA MSE C 324 3.01 7.90 -2.22
C MSE C 324 1.73 8.16 -1.49
C MSE C 324 1.64 7.97 -1.58
O MSE C 324 1.62 7.88 -0.30
O MSE C 324 1.39 7.31 -0.58
CB MSE C 324 4.13 8.85 -1.82
CB MSE C 324 3.79 9.10 -1.72
CG MSE C 324 5.47 8.45 -2.41
CG MSE C 324 5.29 8.96 -1.75
SE MSE C 324 6.95 9.69 -2.10
SE MSE C 324 6.23 10.47 -0.93
CE MSE C 324 7.08 9.60 -0.17
CE MSE C 324 8.03 9.72 -1.00
N ILE C 325 0.76 8.76 -2.19
CA ILE C 325 -0.57 9.02 -1.64
C ILE C 325 -1.65 8.63 -2.64
N ASN C 326 -2.83 8.28 -2.18
CA ASN C 326 -3.88 7.95 -3.14
C ASN C 326 -4.73 9.16 -3.50
N SER C 327 -4.72 10.21 -2.68
CA SER C 327 -5.42 11.46 -3.01
C SER C 327 -4.71 12.66 -2.40
N ALA C 328 -4.93 13.84 -2.96
CA ALA C 328 -4.31 15.05 -2.44
C ALA C 328 -4.71 15.35 -0.98
N PRO C 329 -5.99 15.16 -0.62
CA PRO C 329 -6.34 15.45 0.78
C PRO C 329 -5.70 14.54 1.84
N GLN C 330 -5.29 13.32 1.49
CA GLN C 330 -4.69 12.48 2.52
C GLN C 330 -3.25 12.89 2.80
N SER C 331 -2.73 13.84 2.03
CA SER C 331 -1.41 14.40 2.29
C SER C 331 -1.36 15.04 3.67
N GLU C 332 -2.45 15.69 4.07
CA GLU C 332 -2.52 16.40 5.33
C GLU C 332 -2.21 15.52 6.54
N SER C 333 -2.74 14.30 6.55
CA SER C 333 -2.57 13.44 7.70
C SER C 333 -1.09 13.06 7.90
N TYR C 334 -0.39 12.87 6.79
CA TYR C 334 1.04 12.58 6.82
C TYR C 334 1.78 13.78 7.37
N ALA C 335 1.46 14.96 6.86
CA ALA C 335 2.15 16.19 7.27
C ALA C 335 1.94 16.61 8.72
N THR C 336 0.78 16.34 9.30
CA THR C 336 0.51 16.74 10.69
C THR C 336 0.90 15.66 11.71
N ARG C 337 1.35 14.51 11.22
CA ARG C 337 1.78 13.39 12.07
C ARG C 337 3.16 13.66 12.67
N VAL C 338 3.93 14.48 11.98
CA VAL C 338 5.23 14.92 12.43
C VAL C 338 5.06 16.39 12.81
N ASP C 339 5.98 16.92 13.62
CA ASP C 339 5.90 18.31 14.06
C ASP C 339 6.79 19.31 13.31
N SER C 340 7.54 18.85 12.32
CA SER C 340 8.35 19.74 11.47
C SER C 340 8.98 18.83 10.44
N THR C 341 9.71 19.39 9.49
CA THR C 341 10.33 18.61 8.40
C THR C 341 11.77 18.14 8.71
N GLU C 342 12.23 18.54 9.89
CA GLU C 342 13.56 18.19 10.37
C GLU C 342 14.62 18.60 9.35
N GLY C 343 14.45 19.83 8.84
CA GLY C 343 15.35 20.49 7.91
C GLY C 343 15.17 20.18 6.43
N VAL C 344 14.15 19.42 6.08
CA VAL C 344 13.90 19.05 4.68
C VAL C 344 13.09 20.12 3.95
N TYR C 345 13.49 20.40 2.70
CA TYR C 345 12.85 21.38 1.82
C TYR C 345 12.69 20.79 0.45
N VAL C 346 11.53 21.04 -0.17
CA VAL C 346 11.27 20.53 -1.49
C VAL C 346 11.01 21.75 -2.37
N VAL C 347 11.80 21.94 -3.44
CA VAL C 347 11.65 23.09 -4.33
C VAL C 347 11.11 22.50 -5.64
N PRO C 348 9.75 22.55 -5.83
CA PRO C 348 9.13 21.94 -7.00
C PRO C 348 9.21 22.74 -8.32
N ALA C 349 10.44 23.04 -8.73
CA ALA C 349 10.73 23.70 -10.01
C ALA C 349 10.67 22.69 -11.16
N PHE C 350 9.60 21.88 -11.24
CA PHE C 350 9.50 20.89 -12.31
C PHE C 350 9.56 21.47 -13.74
N VAL C 351 9.13 22.72 -13.89
CA VAL C 351 9.24 23.44 -15.16
C VAL C 351 9.86 24.85 -14.91
N GLY C 352 10.92 24.88 -14.11
CA GLY C 352 11.63 26.14 -13.84
C GLY C 352 10.99 26.93 -12.73
N LEU C 353 11.54 28.12 -12.53
CA LEU C 353 11.12 28.99 -11.45
C LEU C 353 10.50 30.29 -11.99
N GLY C 354 9.31 30.58 -11.50
CA GLY C 354 8.63 31.83 -11.87
C GLY C 354 9.14 32.93 -11.00
N THR C 355 8.19 33.75 -10.52
CA THR C 355 8.38 34.91 -9.64
C THR C 355 9.01 34.54 -8.32
N PRO C 356 10.07 35.27 -7.90
CA PRO C 356 10.76 36.38 -8.56
C PRO C 356 11.99 35.97 -9.37
N TYR C 357 12.29 34.67 -9.41
CA TYR C 357 13.51 34.18 -9.99
C TYR C 357 13.60 34.13 -11.53
N TRP C 358 12.52 33.73 -12.20
CA TRP C 358 12.53 33.62 -13.66
C TRP C 358 13.77 32.86 -14.16
N ASP C 359 13.93 31.66 -13.63
CA ASP C 359 15.01 30.77 -14.06
C ASP C 359 14.35 29.53 -14.69
N SER C 360 14.28 29.55 -16.01
CA SER C 360 13.60 28.49 -16.82
C SER C 360 14.23 27.13 -16.90
N GLU C 361 15.53 27.08 -16.59
N GLU C 361 15.52 27.01 -16.62
CA GLU C 361 16.35 25.86 -16.66
CA GLU C 361 16.18 25.72 -16.73
C GLU C 361 16.42 25.04 -15.38
C GLU C 361 16.40 25.01 -15.38
N ALA C 362 15.99 25.65 -14.29
CA ALA C 362 16.02 25.03 -12.97
C ALA C 362 14.99 23.91 -13.00
N ARG C 363 15.29 22.79 -12.35
CA ARG C 363 14.36 21.67 -12.22
C ARG C 363 14.12 21.40 -10.71
N GLY C 364 13.17 20.54 -10.38
CA GLY C 364 12.78 20.27 -8.97
C GLY C 364 13.95 19.62 -8.25
N ALA C 365 14.09 20.01 -6.98
CA ALA C 365 15.11 19.49 -6.11
C ALA C 365 14.59 19.47 -4.68
N ILE C 366 15.27 18.66 -3.86
CA ILE C 366 14.92 18.42 -2.46
C ILE C 366 16.23 18.48 -1.69
N PHE C 367 16.16 19.07 -0.48
CA PHE C 367 17.31 19.31 0.37
C PHE C 367 17.09 18.94 1.83
N GLY C 368 18.20 18.75 2.55
CA GLY C 368 18.15 18.51 3.99
C GLY C 368 17.83 17.10 4.43
N LEU C 369 18.03 16.17 3.51
CA LEU C 369 17.66 14.79 3.76
C LEU C 369 18.67 14.11 4.67
N THR C 370 18.16 13.33 5.61
CA THR C 370 19.00 12.53 6.49
C THR C 370 18.35 11.18 6.62
N ARG C 371 19.07 10.25 7.24
CA ARG C 371 18.61 8.89 7.30
C ARG C 371 17.27 8.75 8.00
N GLY C 372 16.96 9.64 8.93
CA GLY C 372 15.70 9.66 9.67
C GLY C 372 14.54 10.34 8.94
N THR C 373 14.78 10.76 7.70
CA THR C 373 13.71 11.39 6.91
C THR C 373 12.72 10.32 6.46
N GLU C 374 11.50 10.46 6.92
CA GLU C 374 10.46 9.53 6.58
C GLU C 374 9.50 10.15 5.57
N LYS C 375 8.56 9.33 5.16
CA LYS C 375 7.53 9.74 4.23
C LYS C 375 6.86 11.00 4.77
N GLU C 376 6.56 11.02 6.07
CA GLU C 376 5.89 12.16 6.73
C GLU C 376 6.59 13.50 6.57
N HIS C 377 7.89 13.56 6.86
CA HIS C 377 8.69 14.77 6.68
C HIS C 377 8.72 15.22 5.23
N PHE C 378 8.94 14.26 4.36
CA PHE C 378 9.04 14.46 2.91
C PHE C 378 7.72 15.04 2.33
N ILE C 379 6.61 14.49 2.77
CA ILE C 379 5.31 15.00 2.36
C ILE C 379 5.04 16.38 2.97
N ARG C 380 5.34 16.55 4.26
CA ARG C 380 5.16 17.84 4.93
C ARG C 380 5.92 18.93 4.18
N ALA C 381 7.17 18.64 3.85
CA ALA C 381 8.01 19.61 3.10
C ALA C 381 7.38 19.99 1.73
N THR C 382 6.69 19.06 1.11
CA THR C 382 6.05 19.31 -0.21
C THR C 382 4.89 20.30 -0.06
N LEU C 383 4.04 20.07 0.95
CA LEU C 383 2.95 20.99 1.25
C LEU C 383 3.49 22.38 1.65
N GLU C 384 4.57 22.42 2.42
CA GLU C 384 5.15 23.71 2.82
C GLU C 384 5.65 24.55 1.63
N SER C 385 6.14 23.91 0.56
CA SER C 385 6.60 24.65 -0.61
C SER C 385 5.47 25.51 -1.22
N LEU C 386 4.21 25.10 -1.04
CA LEU C 386 3.11 25.91 -1.56
C LEU C 386 3.12 27.27 -0.86
N CYS C 387 3.47 27.26 0.42
CA CYS C 387 3.49 28.48 1.25
C CYS C 387 4.78 29.26 1.11
N TYR C 388 5.92 28.58 1.02
CA TYR C 388 7.18 29.30 0.81
C TYR C 388 7.17 30.13 -0.49
N GLN C 389 6.76 29.50 -1.58
CA GLN C 389 6.67 30.17 -2.86
C GLN C 389 5.74 31.38 -2.82
N THR C 390 4.64 31.25 -2.09
CA THR C 390 3.68 32.35 -1.94
C THR C 390 4.34 33.49 -1.16
N ARG C 391 5.15 33.15 -0.15
CA ARG C 391 5.88 34.21 0.57
C ARG C 391 6.83 34.97 -0.39
N ASP C 392 7.52 34.23 -1.26
CA ASP C 392 8.40 34.85 -2.26
C ASP C 392 7.64 35.92 -3.02
N VAL C 393 6.47 35.52 -3.52
CA VAL C 393 5.63 36.40 -4.33
C VAL C 393 5.16 37.58 -3.47
N MSE C 394 4.74 37.30 -2.23
N MSE C 394 4.73 37.33 -2.24
CA MSE C 394 4.27 38.36 -1.35
CA MSE C 394 4.27 38.43 -1.38
C MSE C 394 5.32 39.45 -1.13
C MSE C 394 5.32 39.48 -1.08
O MSE C 394 4.99 40.63 -1.16
O MSE C 394 5.00 40.68 -0.99
CB MSE C 394 3.80 37.78 -0.02
CB MSE C 394 3.69 37.90 -0.08
CG MSE C 394 3.11 38.80 0.89
CG MSE C 394 2.42 37.14 -0.30
SE MSE C 394 2.04 38.00 2.36
SE MSE C 394 1.65 36.44 1.31
CE MSE C 394 0.77 37.08 1.20
CE MSE C 394 0.75 38.04 1.98
N GLU C 395 6.56 39.04 -0.88
CA GLU C 395 7.67 39.95 -0.65
C GLU C 395 7.83 40.84 -1.90
N ALA C 396 7.84 40.20 -3.07
CA ALA C 396 7.98 40.89 -4.36
C ALA C 396 6.85 41.92 -4.58
N MSE C 397 5.62 41.43 -4.35
N MSE C 397 5.64 41.55 -4.19
CA MSE C 397 4.36 42.18 -4.52
CA MSE C 397 4.51 42.45 -4.35
C MSE C 397 4.26 43.45 -3.65
C MSE C 397 4.54 43.65 -3.38
O MSE C 397 3.76 44.50 -4.09
O MSE C 397 4.39 44.80 -3.82
CB MSE C 397 3.19 41.21 -4.25
CB MSE C 397 3.20 41.67 -4.23
CG MSE C 397 1.80 41.78 -4.45
CG MSE C 397 1.99 42.50 -4.57
SE MSE C 397 1.35 42.31 -6.27
SE MSE C 397 0.39 41.40 -4.61
CE MSE C 397 1.44 40.55 -7.18
CE MSE C 397 0.74 40.40 -6.24
N SER C 398 4.72 43.34 -2.40
N SER C 398 4.78 43.42 -2.10
CA SER C 398 4.71 44.45 -1.46
CA SER C 398 4.76 44.53 -1.16
C SER C 398 5.73 45.50 -1.85
C SER C 398 5.89 45.52 -1.50
N LYS C 399 6.96 45.03 -2.14
CA LYS C 399 8.04 45.89 -2.58
C LYS C 399 7.64 46.70 -3.82
N ASP C 400 7.10 46.05 -4.84
N ASP C 400 7.08 46.01 -4.81
CA ASP C 400 6.72 46.77 -6.04
CA ASP C 400 6.70 46.61 -6.07
C ASP C 400 5.48 47.63 -5.86
C ASP C 400 5.47 47.53 -5.98
N SER C 401 4.42 47.06 -5.33
CA SER C 401 3.18 47.82 -5.17
C SER C 401 3.33 48.88 -4.12
N GLY C 402 4.15 48.59 -3.11
CA GLY C 402 4.34 49.46 -1.96
C GLY C 402 3.52 48.91 -0.81
N ILE C 403 2.28 48.53 -1.13
CA ILE C 403 1.26 48.01 -0.22
C ILE C 403 1.63 46.74 0.56
N ASP C 404 1.50 46.79 1.89
CA ASP C 404 1.70 45.59 2.72
C ASP C 404 0.38 44.82 2.80
N VAL C 405 0.39 43.53 2.45
CA VAL C 405 -0.84 42.73 2.44
C VAL C 405 -1.32 42.36 3.85
N GLN C 406 -2.42 42.97 4.28
CA GLN C 406 -2.96 42.78 5.64
C GLN C 406 -3.72 41.47 5.90
N SER C 407 -4.57 41.05 4.97
CA SER C 407 -5.30 39.78 5.11
C SER C 407 -5.68 39.28 3.71
N LEU C 408 -5.01 38.20 3.31
CA LEU C 408 -5.10 37.62 1.98
C LEU C 408 -6.26 36.65 1.72
N ARG C 409 -7.14 37.07 0.84
CA ARG C 409 -8.19 36.21 0.39
C ARG C 409 -7.56 35.16 -0.51
N VAL C 410 -7.94 33.91 -0.31
CA VAL C 410 -7.41 32.80 -1.12
C VAL C 410 -8.53 31.95 -1.73
N ASP C 411 -8.20 31.21 -2.80
CA ASP C 411 -9.15 30.31 -3.43
C ASP C 411 -8.33 29.24 -4.15
N GLY C 412 -9.02 28.23 -4.68
CA GLY C 412 -8.40 27.13 -5.46
C GLY C 412 -8.49 25.79 -4.75
N GLY C 413 -8.15 24.71 -5.46
CA GLY C 413 -8.22 23.35 -4.88
C GLY C 413 -7.51 23.09 -3.56
N ALA C 414 -6.31 23.63 -3.41
CA ALA C 414 -5.48 23.39 -2.20
C ALA C 414 -5.90 24.11 -0.90
N VAL C 415 -6.74 25.14 -0.99
CA VAL C 415 -7.05 25.92 0.21
C VAL C 415 -7.92 25.11 1.17
N LYS C 416 -8.45 23.97 0.73
CA LYS C 416 -9.25 23.10 1.64
C LYS C 416 -8.36 22.50 2.71
N ASN C 417 -7.06 22.42 2.43
CA ASN C 417 -6.08 21.82 3.35
C ASN C 417 -5.77 22.78 4.49
N ASN C 418 -6.34 22.49 5.66
CA ASN C 418 -6.17 23.36 6.82
C ASN C 418 -4.71 23.49 7.26
N PHE C 419 -3.94 22.42 7.09
CA PHE C 419 -2.53 22.49 7.44
C PHE C 419 -1.81 23.52 6.57
N ILE C 420 -2.06 23.48 5.27
CA ILE C 420 -1.39 24.40 4.36
C ILE C 420 -1.77 25.87 4.68
N MSE C 421 -3.05 26.11 4.91
CA MSE C 421 -3.53 27.49 5.17
C MSE C 421 -3.01 28.04 6.49
O MSE C 421 -2.72 29.24 6.59
CB MSE C 421 -5.07 27.56 5.16
CG MSE C 421 -5.74 27.28 3.81
SE MSE C 421 -5.02 28.38 2.34
CE MSE C 421 -3.69 27.17 1.61
N GLN C 422 -2.89 27.19 7.51
CA GLN C 422 -2.34 27.65 8.79
C GLN C 422 -0.84 27.87 8.63
N PHE C 423 -0.15 27.00 7.89
CA PHE C 423 1.27 27.19 7.73
C PHE C 423 1.52 28.43 6.85
N GLN C 424 0.65 28.64 5.88
CA GLN C 424 0.76 29.83 5.04
C GLN C 424 0.71 31.10 5.89
N ALA C 425 -0.27 31.13 6.80
CA ALA C 425 -0.49 32.24 7.72
C ALA C 425 0.72 32.43 8.67
N ASP C 426 1.23 31.30 9.15
CA ASP C 426 2.40 31.30 10.02
C ASP C 426 3.63 31.86 9.30
N ILE C 427 3.97 31.31 8.11
CA ILE C 427 5.22 31.68 7.42
C ILE C 427 5.31 33.11 6.89
N VAL C 428 4.16 33.72 6.55
CA VAL C 428 4.12 35.11 6.08
C VAL C 428 3.64 36.11 7.16
N ASN C 429 3.22 35.63 8.33
CA ASN C 429 2.77 36.49 9.42
C ASN C 429 1.58 37.41 9.04
N THR C 430 0.66 36.86 8.26
CA THR C 430 -0.53 37.54 7.74
C THR C 430 -1.70 36.59 7.85
N SER C 431 -2.88 37.11 8.23
CA SER C 431 -4.10 36.31 8.21
C SER C 431 -4.38 35.79 6.79
N VAL C 432 -5.03 34.63 6.69
CA VAL C 432 -5.42 34.05 5.40
C VAL C 432 -6.94 33.87 5.50
N GLU C 433 -7.66 34.33 4.47
CA GLU C 433 -9.13 34.22 4.45
C GLU C 433 -9.64 33.28 3.37
N ARG C 434 -10.26 32.19 3.79
CA ARG C 434 -10.82 31.21 2.85
C ARG C 434 -12.34 31.39 2.79
N PRO C 435 -12.88 31.68 1.60
CA PRO C 435 -14.34 31.86 1.41
C PRO C 435 -15.07 30.53 1.29
N GLU C 436 -16.40 30.56 1.31
N GLU C 436 -16.41 30.59 1.36
CA GLU C 436 -17.14 29.32 1.21
CA GLU C 436 -17.27 29.42 1.24
C GLU C 436 -17.15 28.82 -0.23
C GLU C 436 -17.22 28.86 -0.19
N ILE C 437 -17.30 29.74 -1.19
CA ILE C 437 -17.18 29.36 -2.60
C ILE C 437 -15.70 29.56 -2.92
N GLN C 438 -15.01 28.44 -3.04
CA GLN C 438 -13.59 28.48 -3.34
C GLN C 438 -13.33 28.47 -4.85
N GLU C 439 -14.38 28.14 -5.61
CA GLU C 439 -14.32 28.18 -7.09
C GLU C 439 -14.60 29.60 -7.59
N THR C 440 -13.78 30.55 -7.15
CA THR C 440 -13.98 31.96 -7.53
C THR C 440 -13.63 32.20 -8.98
N THR C 441 -12.77 31.35 -9.56
CA THR C 441 -12.53 31.47 -10.99
C THR C 441 -13.88 31.29 -11.72
N ALA C 442 -14.61 30.24 -11.34
CA ALA C 442 -15.87 29.96 -12.04
C ALA C 442 -16.88 31.04 -11.77
N LEU C 443 -16.90 31.55 -10.53
CA LEU C 443 -17.85 32.58 -10.14
C LEU C 443 -17.61 33.86 -10.94
N GLY C 444 -16.35 34.24 -11.02
CA GLY C 444 -15.98 35.43 -11.78
C GLY C 444 -16.45 35.33 -13.23
N ALA C 445 -16.17 34.19 -13.86
CA ALA C 445 -16.58 33.93 -15.26
C ALA C 445 -18.10 34.03 -15.48
N ALA C 446 -18.85 33.35 -14.60
CA ALA C 446 -20.30 33.41 -14.56
C ALA C 446 -20.74 34.87 -14.51
N PHE C 447 -20.11 35.66 -13.65
CA PHE C 447 -20.49 37.06 -13.59
C PHE C 447 -20.17 37.83 -14.90
N LEU C 448 -19.02 37.56 -15.53
CA LEU C 448 -18.72 38.27 -16.82
C LEU C 448 -19.83 38.02 -17.81
N ALA C 449 -20.28 36.77 -17.88
CA ALA C 449 -21.39 36.43 -18.79
C ALA C 449 -22.71 37.03 -18.30
N GLY C 450 -23.06 36.84 -17.03
CA GLY C 450 -24.37 37.30 -16.53
C GLY C 450 -24.59 38.82 -16.55
N LEU C 451 -23.51 39.56 -16.43
CA LEU C 451 -23.58 41.02 -16.48
C LEU C 451 -23.86 41.43 -17.91
N ALA C 452 -23.25 40.71 -18.86
CA ALA C 452 -23.39 40.99 -20.29
C ALA C 452 -24.80 40.66 -20.82
N VAL C 453 -25.46 39.64 -20.29
CA VAL C 453 -26.82 39.26 -20.72
C VAL C 453 -27.87 39.88 -19.79
N GLY C 454 -27.42 40.61 -18.77
CA GLY C 454 -28.32 41.27 -17.84
C GLY C 454 -28.94 40.40 -16.76
N PHE C 455 -28.31 39.26 -16.48
CA PHE C 455 -28.75 38.31 -15.47
C PHE C 455 -28.54 38.96 -14.09
N TRP C 456 -27.42 39.69 -13.96
CA TRP C 456 -27.17 40.52 -12.77
C TRP C 456 -27.02 41.97 -13.29
N GLU C 457 -27.36 42.95 -12.47
CA GLU C 457 -27.23 44.36 -12.86
C GLU C 457 -25.86 44.94 -12.48
N SER C 458 -25.24 44.40 -11.43
CA SER C 458 -23.99 44.93 -10.85
C SER C 458 -23.00 43.87 -10.36
N LYS C 459 -21.73 44.16 -10.61
CA LYS C 459 -20.61 43.32 -10.14
C LYS C 459 -20.49 43.32 -8.63
N ASP C 460 -21.04 44.37 -7.99
CA ASP C 460 -21.04 44.54 -6.51
C ASP C 460 -21.65 43.33 -5.80
N ASP C 461 -22.57 42.64 -6.46
CA ASP C 461 -23.18 41.42 -5.92
C ASP C 461 -22.11 40.42 -5.45
N ILE C 462 -21.02 40.30 -6.21
CA ILE C 462 -19.91 39.42 -5.85
C ILE C 462 -19.40 39.83 -4.47
N ALA C 463 -19.24 41.14 -4.28
CA ALA C 463 -18.74 41.73 -3.04
C ALA C 463 -19.65 41.37 -1.89
N LYS C 464 -20.93 41.65 -2.05
N LYS C 464 -20.93 41.65 -2.06
CA LYS C 464 -21.91 41.37 -1.00
CA LYS C 464 -21.95 41.37 -1.05
C LYS C 464 -22.15 39.88 -0.75
C LYS C 464 -22.15 39.88 -0.77
N ASN C 465 -22.06 39.05 -1.79
CA ASN C 465 -22.25 37.60 -1.63
C ASN C 465 -21.04 36.87 -1.00
N TRP C 466 -19.81 37.38 -1.19
CA TRP C 466 -18.59 36.75 -0.63
C TRP C 466 -18.78 36.42 0.85
N LYS C 467 -18.49 35.18 1.24
CA LYS C 467 -18.71 34.75 2.63
C LYS C 467 -17.51 34.01 3.20
N LEU C 468 -16.98 34.52 4.31
CA LEU C 468 -15.82 33.93 4.99
C LEU C 468 -16.14 32.56 5.58
N GLU C 469 -15.41 31.52 5.17
CA GLU C 469 -15.58 30.17 5.72
C GLU C 469 -14.64 29.98 6.94
N GLU C 470 -13.38 30.41 6.79
CA GLU C 470 -12.43 30.30 7.90
C GLU C 470 -11.29 31.30 7.73
N LYS C 471 -10.94 32.01 8.79
CA LYS C 471 -9.80 32.92 8.77
C LYS C 471 -8.71 32.25 9.60
N PHE C 472 -7.52 32.12 9.02
CA PHE C 472 -6.37 31.51 9.70
C PHE C 472 -5.45 32.64 10.12
N ASP C 473 -5.11 32.66 11.40
CA ASP C 473 -4.24 33.69 11.96
C ASP C 473 -2.86 33.12 12.33
N PRO C 474 -1.81 33.91 12.08
CA PRO C 474 -0.44 33.55 12.40
C PRO C 474 -0.24 33.01 13.79
N LYS C 475 0.34 31.81 13.90
CA LYS C 475 0.67 31.22 15.20
C LYS C 475 2.10 30.66 15.16
N MSE C 476 3.05 31.57 14.99
CA MSE C 476 4.46 31.21 14.91
C MSE C 476 5.28 32.42 15.32
O MSE C 476 5.00 33.53 14.88
CB MSE C 476 4.81 30.81 13.47
CG MSE C 476 6.26 30.60 13.25
SE MSE C 476 6.64 29.78 11.53
CE MSE C 476 5.89 27.99 11.81
N ASP C 477 6.27 32.25 16.19
CA ASP C 477 7.11 33.39 16.61
C ASP C 477 8.10 33.81 15.48
N GLU C 478 8.59 35.04 15.55
CA GLU C 478 9.42 35.59 14.48
C GLU C 478 10.70 34.77 14.29
N GLY C 479 11.31 34.39 15.40
CA GLY C 479 12.54 33.60 15.41
C GLY C 479 12.44 32.39 14.51
N GLU C 480 11.46 31.52 14.75
CA GLU C 480 11.28 30.32 13.90
C GLU C 480 10.89 30.64 12.45
N ARG C 481 9.97 31.60 12.26
CA ARG C 481 9.54 31.97 10.90
C ARG C 481 10.73 32.40 10.04
N GLU C 482 11.57 33.28 10.59
CA GLU C 482 12.74 33.79 9.82
C GLU C 482 13.75 32.70 9.53
N LYS C 483 13.96 31.85 10.54
CA LYS C 483 14.81 30.69 10.42
C LYS C 483 14.31 29.73 9.31
N LEU C 484 13.03 29.40 9.30
CA LEU C 484 12.48 28.50 8.26
C LEU C 484 12.58 29.09 6.83
N TYR C 485 12.24 30.37 6.72
CA TYR C 485 12.34 31.06 5.42
C TYR C 485 13.79 31.16 4.93
N ARG C 486 14.71 31.40 5.86
N ARG C 486 14.73 31.41 5.85
CA ARG C 486 16.14 31.48 5.53
CA ARG C 486 16.14 31.48 5.46
C ARG C 486 16.53 30.17 4.81
C ARG C 486 16.54 30.16 4.79
N GLY C 487 16.13 29.04 5.39
CA GLY C 487 16.43 27.74 4.80
C GLY C 487 15.76 27.50 3.44
N TRP C 488 14.56 28.05 3.23
CA TRP C 488 13.87 27.92 1.95
C TRP C 488 14.66 28.65 0.85
N LYS C 489 15.13 29.85 1.18
CA LYS C 489 15.91 30.63 0.24
C LYS C 489 17.23 29.93 -0.07
N LYS C 490 17.78 29.21 0.91
CA LYS C 490 19.00 28.49 0.70
C LYS C 490 18.71 27.32 -0.24
N ALA C 491 17.60 26.61 -0.02
CA ALA C 491 17.24 25.53 -0.95
C ALA C 491 17.10 26.01 -2.41
N VAL C 492 16.45 27.14 -2.61
CA VAL C 492 16.27 27.73 -3.95
C VAL C 492 17.62 28.12 -4.59
N GLU C 493 18.49 28.71 -3.77
CA GLU C 493 19.83 29.08 -4.22
C GLU C 493 20.54 27.83 -4.71
N ALA C 494 20.56 26.78 -3.89
CA ALA C 494 21.15 25.51 -4.34
C ALA C 494 20.43 24.97 -5.56
N THR C 495 19.08 25.05 -5.59
CA THR C 495 18.34 24.56 -6.77
C THR C 495 18.86 25.27 -8.05
N GLN C 496 19.13 26.54 -7.96
CA GLN C 496 19.60 27.24 -9.16
C GLN C 496 21.02 26.84 -9.62
N VAL C 497 21.79 26.17 -8.76
CA VAL C 497 23.10 25.69 -9.18
C VAL C 497 23.04 24.45 -10.09
N PHE C 498 22.03 23.61 -9.90
CA PHE C 498 21.99 22.40 -10.67
C PHE C 498 21.50 22.71 -12.10
N LYS C 499 22.47 22.89 -12.99
CA LYS C 499 22.22 23.19 -14.39
C LYS C 499 23.07 22.20 -15.21
N THR C 500 22.47 21.61 -16.25
CA THR C 500 23.20 20.64 -17.05
C THR C 500 23.11 20.91 -18.52
N GLU C 501 23.94 20.20 -19.26
CA GLU C 501 24.00 20.26 -20.73
C GLU C 501 23.62 18.91 -21.32
N ALA D 3 29.99 -36.62 12.96
CA ALA D 3 31.35 -36.62 13.54
C ALA D 3 31.55 -35.43 14.50
N MSE D 4 32.78 -35.31 15.02
N MSE D 4 32.77 -35.30 15.02
CA MSE D 4 33.16 -34.21 15.91
CA MSE D 4 33.12 -34.21 15.90
C MSE D 4 33.63 -33.03 15.07
C MSE D 4 33.64 -33.04 15.07
O MSE D 4 34.57 -32.35 15.45
O MSE D 4 34.61 -32.39 15.45
CB MSE D 4 34.38 -34.60 16.77
CB MSE D 4 34.24 -34.65 16.85
CG MSE D 4 34.44 -36.01 17.34
CG MSE D 4 33.93 -35.93 17.62
SE MSE D 4 36.19 -36.31 18.20
SE MSE D 4 32.51 -35.68 18.90
CE MSE D 4 36.00 -35.17 19.78
CE MSE D 4 33.28 -34.22 19.95
N GLU D 5 33.00 -32.80 13.92
CA GLU D 5 33.42 -31.74 13.03
C GLU D 5 33.51 -30.41 13.76
N LYS D 6 34.57 -29.65 13.49
CA LYS D 6 34.75 -28.36 14.15
C LYS D 6 34.55 -27.20 13.19
N TYR D 7 34.29 -26.03 13.75
CA TYR D 7 33.99 -24.86 12.97
C TYR D 7 34.62 -23.61 13.55
N ILE D 8 34.74 -22.62 12.68
CA ILE D 8 35.15 -21.31 13.07
C ILE D 8 33.83 -20.55 13.01
N LEU D 9 33.59 -19.77 14.05
CA LEU D 9 32.42 -18.93 14.15
C LEU D 9 32.93 -17.55 13.90
N SER D 10 32.32 -16.84 12.96
N SER D 10 32.30 -16.84 12.97
CA SER D 10 32.69 -15.47 12.66
CA SER D 10 32.66 -15.49 12.62
C SER D 10 31.49 -14.58 12.96
C SER D 10 31.49 -14.55 12.93
N ILE D 11 31.76 -13.49 13.69
CA ILE D 11 30.76 -12.51 14.04
C ILE D 11 31.04 -11.22 13.27
N ASP D 12 30.06 -10.78 12.50
CA ASP D 12 30.17 -9.51 11.78
C ASP D 12 29.17 -8.57 12.39
N GLN D 13 29.66 -7.62 13.18
CA GLN D 13 28.80 -6.68 13.88
C GLN D 13 28.70 -5.38 13.03
N GLY D 14 27.68 -5.38 12.17
CA GLY D 14 27.40 -4.30 11.21
C GLY D 14 26.81 -3.03 11.76
N THR D 15 26.63 -2.03 10.91
CA THR D 15 26.05 -0.76 11.31
C THR D 15 24.55 -0.86 11.64
N THR D 16 23.87 -1.76 10.94
CA THR D 16 22.40 -1.98 11.07
C THR D 16 21.96 -3.40 11.51
N SER D 17 22.84 -4.39 11.39
CA SER D 17 22.58 -5.74 11.93
C SER D 17 23.88 -6.47 12.29
N SER D 18 23.76 -7.50 13.12
CA SER D 18 24.86 -8.35 13.51
C SER D 18 24.59 -9.66 12.84
N ARG D 19 25.64 -10.30 12.36
CA ARG D 19 25.51 -11.61 11.79
C ARG D 19 26.53 -12.57 12.38
N ALA D 20 26.12 -13.83 12.48
CA ALA D 20 27.02 -14.88 12.94
C ALA D 20 27.09 -15.86 11.81
N ILE D 21 28.29 -16.26 11.42
CA ILE D 21 28.44 -17.23 10.33
C ILE D 21 29.41 -18.31 10.73
N LEU D 22 29.00 -19.56 10.52
CA LEU D 22 29.87 -20.70 10.76
C LEU D 22 30.55 -21.06 9.44
N PHE D 23 31.82 -21.43 9.51
CA PHE D 23 32.59 -21.82 8.34
C PHE D 23 33.26 -23.13 8.69
N ASN D 24 33.06 -24.14 7.84
CA ASN D 24 33.66 -25.48 8.07
C ASN D 24 35.10 -25.55 7.56
N GLN D 25 35.73 -26.68 7.83
CA GLN D 25 37.12 -26.96 7.45
C GLN D 25 37.47 -26.58 6.00
N LYS D 26 36.46 -26.53 5.13
CA LYS D 26 36.66 -26.26 3.71
C LYS D 26 36.46 -24.79 3.31
N GLY D 27 36.08 -23.95 4.26
CA GLY D 27 35.86 -22.54 3.98
C GLY D 27 34.48 -22.26 3.46
N GLU D 28 33.64 -23.30 3.50
CA GLU D 28 32.24 -23.23 3.10
C GLU D 28 31.41 -22.70 4.28
N ILE D 29 30.37 -21.93 3.98
CA ILE D 29 29.46 -21.38 5.00
C ILE D 29 28.57 -22.50 5.46
N ALA D 30 28.55 -22.77 6.77
CA ALA D 30 27.78 -23.85 7.37
C ALA D 30 26.59 -23.36 8.20
N GLY D 31 26.42 -22.03 8.30
CA GLY D 31 25.31 -21.47 9.07
C GLY D 31 25.34 -19.95 9.07
N VAL D 32 24.16 -19.33 9.06
CA VAL D 32 24.07 -17.88 9.13
C VAL D 32 22.86 -17.50 9.98
N ALA D 33 23.04 -16.48 10.83
CA ALA D 33 21.96 -15.90 11.62
C ALA D 33 22.24 -14.42 11.62
N GLN D 34 21.19 -13.62 11.51
CA GLN D 34 21.31 -12.19 11.49
C GLN D 34 20.22 -11.61 12.35
N ARG D 35 20.53 -10.50 13.01
N ARG D 35 20.54 -10.51 13.04
CA ARG D 35 19.58 -9.81 13.89
CA ARG D 35 19.60 -9.79 13.90
C ARG D 35 19.81 -8.31 13.72
C ARG D 35 19.82 -8.30 13.69
N GLU D 36 18.77 -7.57 13.36
CA GLU D 36 18.84 -6.10 13.19
C GLU D 36 18.73 -5.44 14.56
N PHE D 37 19.25 -4.21 14.70
CA PHE D 37 19.14 -3.46 15.97
C PHE D 37 18.83 -1.99 15.66
N LYS D 38 18.34 -1.24 16.64
CA LYS D 38 17.80 0.09 16.42
C LYS D 38 18.83 1.17 16.07
N GLN D 39 18.44 2.05 15.15
CA GLN D 39 19.25 3.18 14.69
C GLN D 39 18.61 4.41 15.29
N TYR D 40 19.35 5.14 16.13
CA TYR D 40 18.80 6.35 16.74
C TYR D 40 19.30 7.61 16.02
N PHE D 41 18.38 8.48 15.61
CA PHE D 41 18.71 9.77 14.99
C PHE D 41 18.10 10.85 15.89
N PRO D 42 18.76 11.22 16.98
CA PRO D 42 18.14 12.16 17.91
C PRO D 42 17.97 13.57 17.33
N GLN D 43 18.89 13.95 16.45
CA GLN D 43 18.90 15.25 15.78
C GLN D 43 19.34 14.91 14.38
N SER D 44 19.06 15.79 13.42
CA SER D 44 19.44 15.52 12.03
C SER D 44 20.96 15.50 11.96
N GLY D 45 21.48 14.57 11.17
CA GLY D 45 22.91 14.34 11.09
C GLY D 45 23.46 13.35 12.15
N TRP D 46 22.87 13.32 13.35
CA TRP D 46 23.34 12.45 14.42
C TRP D 46 22.89 11.01 14.24
N VAL D 47 23.73 10.10 14.72
CA VAL D 47 23.44 8.68 14.63
C VAL D 47 24.00 8.00 15.86
N GLU D 48 23.17 7.20 16.52
CA GLU D 48 23.61 6.57 17.77
C GLU D 48 23.08 5.16 17.82
N HIS D 49 23.84 4.27 18.48
N HIS D 49 23.82 4.31 18.54
CA HIS D 49 23.39 2.90 18.72
CA HIS D 49 23.39 2.93 18.78
C HIS D 49 23.39 2.63 20.21
C HIS D 49 23.26 2.74 20.27
N ASP D 50 22.56 1.68 20.66
CA ASP D 50 22.52 1.30 22.06
C ASP D 50 23.55 0.15 22.06
N ALA D 51 24.68 0.39 22.73
CA ALA D 51 25.75 -0.60 22.79
C ALA D 51 25.30 -1.90 23.49
N ASN D 52 24.34 -1.80 24.37
CA ASN D 52 23.73 -2.93 25.07
C ASN D 52 22.97 -3.78 24.11
N GLU D 53 22.24 -3.14 23.20
CA GLU D 53 21.49 -3.83 22.17
C GLU D 53 22.41 -4.46 21.17
N ILE D 54 23.54 -3.82 20.83
CA ILE D 54 24.47 -4.45 19.89
C ILE D 54 24.98 -5.76 20.50
N TRP D 55 25.30 -5.70 21.78
CA TRP D 55 25.77 -6.87 22.51
C TRP D 55 24.70 -7.99 22.51
N THR D 56 23.47 -7.63 22.84
CA THR D 56 22.34 -8.60 22.78
C THR D 56 22.19 -9.24 21.40
N SER D 57 22.35 -8.45 20.36
CA SER D 57 22.22 -8.92 18.98
C SER D 57 23.28 -9.95 18.65
N VAL D 58 24.51 -9.74 19.15
CA VAL D 58 25.60 -10.68 18.93
C VAL D 58 25.35 -11.99 19.69
N LEU D 59 24.91 -11.90 20.94
CA LEU D 59 24.54 -13.13 21.68
C LEU D 59 23.44 -13.91 20.94
N ALA D 60 22.46 -13.16 20.42
CA ALA D 60 21.32 -13.73 19.73
C ALA D 60 21.77 -14.49 18.51
N VAL D 61 22.63 -13.90 17.66
CA VAL D 61 23.02 -14.60 16.44
C VAL D 61 23.96 -15.78 16.72
N MSE D 62 24.74 -15.73 17.79
CA MSE D 62 25.56 -16.90 18.11
C MSE D 62 24.66 -18.05 18.54
O MSE D 62 24.83 -19.18 18.12
CB MSE D 62 26.56 -16.59 19.22
CG MSE D 62 27.57 -15.54 18.85
SE MSE D 62 28.95 -15.27 20.26
CE MSE D 62 28.17 -14.33 21.70
N THR D 63 23.66 -17.74 19.35
CA THR D 63 22.72 -18.73 19.86
C THR D 63 21.89 -19.36 18.74
N GLU D 64 21.45 -18.53 17.80
N GLU D 64 21.44 -18.54 17.79
CA GLU D 64 20.66 -18.96 16.67
CA GLU D 64 20.65 -19.04 16.67
C GLU D 64 21.47 -19.83 15.72
C GLU D 64 21.48 -19.86 15.69
N VAL D 65 22.66 -19.36 15.31
CA VAL D 65 23.48 -20.08 14.35
C VAL D 65 23.86 -21.49 14.85
N ILE D 66 24.20 -21.58 16.14
CA ILE D 66 24.51 -22.84 16.82
C ILE D 66 23.33 -23.78 16.79
N ASN D 67 22.27 -23.39 17.52
N ASN D 67 22.23 -23.27 17.30
CA ASN D 67 21.07 -24.21 17.73
CA ASN D 67 21.04 -24.05 17.45
C ASN D 67 20.42 -24.75 16.48
C ASN D 67 20.18 -24.27 16.21
N GLU D 68 20.10 -23.84 15.55
N GLU D 68 20.29 -23.43 15.18
CA GLU D 68 19.37 -24.19 14.32
CA GLU D 68 19.49 -23.69 13.97
C GLU D 68 20.15 -25.15 13.41
C GLU D 68 20.18 -24.75 13.09
N ASN D 69 21.47 -24.99 13.33
CA ASN D 69 22.28 -25.90 12.52
C ASN D 69 22.82 -27.12 13.25
N ASP D 70 22.24 -27.38 14.42
CA ASP D 70 22.54 -28.54 15.24
C ASP D 70 24.04 -28.74 15.43
N VAL D 71 24.70 -27.67 15.88
CA VAL D 71 26.12 -27.70 16.16
C VAL D 71 26.20 -27.35 17.61
N ARG D 72 27.10 -28.03 18.32
CA ARG D 72 27.28 -27.81 19.74
C ARG D 72 28.37 -26.78 19.97
N ALA D 73 28.28 -26.06 21.10
CA ALA D 73 29.29 -25.06 21.46
C ALA D 73 30.69 -25.68 21.53
N ASP D 74 30.78 -26.95 21.92
CA ASP D 74 32.08 -27.63 21.96
C ASP D 74 32.67 -27.96 20.58
N GLN D 75 31.93 -27.72 19.51
CA GLN D 75 32.43 -27.94 18.14
C GLN D 75 33.05 -26.69 17.53
N ILE D 76 33.13 -25.62 18.32
CA ILE D 76 33.65 -24.32 17.87
C ILE D 76 35.11 -24.26 18.28
N ALA D 77 35.99 -24.22 17.29
CA ALA D 77 37.44 -24.23 17.47
C ALA D 77 37.99 -22.83 17.72
N GLY D 78 37.29 -21.81 17.22
CA GLY D 78 37.74 -20.44 17.42
C GLY D 78 36.71 -19.43 16.94
N ILE D 79 36.79 -18.21 17.48
CA ILE D 79 35.88 -17.13 17.12
C ILE D 79 36.60 -15.92 16.52
N GLY D 80 36.19 -15.51 15.33
CA GLY D 80 36.70 -14.30 14.67
C GLY D 80 35.66 -13.18 14.78
N ILE D 81 36.11 -11.98 15.15
CA ILE D 81 35.26 -10.80 15.31
C ILE D 81 35.63 -9.60 14.40
N THR D 82 34.67 -9.20 13.57
N THR D 82 34.65 -9.24 13.57
CA THR D 82 34.82 -8.01 12.70
CA THR D 82 34.65 -8.13 12.59
C THR D 82 33.61 -7.08 12.91
C THR D 82 33.64 -7.05 13.04
N ASN D 83 33.82 -5.80 12.63
CA ASN D 83 32.88 -4.73 13.00
C ASN D 83 32.91 -3.37 12.26
N GLN D 84 31.77 -2.69 12.31
CA GLN D 84 31.62 -1.30 11.85
C GLN D 84 32.71 -0.55 12.60
N ARG D 85 33.45 0.32 11.91
CA ARG D 85 34.56 0.96 12.57
C ARG D 85 34.13 2.28 13.22
N GLU D 86 35.07 2.92 13.87
CA GLU D 86 34.92 4.24 14.51
C GLU D 86 33.92 4.40 15.62
N THR D 87 32.76 3.73 15.45
CA THR D 87 31.71 3.72 16.43
C THR D 87 32.34 3.58 17.79
N THR D 88 31.89 4.39 18.74
CA THR D 88 32.59 4.50 19.99
C THR D 88 31.70 4.23 21.16
N VAL D 89 32.20 3.33 22.02
CA VAL D 89 31.54 3.03 23.27
C VAL D 89 32.38 3.53 24.44
N VAL D 90 31.74 4.04 25.47
CA VAL D 90 32.43 4.41 26.70
C VAL D 90 31.63 3.76 27.81
N TRP D 91 32.30 2.93 28.60
CA TRP D 91 31.62 2.21 29.66
C TRP D 91 32.33 2.19 31.00
N ASP D 92 31.57 1.99 32.07
CA ASP D 92 32.09 1.82 33.42
C ASP D 92 32.72 0.42 33.47
N LYS D 93 33.99 0.38 33.88
CA LYS D 93 34.81 -0.81 33.91
C LYS D 93 34.26 -1.82 34.90
N HIS D 94 33.77 -1.32 36.02
CA HIS D 94 33.30 -2.16 37.10
C HIS D 94 31.92 -2.76 36.80
N THR D 95 31.03 -1.98 36.18
CA THR D 95 29.68 -2.45 35.84
C THR D 95 29.60 -3.06 34.45
N GLY D 96 30.40 -2.55 33.53
CA GLY D 96 30.37 -3.01 32.15
C GLY D 96 29.22 -2.36 31.40
N ARG D 97 28.63 -1.32 31.97
CA ARG D 97 27.50 -0.63 31.35
C ARG D 97 28.02 0.60 30.64
N PRO D 98 27.63 0.82 29.38
CA PRO D 98 28.01 2.08 28.74
C PRO D 98 27.41 3.25 29.51
N ILE D 99 28.07 4.41 29.49
CA ILE D 99 27.59 5.59 30.19
C ILE D 99 26.79 6.46 29.24
N TYR D 100 26.87 6.13 27.96
CA TYR D 100 26.10 6.79 26.92
C TYR D 100 25.86 5.85 25.73
N HIS D 101 24.96 6.24 24.83
CA HIS D 101 24.81 5.52 23.60
C HIS D 101 26.15 5.37 22.93
N ALA D 102 26.23 4.48 21.96
CA ALA D 102 27.41 4.42 21.16
C ALA D 102 27.20 5.55 20.18
N ILE D 103 28.24 6.35 19.94
CA ILE D 103 28.20 7.37 18.89
C ILE D 103 28.68 6.60 17.59
N VAL D 104 27.88 6.49 16.55
CA VAL D 104 28.20 5.69 15.33
C VAL D 104 29.14 6.52 14.48
N TRP D 105 29.83 5.83 13.60
CA TRP D 105 30.77 6.45 12.75
C TRP D 105 30.14 7.50 11.90
N GLN D 106 28.92 7.24 11.48
CA GLN D 106 28.17 8.14 10.62
C GLN D 106 27.83 9.47 11.29
N SER D 107 27.63 9.44 12.60
CA SER D 107 27.15 10.61 13.31
C SER D 107 28.03 11.88 13.10
N ARG D 108 27.35 12.99 12.93
CA ARG D 108 27.91 14.29 12.73
C ARG D 108 27.88 15.03 14.09
N GLN D 109 27.50 14.37 15.17
CA GLN D 109 27.29 15.15 16.44
C GLN D 109 28.52 15.81 17.06
N THR D 110 29.70 15.38 16.64
CA THR D 110 30.98 15.91 17.16
C THR D 110 31.53 17.01 16.27
N GLN D 111 30.74 17.49 15.32
CA GLN D 111 31.16 18.58 14.41
C GLN D 111 31.82 19.77 15.12
N SER D 112 31.19 20.25 16.19
CA SER D 112 31.73 21.43 16.89
C SER D 112 33.13 21.20 17.48
N ILE D 113 33.39 19.98 17.95
CA ILE D 113 34.72 19.60 18.43
C ILE D 113 35.78 19.60 17.32
N CYS D 114 35.47 18.92 16.20
CA CYS D 114 36.36 18.93 15.05
C CYS D 114 36.60 20.37 14.58
N SER D 115 35.52 21.17 14.41
CA SER D 115 35.70 22.57 13.96
C SER D 115 36.60 23.39 14.90
N GLU D 116 36.46 23.21 16.21
CA GLU D 116 37.28 23.98 17.15
C GLU D 116 38.76 23.61 16.97
N LEU D 117 39.04 22.31 16.94
CA LEU D 117 40.41 21.82 16.73
C LEU D 117 41.03 22.26 15.38
N LYS D 118 40.20 22.37 14.34
N LYS D 118 40.21 22.38 14.34
CA LYS D 118 40.66 22.85 13.06
CA LYS D 118 40.68 22.87 13.04
C LYS D 118 41.04 24.31 13.13
C LYS D 118 41.07 24.31 13.18
N GLN D 119 40.18 25.06 13.83
CA GLN D 119 40.37 26.48 14.07
C GLN D 119 41.63 26.76 14.88
N GLN D 120 42.00 25.81 15.74
CA GLN D 120 43.21 25.93 16.56
C GLN D 120 44.48 25.53 15.78
N GLY D 121 44.30 24.99 14.57
CA GLY D 121 45.39 24.71 13.64
C GLY D 121 45.99 23.32 13.67
N TYR D 122 45.22 22.36 14.15
CA TYR D 122 45.74 21.02 14.42
C TYR D 122 45.44 19.95 13.37
N GLU D 123 44.68 20.26 12.31
CA GLU D 123 44.32 19.22 11.32
C GLU D 123 45.58 18.53 10.73
N GLN D 124 46.60 19.29 10.33
N GLN D 124 46.56 19.32 10.37
CA GLN D 124 47.79 18.67 9.72
CA GLN D 124 47.81 18.82 9.80
C GLN D 124 48.47 17.64 10.64
C GLN D 124 48.45 17.71 10.62
N THR D 125 48.53 17.94 11.93
CA THR D 125 49.17 17.01 12.90
C THR D 125 48.35 15.71 12.97
N PHE D 126 47.04 15.85 12.97
CA PHE D 126 46.16 14.67 12.87
C PHE D 126 46.39 13.93 11.54
N ARG D 127 46.54 14.68 10.45
CA ARG D 127 46.69 14.01 9.17
C ARG D 127 47.99 13.27 9.15
N ASP D 128 49.04 13.96 9.60
CA ASP D 128 50.41 13.47 9.52
C ASP D 128 50.63 12.25 10.38
N LYS D 129 49.98 12.23 11.53
CA LYS D 129 50.17 11.12 12.47
C LYS D 129 49.24 9.94 12.30
N THR D 130 48.03 10.18 11.79
CA THR D 130 46.98 9.14 11.72
C THR D 130 46.52 8.73 10.34
N GLY D 131 46.83 9.53 9.30
CA GLY D 131 46.39 9.24 7.95
C GLY D 131 44.92 9.53 7.74
N LEU D 132 44.34 10.28 8.70
CA LEU D 132 42.94 10.64 8.67
C LEU D 132 42.78 12.18 8.58
N LEU D 133 41.65 12.71 9.06
CA LEU D 133 41.29 14.14 8.95
C LEU D 133 40.45 14.51 10.15
N LEU D 134 40.27 15.81 10.43
CA LEU D 134 39.38 16.24 11.58
C LEU D 134 37.91 16.27 11.14
N ASP D 135 37.39 15.07 10.95
CA ASP D 135 36.02 14.87 10.54
C ASP D 135 35.28 14.12 11.64
N PRO D 136 33.96 14.37 11.81
CA PRO D 136 33.22 13.62 12.85
C PRO D 136 33.24 12.13 12.69
N TYR D 137 33.67 11.63 11.52
CA TYR D 137 33.69 10.19 11.24
C TYR D 137 34.47 9.37 12.30
N PHE D 138 35.64 9.84 12.73
CA PHE D 138 36.53 9.02 13.57
C PHE D 138 36.26 9.07 15.10
N ALA D 139 36.74 8.06 15.84
CA ALA D 139 36.42 7.88 17.24
C ALA D 139 36.73 8.99 18.22
N GLY D 140 37.87 9.64 17.99
CA GLY D 140 38.42 10.61 18.89
C GLY D 140 37.51 11.64 19.50
N THR D 141 36.91 12.41 18.60
CA THR D 141 36.03 13.49 19.03
C THR D 141 34.78 12.93 19.71
N LYS D 142 34.47 11.65 19.43
CA LYS D 142 33.33 10.98 20.05
C LYS D 142 33.64 10.71 21.52
N VAL D 143 34.91 10.36 21.81
CA VAL D 143 35.30 10.10 23.17
C VAL D 143 35.21 11.44 23.88
N LYS D 144 35.85 12.46 23.33
CA LYS D 144 35.80 13.79 23.93
C LYS D 144 34.35 14.26 24.11
N TRP D 145 33.53 14.09 23.08
CA TRP D 145 32.12 14.43 23.18
C TRP D 145 31.49 13.81 24.42
N ILE D 146 31.73 12.51 24.63
CA ILE D 146 31.13 11.81 25.78
C ILE D 146 31.64 12.42 27.10
N LEU D 147 32.95 12.58 27.21
CA LEU D 147 33.57 13.14 28.42
C LEU D 147 33.13 14.58 28.69
N ASP D 148 32.93 15.37 27.65
CA ASP D 148 32.50 16.77 27.85
C ASP D 148 30.99 16.96 28.06
N ASN D 149 30.20 16.09 27.44
CA ASN D 149 28.75 16.23 27.43
C ASN D 149 27.93 15.35 28.36
N VAL D 150 28.46 14.22 28.82
CA VAL D 150 27.69 13.36 29.72
C VAL D 150 27.97 13.73 31.19
N GLU D 151 26.92 14.14 31.93
N GLU D 151 26.94 14.16 31.92
CA GLU D 151 27.06 14.50 33.35
CA GLU D 151 27.09 14.53 33.33
C GLU D 151 27.87 13.46 34.14
C GLU D 151 27.86 13.48 34.14
N GLY D 152 28.92 13.90 34.83
CA GLY D 152 29.74 12.99 35.66
C GLY D 152 30.82 12.18 34.94
N ALA D 153 30.79 12.19 33.60
CA ALA D 153 31.75 11.47 32.77
C ALA D 153 33.19 11.88 33.08
N ARG D 154 33.49 13.16 33.00
CA ARG D 154 34.88 13.54 33.18
C ARG D 154 35.45 13.19 34.54
N GLU D 155 34.63 13.28 35.60
CA GLU D 155 35.08 12.91 36.93
C GLU D 155 35.35 11.38 36.98
N LYS D 156 34.49 10.60 36.33
CA LYS D 156 34.67 9.14 36.21
C LYS D 156 35.96 8.78 35.46
N ALA D 157 36.21 9.45 34.34
CA ALA D 157 37.40 9.19 33.54
C ALA D 157 38.70 9.58 34.29
N GLU D 158 38.66 10.69 35.02
CA GLU D 158 39.87 11.10 35.74
C GLU D 158 40.06 10.31 37.04
N ASN D 159 39.06 9.54 37.43
CA ASN D 159 39.16 8.66 38.59
C ASN D 159 39.44 7.20 38.17
N GLY D 160 39.74 6.98 36.89
CA GLY D 160 40.05 5.65 36.41
C GLY D 160 38.87 4.68 36.34
N ASP D 161 37.64 5.19 36.41
CA ASP D 161 36.45 4.35 36.30
C ASP D 161 36.06 3.95 34.88
N LEU D 162 36.49 4.71 33.86
CA LEU D 162 36.00 4.44 32.50
C LEU D 162 36.95 3.78 31.56
N LEU D 163 36.36 3.11 30.56
CA LEU D 163 37.07 2.48 29.44
C LEU D 163 36.50 2.84 28.08
N PHE D 164 37.39 2.92 27.11
CA PHE D 164 37.01 3.22 25.78
C PHE D 164 37.20 2.05 24.87
N GLY D 165 36.36 1.96 23.83
CA GLY D 165 36.57 0.99 22.79
C GLY D 165 35.70 1.21 21.58
N THR D 166 36.24 0.77 20.44
CA THR D 166 35.48 0.60 19.22
C THR D 166 34.72 -0.75 19.35
N ILE D 167 33.88 -1.09 18.38
CA ILE D 167 32.98 -2.29 18.50
C ILE D 167 33.71 -3.62 18.75
N ASP D 168 34.80 -3.89 18.03
CA ASP D 168 35.66 -5.07 18.29
C ASP D 168 36.05 -5.15 19.75
N THR D 169 36.53 -4.03 20.29
CA THR D 169 36.97 -3.93 21.68
C THR D 169 35.83 -4.22 22.64
N TRP D 170 34.69 -3.57 22.42
CA TRP D 170 33.49 -3.79 23.22
C TRP D 170 33.12 -5.26 23.24
N LEU D 171 33.11 -5.89 22.07
CA LEU D 171 32.67 -7.28 21.97
C LEU D 171 33.64 -8.24 22.60
N VAL D 172 34.94 -8.03 22.39
CA VAL D 172 35.94 -8.94 22.92
C VAL D 172 35.95 -8.82 24.44
N TRP D 173 35.82 -7.61 24.90
CA TRP D 173 35.79 -7.39 26.33
C TRP D 173 34.60 -8.05 26.98
N LYS D 174 33.41 -7.90 26.39
CA LYS D 174 32.18 -8.48 27.00
C LYS D 174 32.19 -10.00 26.88
N LEU D 175 32.55 -10.50 25.71
CA LEU D 175 32.60 -11.93 25.46
C LEU D 175 33.62 -12.71 26.28
N SER D 176 34.75 -12.07 26.57
CA SER D 176 35.80 -12.65 27.37
C SER D 176 35.57 -12.45 28.87
N GLY D 177 34.47 -11.83 29.24
CA GLY D 177 34.13 -11.60 30.63
C GLY D 177 35.05 -10.60 31.30
N LYS D 178 35.37 -9.55 30.54
CA LYS D 178 36.24 -8.46 30.97
C LYS D 178 37.72 -8.84 30.99
N ALA D 179 38.10 -9.97 30.39
CA ALA D 179 39.48 -10.42 30.47
C ALA D 179 40.43 -9.72 29.51
N ALA D 180 39.95 -9.36 28.34
CA ALA D 180 40.78 -8.77 27.33
C ALA D 180 40.22 -7.43 26.86
N HIS D 181 41.03 -6.39 27.01
CA HIS D 181 40.64 -5.05 26.57
C HIS D 181 41.63 -4.73 25.48
N ILE D 182 41.26 -5.14 24.27
CA ILE D 182 42.17 -5.07 23.14
C ILE D 182 41.56 -4.54 21.85
N THR D 183 42.43 -4.24 20.90
CA THR D 183 41.98 -3.89 19.57
C THR D 183 43.10 -4.30 18.64
N ASP D 184 42.80 -4.51 17.37
CA ASP D 184 43.88 -4.80 16.44
C ASP D 184 44.38 -3.45 15.82
N TYR D 185 45.42 -3.51 15.00
CA TYR D 185 46.00 -2.33 14.37
C TYR D 185 45.02 -1.59 13.47
N SER D 186 44.31 -2.32 12.61
CA SER D 186 43.25 -1.71 11.76
C SER D 186 42.19 -0.90 12.53
N ASN D 187 41.60 -1.48 13.57
CA ASN D 187 40.60 -0.74 14.34
C ASN D 187 41.20 0.51 15.04
N ALA D 188 42.40 0.36 15.61
CA ALA D 188 43.06 1.46 16.30
C ALA D 188 43.37 2.63 15.36
N SER D 189 43.70 2.24 14.13
CA SER D 189 44.08 3.22 13.15
C SER D 189 42.94 4.16 12.76
N ARG D 190 41.69 3.85 13.14
CA ARG D 190 40.54 4.68 12.80
C ARG D 190 40.08 5.58 13.97
N THR D 191 40.88 5.65 15.01
CA THR D 191 40.48 6.35 16.25
C THR D 191 40.89 7.78 16.36
N LEU D 192 41.78 8.23 15.50
CA LEU D 192 42.39 9.56 15.58
C LEU D 192 43.25 9.70 16.83
N MSE D 193 43.51 8.59 17.55
CA MSE D 193 44.36 8.66 18.74
C MSE D 193 45.63 7.80 18.54
O MSE D 193 46.54 7.87 19.35
CB MSE D 193 43.58 8.17 20.00
CG MSE D 193 42.03 8.04 19.97
SE MSE D 193 41.30 8.57 21.80
CE MSE D 193 40.87 10.45 21.44
N PHE D 194 45.71 7.07 17.43
CA PHE D 194 46.78 6.10 17.20
C PHE D 194 47.65 6.56 16.06
N ASN D 195 48.95 6.59 16.31
CA ASN D 195 49.91 6.98 15.30
C ASN D 195 50.24 5.76 14.44
N ILE D 196 49.97 5.83 13.16
CA ILE D 196 50.14 4.66 12.28
C ILE D 196 51.53 4.47 11.76
N HIS D 197 52.39 5.45 12.01
CA HIS D 197 53.74 5.37 11.59
C HIS D 197 54.55 4.71 12.72
N ASP D 198 54.40 5.22 13.95
CA ASP D 198 55.11 4.67 15.10
C ASP D 198 54.34 3.48 15.70
N LEU D 199 53.11 3.26 15.23
CA LEU D 199 52.25 2.18 15.72
C LEU D 199 52.04 2.26 17.22
N GLU D 200 51.55 3.39 17.71
N GLU D 200 51.57 3.39 17.71
CA GLU D 200 51.29 3.56 19.14
CA GLU D 200 51.26 3.54 19.14
C GLU D 200 50.30 4.69 19.44
C GLU D 200 50.30 4.69 19.44
N TRP D 201 49.62 4.57 20.58
CA TRP D 201 48.73 5.63 21.08
C TRP D 201 49.60 6.89 21.14
N ASP D 202 49.11 7.98 20.57
CA ASP D 202 49.93 9.18 20.46
C ASP D 202 49.60 10.18 21.59
N ASP D 203 50.56 10.45 22.44
CA ASP D 203 50.34 11.36 23.58
C ASP D 203 49.78 12.73 23.20
N GLU D 204 50.32 13.35 22.14
CA GLU D 204 49.89 14.70 21.73
C GLU D 204 48.40 14.73 21.33
N LEU D 205 48.01 13.71 20.56
CA LEU D 205 46.61 13.58 20.10
C LEU D 205 45.67 13.36 21.29
N LEU D 206 46.04 12.52 22.22
CA LEU D 206 45.24 12.35 23.43
C LEU D 206 45.08 13.65 24.23
N GLU D 207 46.16 14.41 24.36
CA GLU D 207 46.12 15.70 25.05
C GLU D 207 45.19 16.61 24.30
N LEU D 208 45.31 16.63 22.97
CA LEU D 208 44.47 17.50 22.15
C LEU D 208 43.02 17.06 22.25
N LEU D 209 42.76 15.76 22.35
CA LEU D 209 41.39 15.31 22.44
C LEU D 209 40.90 15.20 23.88
N THR D 210 41.74 15.57 24.86
CA THR D 210 41.38 15.46 26.30
C THR D 210 40.90 14.06 26.72
N VAL D 211 41.58 13.05 26.21
CA VAL D 211 41.27 11.65 26.52
C VAL D 211 42.39 11.06 27.37
N PRO D 212 42.09 10.64 28.61
CA PRO D 212 43.16 10.06 29.42
C PRO D 212 43.54 8.69 28.91
N LYS D 213 44.82 8.37 29.02
CA LYS D 213 45.36 7.13 28.46
C LYS D 213 44.84 5.90 29.18
N ASN D 214 44.41 6.06 30.44
CA ASN D 214 43.86 4.97 31.23
C ASN D 214 42.58 4.32 30.66
N MSE D 215 42.00 4.94 29.64
N MSE D 215 41.97 4.92 29.64
CA MSE D 215 40.79 4.44 28.98
CA MSE D 215 40.78 4.35 29.01
C MSE D 215 41.06 3.55 27.76
C MSE D 215 41.07 3.50 27.77
O MSE D 215 40.21 2.78 27.35
O MSE D 215 40.22 2.74 27.34
CB MSE D 215 39.92 5.61 28.54
CB MSE D 215 39.81 5.45 28.58
CG MSE D 215 39.54 6.54 29.69
CG MSE D 215 40.27 6.21 27.37
SE MSE D 215 38.27 7.87 29.11
SE MSE D 215 39.03 7.56 26.72
CE MSE D 215 39.01 8.39 27.41
CE MSE D 215 38.45 8.32 28.42
N LEU D 216 42.26 3.63 27.21
CA LEU D 216 42.61 2.91 25.98
C LEU D 216 42.93 1.41 26.08
N PRO D 217 42.59 0.63 25.02
CA PRO D 217 42.93 -0.79 25.02
C PRO D 217 44.35 -0.99 24.57
N GLU D 218 44.80 -2.25 24.60
CA GLU D 218 46.10 -2.62 24.12
C GLU D 218 45.93 -2.99 22.67
N VAL D 219 46.81 -2.46 21.83
CA VAL D 219 46.72 -2.67 20.40
C VAL D 219 47.49 -3.90 20.05
N LYS D 220 46.88 -4.80 19.29
N LYS D 220 46.84 -4.80 19.32
CA LYS D 220 47.54 -6.05 18.94
CA LYS D 220 47.38 -6.12 18.96
C LYS D 220 47.34 -6.42 17.50
C LYS D 220 47.38 -6.40 17.47
N ALA D 221 47.97 -7.53 17.11
CA ALA D 221 47.89 -8.04 15.75
C ALA D 221 46.46 -8.44 15.50
N SER D 222 46.17 -8.73 14.24
CA SER D 222 44.81 -9.03 13.81
C SER D 222 44.51 -10.52 13.87
N SER D 223 45.57 -11.32 13.98
CA SER D 223 45.40 -12.76 14.11
C SER D 223 46.20 -13.16 15.34
N GLU D 224 45.50 -13.49 16.43
CA GLU D 224 46.15 -13.87 17.69
C GLU D 224 45.11 -14.36 18.71
N VAL D 225 45.43 -15.39 19.49
CA VAL D 225 44.47 -15.80 20.54
C VAL D 225 44.52 -14.69 21.59
N TYR D 226 43.44 -13.92 21.67
CA TYR D 226 43.36 -12.83 22.64
C TYR D 226 42.85 -13.28 23.99
N GLY D 227 42.20 -14.43 24.00
CA GLY D 227 41.57 -14.98 25.20
C GLY D 227 40.57 -16.04 24.80
N LYS D 228 39.67 -16.36 25.74
CA LYS D 228 38.64 -17.37 25.56
CA LYS D 228 38.63 -17.34 25.48
C LYS D 228 37.31 -16.81 26.00
N THR D 229 36.23 -17.35 25.47
CA THR D 229 34.93 -16.90 25.92
C THR D 229 34.78 -17.23 27.39
N ILE D 230 34.19 -16.31 28.15
CA ILE D 230 33.78 -16.60 29.52
C ILE D 230 32.62 -17.61 29.36
N ASP D 231 32.60 -18.65 30.19
CA ASP D 231 31.66 -19.75 29.98
C ASP D 231 30.19 -19.36 29.87
N TYR D 232 29.71 -18.42 30.69
CA TYR D 232 28.30 -18.02 30.63
C TYR D 232 27.84 -17.25 29.39
N HIS D 233 28.77 -16.79 28.53
CA HIS D 233 28.42 -16.19 27.24
C HIS D 233 28.68 -17.17 26.07
N PHE D 234 29.08 -18.40 26.37
CA PHE D 234 29.24 -19.41 25.30
C PHE D 234 28.81 -20.82 25.69
N TYR D 235 27.63 -20.91 26.32
CA TYR D 235 26.97 -22.21 26.58
C TYR D 235 27.79 -23.17 27.43
N GLY D 236 28.57 -22.60 28.32
CA GLY D 236 29.43 -23.31 29.23
C GLY D 236 30.81 -23.66 28.71
N GLN D 237 31.13 -23.21 27.49
CA GLN D 237 32.38 -23.50 26.84
C GLN D 237 33.27 -22.30 26.84
N GLU D 238 34.57 -22.55 26.85
CA GLU D 238 35.58 -21.50 26.86
C GLU D 238 36.39 -21.63 25.57
N VAL D 239 35.87 -20.95 24.55
CA VAL D 239 36.35 -21.02 23.19
C VAL D 239 37.32 -19.88 22.85
N PRO D 240 38.38 -20.17 22.08
CA PRO D 240 39.33 -19.10 21.78
C PRO D 240 38.75 -18.03 20.86
N ILE D 241 39.02 -16.77 21.20
CA ILE D 241 38.63 -15.59 20.44
C ILE D 241 39.98 -15.22 19.79
N ALA D 242 40.11 -15.45 18.49
CA ALA D 242 41.42 -15.41 17.85
C ALA D 242 41.61 -14.54 16.62
N GLY D 243 40.62 -13.73 16.27
CA GLY D 243 40.73 -12.80 15.12
C GLY D 243 39.91 -11.54 15.33
N VAL D 244 40.49 -10.39 15.01
CA VAL D 244 39.83 -9.09 15.12
C VAL D 244 40.37 -8.20 14.00
N ALA D 245 39.46 -7.66 13.21
CA ALA D 245 39.84 -6.74 12.13
C ALA D 245 38.69 -5.80 11.87
N GLY D 246 38.98 -4.58 11.47
CA GLY D 246 37.90 -3.67 11.05
C GLY D 246 37.19 -4.38 9.91
N ASP D 247 35.89 -4.15 9.78
CA ASP D 247 35.12 -4.87 8.75
C ASP D 247 35.62 -4.68 7.32
N GLN D 248 35.95 -3.44 6.97
CA GLN D 248 36.42 -3.15 5.63
C GLN D 248 37.79 -3.76 5.43
N GLN D 249 38.64 -3.73 6.47
CA GLN D 249 39.91 -4.36 6.35
C GLN D 249 39.71 -5.88 6.33
N ALA D 250 38.80 -6.39 7.15
CA ALA D 250 38.48 -7.81 7.14
C ALA D 250 38.07 -8.27 5.73
N ALA D 251 37.27 -7.45 5.05
CA ALA D 251 36.80 -7.77 3.69
C ALA D 251 37.98 -7.76 2.73
N LEU D 252 38.87 -6.79 2.93
CA LEU D 252 40.08 -6.70 2.13
C LEU D 252 40.78 -8.03 2.22
N PHE D 253 41.03 -8.50 3.45
CA PHE D 253 41.72 -9.79 3.65
C PHE D 253 40.91 -10.96 3.06
N GLY D 254 39.58 -10.93 3.14
CA GLY D 254 38.70 -12.02 2.63
C GLY D 254 38.59 -12.14 1.12
N GLN D 255 38.95 -11.05 0.43
CA GLN D 255 39.04 -10.97 -1.04
C GLN D 255 40.47 -11.31 -1.54
N ALA D 256 41.30 -11.88 -0.67
CA ALA D 256 42.68 -12.24 -0.99
C ALA D 256 43.55 -11.07 -1.46
N CYS D 257 43.15 -9.84 -1.16
CA CYS D 257 43.94 -8.67 -1.52
C CYS D 257 45.10 -8.51 -0.54
N PHE D 258 46.10 -9.40 -0.65
CA PHE D 258 47.21 -9.39 0.32
C PHE D 258 48.44 -8.58 -0.06
N GLU D 259 48.56 -8.25 -1.35
N GLU D 259 48.53 -8.23 -1.34
CA GLU D 259 49.73 -7.57 -1.87
CA GLU D 259 49.68 -7.57 -1.92
C GLU D 259 49.47 -6.15 -2.33
C GLU D 259 49.46 -6.13 -2.33
N ARG D 260 50.58 -5.42 -2.46
CA ARG D 260 50.58 -4.00 -2.84
C ARG D 260 49.79 -3.83 -4.14
N GLY D 261 48.82 -2.90 -4.11
CA GLY D 261 48.05 -2.57 -5.29
C GLY D 261 46.69 -3.23 -5.44
N ASP D 262 46.46 -4.30 -4.66
CA ASP D 262 45.24 -5.08 -4.74
C ASP D 262 44.11 -4.32 -4.05
N VAL D 263 43.01 -4.23 -4.77
CA VAL D 263 41.87 -3.44 -4.36
C VAL D 263 40.55 -4.19 -4.41
N LYS D 264 39.64 -3.78 -3.53
CA LYS D 264 38.26 -4.27 -3.55
C LYS D 264 37.33 -3.12 -3.14
N ASN D 265 36.07 -3.28 -3.51
CA ASN D 265 35.03 -2.35 -3.06
C ASN D 265 33.91 -3.12 -2.37
N THR D 266 33.56 -2.65 -1.17
CA THR D 266 32.46 -3.24 -0.43
C THR D 266 31.29 -2.28 -0.47
N TYR D 267 30.12 -2.81 -0.85
CA TYR D 267 28.89 -2.01 -0.88
C TYR D 267 28.01 -2.48 0.28
N GLY D 268 27.99 -1.75 1.38
CA GLY D 268 27.10 -2.11 2.53
C GLY D 268 26.40 -0.85 3.01
N THR D 269 26.21 -0.69 4.32
CA THR D 269 25.61 0.57 4.81
C THR D 269 26.36 1.72 4.10
N GLY D 270 27.70 1.72 4.15
CA GLY D 270 28.53 2.69 3.41
C GLY D 270 29.23 1.97 2.27
N GLY D 271 30.03 2.70 1.49
CA GLY D 271 30.78 2.10 0.39
C GLY D 271 32.24 2.37 0.65
N PHE D 272 33.05 1.33 0.60
CA PHE D 272 34.44 1.48 1.00
C PHE D 272 35.33 0.70 0.05
N MSE D 273 36.21 1.43 -0.67
CA MSE D 273 37.20 0.84 -1.57
C MSE D 273 38.57 0.95 -0.90
O MSE D 273 39.03 2.07 -0.61
CB MSE D 273 37.28 1.57 -2.90
CG MSE D 273 38.13 0.85 -3.95
SE MSE D 273 38.21 1.96 -5.55
CE MSE D 273 36.29 2.07 -5.87
N LEU D 274 39.21 -0.20 -0.67
CA LEU D 274 40.52 -0.23 -0.03
C LEU D 274 41.52 -0.93 -0.95
N MSE D 275 42.71 -0.34 -1.06
CA MSE D 275 43.82 -0.92 -1.81
C MSE D 275 44.94 -1.22 -0.83
O MSE D 275 45.33 -0.37 0.02
CB MSE D 275 44.33 0.06 -2.87
CG MSE D 275 45.46 -0.50 -3.72
SE MSE D 275 46.32 0.95 -4.71
CE MSE D 275 46.68 2.16 -3.22
N ASN D 276 45.44 -2.45 -0.89
CA ASN D 276 46.56 -2.81 -0.02
C ASN D 276 47.81 -2.10 -0.59
N THR D 277 48.62 -1.48 0.28
CA THR D 277 49.86 -0.82 -0.14
C THR D 277 51.06 -1.49 0.54
N GLY D 278 50.86 -2.74 0.94
CA GLY D 278 51.92 -3.53 1.57
C GLY D 278 52.55 -2.93 2.83
N ASP D 279 53.88 -3.10 2.90
CA ASP D 279 54.64 -2.68 4.07
C ASP D 279 54.78 -1.18 4.30
N LYS D 280 54.31 -0.34 3.35
CA LYS D 280 54.48 1.11 3.46
C LYS D 280 53.18 1.94 3.36
N ALA D 281 53.11 2.98 4.19
CA ALA D 281 52.00 3.92 4.22
C ALA D 281 52.10 4.85 3.02
N VAL D 282 51.01 5.06 2.29
CA VAL D 282 51.01 5.98 1.16
C VAL D 282 50.20 7.23 1.56
N LYS D 283 50.74 8.42 1.28
CA LYS D 283 50.04 9.65 1.60
C LYS D 283 49.12 9.94 0.41
N SER D 284 47.92 10.43 0.70
CA SER D 284 46.92 10.80 -0.32
C SER D 284 46.79 12.32 -0.46
N GLU D 285 46.72 12.78 -1.71
CA GLU D 285 46.45 14.19 -2.01
C GLU D 285 45.16 14.29 -2.84
N SER D 286 44.34 13.24 -2.84
CA SER D 286 43.07 13.21 -3.57
C SER D 286 41.85 12.94 -2.68
N GLY D 287 42.03 12.95 -1.36
CA GLY D 287 40.91 12.68 -0.43
C GLY D 287 40.76 11.22 0.04
N LEU D 288 41.79 10.40 -0.11
CA LEU D 288 41.74 9.01 0.42
C LEU D 288 42.39 9.02 1.80
N LEU D 289 41.99 8.08 2.66
CA LEU D 289 42.61 7.94 4.00
C LEU D 289 43.82 7.03 3.90
N THR D 290 44.83 7.31 4.75
CA THR D 290 45.94 6.42 4.91
C THR D 290 45.59 5.57 6.15
N THR D 291 45.59 4.26 5.99
CA THR D 291 45.13 3.41 7.12
C THR D 291 45.94 2.09 7.23
N ILE D 292 45.69 1.35 8.30
CA ILE D 292 46.30 0.06 8.51
C ILE D 292 45.34 -1.04 8.04
N ALA D 293 45.85 -1.94 7.21
CA ALA D 293 45.10 -3.09 6.70
C ALA D 293 44.90 -4.17 7.74
N TYR D 294 46.03 -4.63 8.29
CA TYR D 294 46.01 -5.69 9.31
C TYR D 294 47.41 -5.93 9.81
N GLY D 295 47.49 -6.69 10.90
CA GLY D 295 48.74 -7.19 11.45
C GLY D 295 48.63 -8.72 11.46
N ILE D 296 49.52 -9.38 10.72
CA ILE D 296 49.56 -10.84 10.61
C ILE D 296 51.05 -11.22 10.43
N ASP D 297 51.44 -12.31 11.08
CA ASP D 297 52.80 -12.87 11.03
C ASP D 297 53.78 -11.81 11.57
N GLY D 298 54.86 -11.50 10.89
CA GLY D 298 55.71 -10.48 11.49
C GLY D 298 55.25 -9.05 11.28
N LYS D 299 54.23 -8.86 10.45
CA LYS D 299 54.04 -7.54 9.86
C LYS D 299 52.72 -6.82 9.94
N VAL D 300 52.85 -5.55 9.55
CA VAL D 300 51.76 -4.61 9.44
C VAL D 300 51.74 -4.10 8.01
N ASN D 301 50.61 -4.35 7.35
CA ASN D 301 50.34 -3.86 6.01
C ASN D 301 49.51 -2.62 6.12
N TYR D 302 49.63 -1.77 5.12
CA TYR D 302 48.87 -0.55 5.11
C TYR D 302 47.87 -0.54 3.95
N ALA D 303 46.92 0.38 4.01
CA ALA D 303 46.01 0.57 2.87
C ALA D 303 45.64 2.04 2.64
N LEU D 304 45.20 2.31 1.41
CA LEU D 304 44.55 3.56 1.02
C LEU D 304 43.06 3.23 0.91
N GLU D 305 42.26 4.16 1.41
CA GLU D 305 40.83 3.94 1.45
C GLU D 305 39.99 5.13 0.97
N GLY D 306 38.98 4.78 0.16
CA GLY D 306 37.90 5.70 -0.27
C GLY D 306 36.63 5.38 0.53
N SER D 307 36.15 6.37 1.30
CA SER D 307 35.03 6.23 2.23
C SER D 307 33.76 6.95 1.76
N ILE D 308 32.68 6.18 1.61
CA ILE D 308 31.38 6.68 1.16
C ILE D 308 30.42 6.36 2.27
N PHE D 309 29.93 7.38 2.96
CA PHE D 309 29.09 7.16 4.11
C PHE D 309 27.74 6.43 3.86
N VAL D 310 27.09 6.68 2.74
CA VAL D 310 25.77 6.08 2.47
C VAL D 310 25.77 5.43 1.09
N SER D 311 25.84 4.11 1.05
CA SER D 311 25.81 3.35 -0.19
C SER D 311 24.53 2.54 -0.14
N GLY D 312 24.58 1.32 0.39
CA GLY D 312 23.40 0.42 0.53
C GLY D 312 22.35 1.01 1.47
N SER D 313 22.80 1.83 2.41
CA SER D 313 21.95 2.56 3.34
C SER D 313 20.91 3.43 2.56
N ALA D 314 21.24 3.83 1.32
CA ALA D 314 20.35 4.64 0.49
C ALA D 314 19.13 3.84 0.06
N ILE D 315 19.36 2.60 -0.33
CA ILE D 315 18.29 1.71 -0.74
C ILE D 315 17.35 1.28 0.40
N GLN D 316 17.94 1.10 1.57
CA GLN D 316 17.20 0.72 2.75
C GLN D 316 16.32 1.90 3.16
N TRP D 317 16.77 3.11 2.86
CA TRP D 317 15.99 4.33 3.08
C TRP D 317 14.72 4.34 2.20
N LEU D 318 14.78 3.75 1.00
CA LEU D 318 13.58 3.63 0.18
C LEU D 318 12.57 2.71 0.86
N ARG D 319 13.08 1.68 1.52
CA ARG D 319 12.25 0.71 2.23
C ARG D 319 11.77 1.27 3.56
N ASP D 320 12.72 1.66 4.40
CA ASP D 320 12.45 2.13 5.76
C ASP D 320 11.96 3.52 5.98
N GLY D 321 12.41 4.48 5.15
CA GLY D 321 12.11 5.89 5.36
C GLY D 321 10.92 6.34 4.54
N LEU D 322 11.07 6.25 3.23
CA LEU D 322 10.03 6.65 2.27
C LEU D 322 8.94 5.60 2.07
N ARG D 323 9.20 4.36 2.52
N ARG D 323 9.17 4.39 2.59
CA ARG D 323 8.24 3.26 2.45
CA ARG D 323 8.23 3.27 2.53
C ARG D 323 7.81 2.95 1.02
C ARG D 323 7.75 3.04 1.12
N MSE D 324 8.72 3.12 0.07
N MSE D 324 8.72 3.03 0.22
CA MSE D 324 8.40 2.91 -1.34
CA MSE D 324 8.48 2.94 -1.22
C MSE D 324 8.58 1.46 -1.79
C MSE D 324 8.62 1.52 -1.76
O MSE D 324 7.95 1.03 -2.75
O MSE D 324 8.00 1.16 -2.76
CB MSE D 324 9.24 3.84 -2.21
CB MSE D 324 9.46 3.89 -1.90
CG MSE D 324 9.06 5.31 -1.86
CG MSE D 324 9.26 4.15 -3.37
SE MSE D 324 10.23 6.52 -2.83
SE MSE D 324 10.53 5.45 -4.03
CE MSE D 324 9.32 6.56 -4.56
CE MSE D 324 9.71 7.13 -3.43
N ILE D 325 9.43 0.70 -1.09
CA ILE D 325 9.65 -0.70 -1.48
C ILE D 325 9.58 -1.60 -0.27
N ASN D 326 9.11 -2.83 -0.48
CA ASN D 326 9.01 -3.81 0.61
C ASN D 326 10.33 -4.47 0.99
N SER D 327 11.32 -4.40 0.09
CA SER D 327 12.61 -5.05 0.29
C SER D 327 13.63 -4.35 -0.59
N ALA D 328 14.91 -4.48 -0.26
CA ALA D 328 15.99 -3.92 -1.07
C ALA D 328 16.00 -4.56 -2.47
N PRO D 329 15.89 -5.90 -2.54
CA PRO D 329 15.89 -6.59 -3.83
C PRO D 329 14.83 -6.11 -4.81
N GLN D 330 13.71 -5.62 -4.29
CA GLN D 330 12.64 -5.16 -5.16
C GLN D 330 12.96 -3.88 -5.89
N SER D 331 13.88 -3.05 -5.37
CA SER D 331 14.21 -1.82 -6.07
C SER D 331 14.62 -2.10 -7.52
N GLU D 332 15.13 -3.30 -7.77
CA GLU D 332 15.61 -3.64 -9.11
C GLU D 332 14.50 -3.54 -10.15
N SER D 333 13.37 -4.16 -9.87
CA SER D 333 12.20 -4.14 -10.77
C SER D 333 11.83 -2.71 -11.14
N TYR D 334 11.69 -1.86 -10.12
CA TYR D 334 11.34 -0.46 -10.31
C TYR D 334 12.38 0.23 -11.19
N ALA D 335 13.65 0.06 -10.84
CA ALA D 335 14.74 0.70 -11.55
C ALA D 335 14.87 0.22 -13.00
N THR D 336 14.53 -1.04 -13.29
CA THR D 336 14.65 -1.53 -14.67
C THR D 336 13.39 -1.35 -15.52
N ARG D 337 12.26 -0.99 -14.92
CA ARG D 337 11.03 -0.74 -15.71
C ARG D 337 11.20 0.46 -16.66
N VAL D 338 12.13 1.35 -16.30
CA VAL D 338 12.45 2.50 -17.11
C VAL D 338 13.85 2.32 -17.63
N ASP D 339 14.15 2.94 -18.76
CA ASP D 339 15.48 2.84 -19.33
C ASP D 339 16.37 4.00 -18.94
N SER D 340 15.88 4.87 -18.05
CA SER D 340 16.72 5.97 -17.52
C SER D 340 16.03 6.81 -16.43
N THR D 341 16.84 7.55 -15.69
CA THR D 341 16.31 8.43 -14.65
C THR D 341 15.71 9.69 -15.29
N GLU D 342 15.97 9.89 -16.58
CA GLU D 342 15.50 11.08 -17.29
C GLU D 342 15.93 12.32 -16.51
N GLY D 343 17.20 12.34 -16.10
CA GLY D 343 17.81 13.52 -15.47
C GLY D 343 17.75 13.65 -13.98
N VAL D 344 17.20 12.66 -13.28
CA VAL D 344 17.16 12.75 -11.82
C VAL D 344 18.42 12.13 -11.26
N TYR D 345 18.95 12.80 -10.23
CA TYR D 345 20.10 12.34 -9.47
C TYR D 345 19.75 12.38 -8.00
N VAL D 346 20.26 11.42 -7.27
CA VAL D 346 20.06 11.38 -5.84
C VAL D 346 21.46 11.34 -5.25
N VAL D 347 21.76 12.31 -4.37
CA VAL D 347 23.02 12.44 -3.66
C VAL D 347 22.72 12.14 -2.15
N PRO D 348 23.03 10.92 -1.69
CA PRO D 348 22.64 10.48 -0.36
C PRO D 348 23.59 10.89 0.76
N ALA D 349 23.95 12.17 0.81
CA ALA D 349 24.83 12.70 1.81
C ALA D 349 24.11 12.87 3.14
N PHE D 350 23.46 11.82 3.65
CA PHE D 350 22.72 11.96 4.90
C PHE D 350 23.56 12.40 6.08
N VAL D 351 24.85 12.07 6.06
CA VAL D 351 25.76 12.46 7.13
C VAL D 351 27.04 13.06 6.53
N GLY D 352 26.85 13.81 5.44
CA GLY D 352 27.90 14.51 4.77
C GLY D 352 28.47 13.74 3.60
N LEU D 353 29.58 14.27 3.10
CA LEU D 353 30.33 13.73 1.95
C LEU D 353 31.72 13.32 2.40
N GLY D 354 32.11 12.10 2.03
CA GLY D 354 33.43 11.56 2.34
C GLY D 354 34.36 11.79 1.17
N THR D 355 35.10 10.75 0.80
CA THR D 355 36.08 10.82 -0.28
C THR D 355 35.39 11.24 -1.55
N PRO D 356 35.89 12.31 -2.23
CA PRO D 356 37.03 13.19 -1.97
C PRO D 356 36.65 14.56 -1.40
N TYR D 357 35.37 14.83 -1.29
CA TYR D 357 34.90 16.15 -0.84
C TYR D 357 35.15 16.48 0.61
N TRP D 358 35.02 15.48 1.46
CA TRP D 358 35.06 15.68 2.93
C TRP D 358 34.31 16.91 3.38
N ASP D 359 32.99 16.91 3.12
CA ASP D 359 32.09 18.00 3.52
C ASP D 359 31.13 17.49 4.59
N SER D 360 31.51 17.69 5.84
CA SER D 360 30.74 17.17 6.99
C SER D 360 29.37 17.84 7.23
N GLU D 361 29.11 18.97 6.56
CA GLU D 361 27.87 19.76 6.71
C GLU D 361 26.83 19.51 5.62
N ALA D 362 27.25 18.87 4.52
CA ALA D 362 26.37 18.53 3.44
C ALA D 362 25.31 17.52 3.94
N ARG D 363 24.07 17.65 3.44
CA ARG D 363 23.01 16.69 3.76
C ARG D 363 22.47 16.14 2.43
N GLY D 364 21.57 15.15 2.47
CA GLY D 364 21.09 14.56 1.23
C GLY D 364 20.23 15.48 0.36
N ALA D 365 20.28 15.25 -0.96
CA ALA D 365 19.55 16.09 -1.92
C ALA D 365 19.27 15.34 -3.19
N ILE D 366 18.27 15.82 -3.92
CA ILE D 366 17.76 15.20 -5.10
C ILE D 366 17.54 16.28 -6.19
N PHE D 367 17.91 15.99 -7.44
CA PHE D 367 17.89 17.02 -8.50
C PHE D 367 17.30 16.53 -9.79
N GLY D 368 16.99 17.48 -10.68
CA GLY D 368 16.48 17.14 -11.99
C GLY D 368 15.04 16.64 -11.99
N LEU D 369 14.31 16.93 -10.91
CA LEU D 369 12.91 16.46 -10.84
C LEU D 369 11.94 17.23 -11.76
N THR D 370 11.06 16.49 -12.47
CA THR D 370 10.00 17.04 -13.33
C THR D 370 8.65 16.40 -13.03
N ARG D 371 7.60 16.96 -13.60
CA ARG D 371 6.27 16.42 -13.37
C ARG D 371 6.13 14.97 -13.78
N GLY D 372 6.82 14.57 -14.86
CA GLY D 372 6.81 13.16 -15.29
C GLY D 372 7.81 12.28 -14.54
N THR D 373 8.49 12.82 -13.53
CA THR D 373 9.34 11.96 -12.68
C THR D 373 8.43 11.01 -11.89
N GLU D 374 8.60 9.71 -12.08
CA GLU D 374 7.82 8.72 -11.35
C GLU D 374 8.62 7.83 -10.39
N LYS D 375 7.89 6.98 -9.66
CA LYS D 375 8.47 6.08 -8.69
C LYS D 375 9.73 5.38 -9.21
N GLU D 376 9.63 4.79 -10.40
CA GLU D 376 10.73 4.07 -11.04
C GLU D 376 11.99 4.93 -11.22
N HIS D 377 11.78 6.14 -11.75
CA HIS D 377 12.88 7.08 -11.97
C HIS D 377 13.64 7.37 -10.68
N PHE D 378 12.88 7.71 -9.63
CA PHE D 378 13.39 8.08 -8.30
C PHE D 378 14.24 6.94 -7.76
N ILE D 379 13.69 5.74 -7.83
CA ILE D 379 14.39 4.55 -7.36
C ILE D 379 15.68 4.31 -8.17
N ARG D 380 15.60 4.45 -9.50
CA ARG D 380 16.77 4.18 -10.37
C ARG D 380 17.92 5.09 -9.99
N ALA D 381 17.60 6.38 -9.85
CA ALA D 381 18.57 7.38 -9.41
C ALA D 381 19.22 7.04 -8.07
N THR D 382 18.39 6.64 -7.10
CA THR D 382 18.88 6.21 -5.79
C THR D 382 19.87 5.04 -5.97
N LEU D 383 19.55 4.06 -6.81
CA LEU D 383 20.47 2.94 -7.04
C LEU D 383 21.76 3.37 -7.74
N GLU D 384 21.64 4.31 -8.69
CA GLU D 384 22.82 4.78 -9.43
C GLU D 384 23.78 5.56 -8.54
N SER D 385 23.27 6.16 -7.47
CA SER D 385 24.14 6.90 -6.55
C SER D 385 25.22 6.02 -5.93
N LEU D 386 24.96 4.72 -5.73
CA LEU D 386 26.00 3.83 -5.18
C LEU D 386 27.13 3.74 -6.20
N CYS D 387 26.81 3.84 -7.48
CA CYS D 387 27.83 3.68 -8.53
C CYS D 387 28.64 4.94 -8.87
N TYR D 388 27.96 6.09 -8.81
CA TYR D 388 28.59 7.40 -9.04
C TYR D 388 29.59 7.66 -7.91
N GLN D 389 29.13 7.44 -6.69
CA GLN D 389 29.99 7.64 -5.54
C GLN D 389 31.21 6.72 -5.68
N THR D 390 30.99 5.45 -6.04
CA THR D 390 32.11 4.53 -6.34
C THR D 390 33.06 5.12 -7.39
N ARG D 391 32.50 5.71 -8.45
CA ARG D 391 33.35 6.29 -9.50
C ARG D 391 34.19 7.40 -8.91
N ASP D 392 33.56 8.27 -8.13
CA ASP D 392 34.28 9.35 -7.47
C ASP D 392 35.53 8.81 -6.77
N VAL D 393 35.35 7.72 -6.02
CA VAL D 393 36.46 7.13 -5.27
C VAL D 393 37.54 6.55 -6.17
N MSE D 394 37.14 5.81 -7.20
CA MSE D 394 38.09 5.17 -8.11
CA MSE D 394 38.13 5.20 -8.10
C MSE D 394 38.98 6.22 -8.82
O MSE D 394 40.18 6.00 -9.02
CB MSE D 394 37.32 4.30 -9.11
CB MSE D 394 37.45 4.34 -9.14
CG MSE D 394 38.20 3.49 -10.06
CG MSE D 394 36.84 3.17 -8.51
SE MSE D 394 37.18 2.40 -11.32
SE MSE D 394 35.99 2.16 -9.84
CE MSE D 394 36.97 0.75 -10.31
CE MSE D 394 37.48 1.15 -10.59
N GLU D 395 38.38 7.35 -9.17
CA GLU D 395 39.11 8.41 -9.85
C GLU D 395 40.16 9.04 -8.90
N ALA D 396 39.81 9.20 -7.63
CA ALA D 396 40.74 9.75 -6.63
C ALA D 396 41.84 8.72 -6.37
N MSE D 397 41.43 7.46 -6.30
CA MSE D 397 42.35 6.37 -6.05
CA MSE D 397 42.31 6.32 -6.06
C MSE D 397 43.30 6.15 -7.22
O MSE D 397 44.50 5.87 -7.02
CB MSE D 397 41.62 5.07 -5.70
CB MSE D 397 41.45 5.06 -5.88
CG MSE D 397 42.61 3.94 -5.47
CG MSE D 397 42.23 3.77 -5.64
SE MSE D 397 41.79 2.30 -4.91
SE MSE D 397 42.92 3.55 -3.83
CE MSE D 397 41.14 2.83 -3.19
CE MSE D 397 41.24 3.09 -2.97
N SER D 398 42.81 6.28 -8.44
CA SER D 398 43.69 6.14 -9.58
C SER D 398 44.71 7.31 -9.63
N LYS D 399 44.36 8.47 -9.05
CA LYS D 399 45.30 9.61 -9.00
C LYS D 399 46.44 9.33 -8.06
N ASP D 400 46.12 8.84 -6.86
CA ASP D 400 47.15 8.61 -5.84
C ASP D 400 47.91 7.33 -6.13
N SER D 401 47.22 6.31 -6.64
CA SER D 401 47.87 5.03 -6.92
C SER D 401 48.67 5.12 -8.19
N GLY D 402 48.08 5.73 -9.21
CA GLY D 402 48.69 5.78 -10.54
C GLY D 402 48.39 4.49 -11.29
N ILE D 403 47.72 3.56 -10.61
CA ILE D 403 47.39 2.24 -11.16
C ILE D 403 46.07 2.31 -11.94
N ASP D 404 45.97 1.49 -12.98
CA ASP D 404 44.74 1.37 -13.76
C ASP D 404 43.99 0.17 -13.23
N VAL D 405 42.81 0.39 -12.66
CA VAL D 405 41.99 -0.70 -12.11
C VAL D 405 41.33 -1.42 -13.29
N GLN D 406 41.98 -2.48 -13.77
CA GLN D 406 41.47 -3.23 -14.90
C GLN D 406 40.12 -3.91 -14.65
N SER D 407 39.90 -4.46 -13.45
CA SER D 407 38.60 -5.05 -13.09
C SER D 407 38.47 -5.22 -11.58
N LEU D 408 37.57 -4.44 -10.98
CA LEU D 408 37.39 -4.35 -9.51
C LEU D 408 36.60 -5.50 -8.88
N ARG D 409 37.15 -6.03 -7.78
N ARG D 409 37.16 -6.03 -7.78
CA ARG D 409 36.55 -7.09 -6.98
CA ARG D 409 36.53 -7.10 -7.01
C ARG D 409 35.56 -6.47 -6.01
C ARG D 409 35.54 -6.45 -6.06
N VAL D 410 34.31 -6.96 -6.04
CA VAL D 410 33.28 -6.38 -5.17
C VAL D 410 32.62 -7.35 -4.20
N ASP D 411 32.11 -6.81 -3.10
CA ASP D 411 31.36 -7.58 -2.10
C ASP D 411 30.35 -6.62 -1.44
N GLY D 412 29.51 -7.17 -0.56
CA GLY D 412 28.49 -6.40 0.12
C GLY D 412 27.08 -6.75 -0.33
N GLY D 413 26.09 -6.39 0.47
CA GLY D 413 24.69 -6.73 0.20
C GLY D 413 24.21 -6.34 -1.18
N ALA D 414 24.49 -5.09 -1.53
CA ALA D 414 24.05 -4.52 -2.80
C ALA D 414 24.67 -5.16 -4.04
N VAL D 415 25.73 -5.97 -3.90
CA VAL D 415 26.31 -6.60 -5.10
C VAL D 415 25.38 -7.68 -5.72
N LYS D 416 24.35 -8.09 -4.98
CA LYS D 416 23.38 -9.08 -5.46
C LYS D 416 22.51 -8.53 -6.60
N ASN D 417 22.33 -7.21 -6.58
CA ASN D 417 21.54 -6.46 -7.54
C ASN D 417 22.24 -6.33 -8.92
N ASN D 418 21.77 -7.08 -9.92
CA ASN D 418 22.38 -7.07 -11.24
C ASN D 418 22.36 -5.69 -11.94
N PHE D 419 21.30 -4.94 -11.75
CA PHE D 419 21.23 -3.62 -12.37
C PHE D 419 22.34 -2.68 -11.83
N ILE D 420 22.60 -2.72 -10.53
CA ILE D 420 23.64 -1.85 -9.94
C ILE D 420 25.08 -2.19 -10.43
N MSE D 421 25.40 -3.48 -10.44
N MSE D 421 25.42 -3.47 -10.47
CA MSE D 421 26.73 -3.92 -10.88
CA MSE D 421 26.76 -3.85 -10.90
C MSE D 421 26.97 -3.56 -12.34
C MSE D 421 26.99 -3.55 -12.37
O MSE D 421 28.05 -3.08 -12.71
O MSE D 421 28.05 -3.09 -12.77
CB MSE D 421 26.89 -5.45 -10.67
CB MSE D 421 27.01 -5.31 -10.60
CG MSE D 421 26.98 -5.92 -9.22
CG MSE D 421 26.91 -5.61 -9.13
SE MSE D 421 28.26 -4.93 -8.11
SE MSE D 421 27.58 -7.36 -8.79
CE MSE D 421 29.08 -6.42 -7.21
CE MSE D 421 29.38 -7.14 -9.49
N GLN D 422 25.97 -3.78 -13.19
CA GLN D 422 26.09 -3.49 -14.60
C GLN D 422 26.24 -1.99 -14.84
N PHE D 423 25.43 -1.19 -14.15
CA PHE D 423 25.56 0.26 -14.26
C PHE D 423 26.94 0.65 -13.73
N GLN D 424 27.38 -0.01 -12.65
CA GLN D 424 28.70 0.28 -12.07
C GLN D 424 29.79 0.11 -13.13
N ALA D 425 29.71 -1.02 -13.80
CA ALA D 425 30.66 -1.39 -14.83
C ALA D 425 30.61 -0.35 -15.97
N ASP D 426 29.40 0.03 -16.36
CA ASP D 426 29.22 0.97 -17.43
C ASP D 426 29.75 2.35 -17.11
N ILE D 427 29.44 2.87 -15.93
CA ILE D 427 29.83 4.24 -15.56
C ILE D 427 31.33 4.46 -15.29
N VAL D 428 32.05 3.42 -14.89
CA VAL D 428 33.48 3.55 -14.68
C VAL D 428 34.26 2.90 -15.84
N ASN D 429 33.54 2.31 -16.79
CA ASN D 429 34.13 1.66 -17.98
C ASN D 429 35.17 0.61 -17.59
N THR D 430 34.90 -0.05 -16.47
CA THR D 430 35.78 -1.03 -15.84
C THR D 430 34.94 -2.26 -15.53
N SER D 431 35.51 -3.46 -15.70
CA SER D 431 34.75 -4.67 -15.38
C SER D 431 34.60 -4.88 -13.88
N VAL D 432 33.47 -5.45 -13.47
CA VAL D 432 33.20 -5.69 -12.06
C VAL D 432 33.05 -7.18 -11.83
N GLU D 433 33.87 -7.70 -10.90
CA GLU D 433 33.87 -9.13 -10.57
C GLU D 433 33.20 -9.44 -9.23
N ARG D 434 32.10 -10.19 -9.30
CA ARG D 434 31.32 -10.59 -8.11
C ARG D 434 31.64 -12.05 -7.83
N PRO D 435 32.12 -12.34 -6.61
CA PRO D 435 32.49 -13.68 -6.18
C PRO D 435 31.29 -14.48 -5.70
N GLU D 436 31.40 -15.82 -5.72
CA GLU D 436 30.31 -16.70 -5.29
C GLU D 436 29.97 -16.51 -3.81
N ILE D 437 30.99 -16.41 -2.96
CA ILE D 437 30.76 -16.17 -1.53
C ILE D 437 30.99 -14.69 -1.28
N GLN D 438 29.89 -13.97 -1.22
CA GLN D 438 29.92 -12.54 -1.09
C GLN D 438 30.18 -12.06 0.34
N GLU D 439 30.13 -12.98 1.30
N GLU D 439 30.07 -12.94 1.34
CA GLU D 439 30.40 -12.69 2.72
CA GLU D 439 30.39 -12.57 2.74
C GLU D 439 31.90 -12.67 3.01
C GLU D 439 31.89 -12.66 3.01
N THR D 440 32.64 -11.77 2.36
CA THR D 440 34.09 -11.70 2.53
C THR D 440 34.49 -11.03 3.84
N THR D 441 33.63 -10.17 4.39
CA THR D 441 33.95 -9.57 5.66
C THR D 441 34.01 -10.70 6.71
N ALA D 442 32.95 -11.51 6.73
CA ALA D 442 32.88 -12.67 7.64
C ALA D 442 33.99 -13.65 7.38
N LEU D 443 34.25 -13.88 6.09
CA LEU D 443 35.28 -14.84 5.68
C LEU D 443 36.66 -14.39 6.11
N GLY D 444 36.95 -13.09 5.99
CA GLY D 444 38.23 -12.53 6.42
C GLY D 444 38.49 -12.75 7.90
N ALA D 445 37.50 -12.39 8.70
CA ALA D 445 37.52 -12.56 10.15
C ALA D 445 37.67 -14.02 10.53
N ALA D 446 36.90 -14.91 9.90
CA ALA D 446 37.02 -16.33 10.21
C ALA D 446 38.46 -16.82 10.06
N PHE D 447 39.10 -16.41 8.97
CA PHE D 447 40.47 -16.79 8.73
C PHE D 447 41.44 -16.13 9.69
N LEU D 448 41.25 -14.89 10.09
CA LEU D 448 42.15 -14.32 11.08
C LEU D 448 42.13 -15.22 12.33
N ALA D 449 40.94 -15.65 12.74
CA ALA D 449 40.80 -16.56 13.89
C ALA D 449 41.30 -17.99 13.59
N GLY D 450 40.90 -18.53 12.46
CA GLY D 450 41.27 -19.90 12.05
C GLY D 450 42.76 -20.15 11.87
N LEU D 451 43.46 -19.14 11.35
CA LEU D 451 44.90 -19.28 11.17
C LEU D 451 45.56 -19.28 12.56
N ALA D 452 45.06 -18.42 13.45
CA ALA D 452 45.55 -18.31 14.82
C ALA D 452 45.37 -19.56 15.69
N VAL D 453 44.38 -20.40 15.40
CA VAL D 453 44.18 -21.65 16.18
C VAL D 453 44.70 -22.88 15.48
N GLY D 454 45.16 -22.73 14.25
CA GLY D 454 45.65 -23.87 13.47
C GLY D 454 44.53 -24.59 12.75
N PHE D 455 43.41 -23.90 12.56
CA PHE D 455 42.27 -24.48 11.86
C PHE D 455 42.65 -24.54 10.39
N TRP D 456 43.28 -23.46 9.92
CA TRP D 456 43.84 -23.42 8.57
C TRP D 456 45.33 -23.14 8.72
N GLU D 457 46.12 -23.54 7.73
N GLU D 457 46.11 -23.53 7.72
CA GLU D 457 47.57 -23.35 7.79
CA GLU D 457 47.56 -23.33 7.78
C GLU D 457 48.08 -22.19 6.92
C GLU D 457 48.08 -22.21 6.91
N SER D 458 47.24 -21.65 6.04
CA SER D 458 47.66 -20.57 5.14
C SER D 458 46.55 -19.68 4.60
N LYS D 459 46.84 -18.36 4.59
CA LYS D 459 45.93 -17.37 4.09
C LYS D 459 45.72 -17.58 2.59
N ASP D 460 46.63 -18.32 1.95
CA ASP D 460 46.50 -18.69 0.52
C ASP D 460 45.19 -19.43 0.20
N ASP D 461 44.56 -20.07 1.18
CA ASP D 461 43.28 -20.79 0.95
C ASP D 461 42.18 -19.90 0.42
N ILE D 462 42.12 -18.68 0.92
CA ILE D 462 41.13 -17.71 0.47
C ILE D 462 41.38 -17.44 -1.02
N ALA D 463 42.63 -17.20 -1.38
CA ALA D 463 43.01 -16.99 -2.79
C ALA D 463 42.51 -18.14 -3.66
N LYS D 464 42.89 -19.38 -3.32
CA LYS D 464 42.50 -20.57 -4.09
C LYS D 464 41.00 -20.87 -4.05
N ASN D 465 40.35 -20.59 -2.92
CA ASN D 465 38.91 -20.86 -2.79
C ASN D 465 38.05 -19.86 -3.53
N TRP D 466 38.59 -18.65 -3.72
CA TRP D 466 37.85 -17.55 -4.34
C TRP D 466 37.40 -17.93 -5.74
N LYS D 467 36.12 -17.70 -6.02
CA LYS D 467 35.53 -18.08 -7.29
C LYS D 467 34.61 -17.00 -7.87
N LEU D 468 34.76 -16.73 -9.17
CA LEU D 468 33.95 -15.75 -9.91
C LEU D 468 32.53 -16.26 -10.14
N GLU D 469 31.54 -15.50 -9.63
CA GLU D 469 30.12 -15.83 -9.79
C GLU D 469 29.63 -15.17 -11.09
N GLU D 470 29.84 -13.86 -11.21
CA GLU D 470 29.52 -13.11 -12.41
C GLU D 470 30.48 -11.93 -12.64
N LYS D 471 30.88 -11.77 -13.89
CA LYS D 471 31.77 -10.71 -14.37
C LYS D 471 30.96 -9.74 -15.24
N PHE D 472 30.88 -8.48 -14.79
CA PHE D 472 30.14 -7.43 -15.47
C PHE D 472 31.09 -6.53 -16.28
N ASP D 473 30.85 -6.44 -17.58
CA ASP D 473 31.67 -5.65 -18.49
C ASP D 473 30.92 -4.42 -18.96
N PRO D 474 31.64 -3.29 -19.14
CA PRO D 474 31.00 -2.03 -19.54
C PRO D 474 30.36 -2.05 -20.94
N LYS D 475 29.06 -1.79 -21.02
CA LYS D 475 28.32 -1.78 -22.28
C LYS D 475 27.63 -0.43 -22.48
N MSE D 476 28.37 0.65 -22.24
CA MSE D 476 27.87 2.01 -22.38
C MSE D 476 28.93 2.80 -23.14
O MSE D 476 30.12 2.68 -22.84
CB MSE D 476 27.62 2.61 -21.00
CG MSE D 476 27.20 4.05 -21.05
SE MSE D 476 26.83 4.80 -19.27
CE MSE D 476 25.22 3.78 -18.80
N ASP D 477 28.51 3.59 -24.14
CA ASP D 477 29.45 4.40 -24.92
CA ASP D 477 29.54 4.34 -24.87
C ASP D 477 30.04 5.54 -24.08
N GLU D 478 31.21 6.01 -24.50
CA GLU D 478 31.93 7.09 -23.84
C GLU D 478 31.11 8.39 -23.73
N GLY D 479 30.38 8.74 -24.78
CA GLY D 479 29.59 9.96 -24.84
C GLY D 479 28.54 10.06 -23.75
N GLU D 480 27.75 8.98 -23.63
CA GLU D 480 26.66 8.90 -22.65
C GLU D 480 27.23 8.85 -21.24
N ARG D 481 28.31 8.07 -21.08
N ARG D 481 28.31 8.07 -21.06
CA ARG D 481 28.99 7.92 -19.80
CA ARG D 481 28.94 7.95 -19.75
C ARG D 481 29.45 9.25 -19.22
C ARG D 481 29.40 9.30 -19.21
N GLU D 482 30.14 10.05 -20.04
CA GLU D 482 30.62 11.37 -19.58
C GLU D 482 29.48 12.35 -19.33
N LYS D 483 28.39 12.21 -20.08
CA LYS D 483 27.21 13.05 -19.87
C LYS D 483 26.59 12.78 -18.50
N LEU D 484 26.37 11.50 -18.20
CA LEU D 484 25.78 11.06 -16.95
C LEU D 484 26.62 11.51 -15.77
N TYR D 485 27.93 11.30 -15.87
CA TYR D 485 28.87 11.67 -14.81
C TYR D 485 28.96 13.18 -14.56
N ARG D 486 28.95 13.98 -15.62
N ARG D 486 28.97 13.97 -15.63
CA ARG D 486 28.99 15.46 -15.46
CA ARG D 486 29.01 15.44 -15.48
C ARG D 486 27.77 15.91 -14.66
C ARG D 486 27.77 15.94 -14.71
N GLY D 487 26.62 15.32 -14.95
CA GLY D 487 25.39 15.64 -14.22
C GLY D 487 25.55 15.29 -12.73
N TRP D 488 26.18 14.14 -12.46
CA TRP D 488 26.40 13.69 -11.10
C TRP D 488 27.22 14.70 -10.39
N LYS D 489 28.32 15.11 -11.03
N LYS D 489 28.32 15.13 -11.02
CA LYS D 489 29.22 16.13 -10.50
CA LYS D 489 29.19 16.13 -10.43
C LYS D 489 28.49 17.45 -10.17
C LYS D 489 28.45 17.45 -10.14
N LYS D 490 27.60 17.90 -11.06
CA LYS D 490 26.78 19.11 -10.80
C LYS D 490 25.85 18.90 -9.63
N ALA D 491 25.28 17.69 -9.55
CA ALA D 491 24.42 17.38 -8.41
C ALA D 491 25.20 17.58 -7.11
N VAL D 492 26.40 17.05 -7.06
CA VAL D 492 27.21 17.20 -5.84
C VAL D 492 27.55 18.64 -5.58
N GLU D 493 27.87 19.37 -6.64
CA GLU D 493 28.13 20.80 -6.50
C GLU D 493 26.95 21.54 -5.83
N ALA D 494 25.74 21.37 -6.35
CA ALA D 494 24.57 22.04 -5.75
C ALA D 494 24.32 21.56 -4.31
N THR D 495 24.54 20.27 -4.07
CA THR D 495 24.36 19.72 -2.74
C THR D 495 25.22 20.51 -1.73
N GLN D 496 26.44 20.81 -2.13
CA GLN D 496 27.37 21.51 -1.26
C GLN D 496 26.96 22.92 -0.97
N VAL D 497 26.11 23.51 -1.84
CA VAL D 497 25.64 24.86 -1.60
C VAL D 497 24.63 24.93 -0.46
N PHE D 498 23.81 23.89 -0.31
CA PHE D 498 22.80 23.91 0.74
C PHE D 498 23.42 23.70 2.13
N LYS D 499 23.56 24.79 2.85
CA LYS D 499 24.04 24.75 4.19
C LYS D 499 23.34 25.82 4.96
N THR D 500 22.82 25.43 6.11
CA THR D 500 22.06 26.33 6.94
C THR D 500 22.82 26.67 8.20
N GLU D 501 22.32 27.70 8.88
CA GLU D 501 22.91 28.20 10.10
C GLU D 501 21.87 28.19 11.21
C1 GOL E . -25.93 -8.10 -17.91
O1 GOL E . -24.86 -8.25 -18.85
C2 GOL E . -27.05 -9.08 -18.26
O2 GOL E . -27.70 -8.53 -19.37
C3 GOL E . -28.10 -9.29 -17.15
O3 GOL E . -28.99 -10.30 -17.58
NA NA F . -22.54 -9.14 -17.44
NA NA G . -20.21 -5.25 -47.03
P PO4 H . -21.63 -6.15 -18.32
O1 PO4 H . -21.33 -5.47 -19.64
O2 PO4 H . -23.11 -6.17 -18.09
O3 PO4 H . -21.07 -7.54 -18.33
O4 PO4 H . -21.01 -5.41 -17.18
P PO4 I . 0.87 -6.96 -1.40
O1 PO4 I . -0.49 -6.75 -2.01
O2 PO4 I . 0.77 -7.05 0.11
O3 PO4 I . 1.44 -8.23 -1.95
O4 PO4 I . 1.78 -5.78 -1.69
P PO4 J . -6.93 -25.17 -6.52
O1 PO4 J . -8.30 -25.39 -7.11
O2 PO4 J . -7.07 -25.23 -5.02
O3 PO4 J . -6.09 -26.29 -7.03
O4 PO4 J . -6.41 -23.85 -7.00
P PO4 K . -20.73 -8.55 -47.07
O1 PO4 K . -20.33 -9.37 -48.29
O2 PO4 K . -21.43 -7.28 -47.48
O3 PO4 K . -21.62 -9.40 -46.20
O4 PO4 K . -19.46 -8.11 -46.34
P PO4 L . -34.33 14.28 -25.82
O1 PO4 L . -34.42 14.83 -27.22
O2 PO4 L . -35.45 14.96 -25.04
O3 PO4 L . -34.50 12.79 -25.82
O4 PO4 L . -33.02 14.62 -25.15
C1 GOL M . -2.72 -20.45 24.76
O1 GOL M . -2.55 -19.20 25.40
C2 GOL M . -3.44 -21.44 25.66
O2 GOL M . -2.58 -21.91 26.67
C3 GOL M . -3.88 -22.67 24.85
O3 GOL M . -4.67 -23.54 25.66
NA NA N . 1.53 -14.98 21.81
NA NA O . 1.98 -6.00 1.86
NA NA P . 20.27 -29.25 26.46
P PO4 Q . -0.70 -16.36 23.41
O1 PO4 Q . -0.22 -15.89 22.06
O2 PO4 Q . -2.10 -15.89 23.59
O3 PO4 Q . -0.56 -17.84 23.53
O4 PO4 Q . 0.18 -15.72 24.48
P PO4 R . 21.19 -27.27 28.42
O1 PO4 R . 20.62 -28.47 27.71
O2 PO4 R . 20.29 -27.00 29.58
O3 PO4 R . 22.57 -27.58 28.93
O4 PO4 R . 21.30 -26.12 27.45
P PO4 S . -22.69 -4.49 13.81
O1 PO4 S . -23.23 -4.74 12.41
O2 PO4 S . -23.69 -3.64 14.56
O3 PO4 S . -22.61 -5.83 14.51
O4 PO4 S . -21.39 -3.78 13.76
P PO4 T . -6.69 1.46 2.44
O1 PO4 T . -7.19 0.89 1.14
O2 PO4 T . -7.77 2.24 3.13
O3 PO4 T . -6.29 0.36 3.37
O4 PO4 T . -5.47 2.29 2.11
C1 GOL U . -3.03 28.35 -14.68
O1 GOL U . -4.33 28.25 -14.13
C2 GOL U . -2.71 29.74 -15.20
O2 GOL U . -3.69 30.24 -16.09
C3 GOL U . -1.38 29.63 -15.97
O3 GOL U . -0.84 30.88 -16.32
P PO4 V . -6.00 24.47 -12.68
O1 PO4 V . -6.33 22.99 -12.86
O2 PO4 V . -7.28 25.27 -12.50
O3 PO4 V . -5.24 24.62 -11.38
O4 PO4 V . -5.24 25.03 -13.86
C1 GOL W . 31.18 0.44 8.21
O1 GOL W . 31.13 -0.80 7.51
C2 GOL W . 32.60 1.03 8.30
O2 GOL W . 33.34 0.34 9.30
C3 GOL W . 32.61 2.50 8.71
O3 GOL W . 33.93 3.03 8.65
NA NA X . 24.79 -3.89 8.46
NA NA Y . 3.99 3.11 1.76
P PO4 Z . 27.72 -2.65 7.21
O1 PO4 Z . 28.21 -2.27 5.84
O2 PO4 Z . 26.22 -2.70 7.17
O3 PO4 Z . 28.27 -4.03 7.40
O4 PO4 Z . 28.14 -1.64 8.27
P PO4 AA . 3.54 0.35 -7.05
O1 PO4 AA . 2.64 -0.82 -6.80
O2 PO4 AA . 2.79 1.60 -6.71
O3 PO4 AA . 4.76 0.32 -6.16
O4 PO4 AA . 3.98 0.40 -8.49
P PO4 BA . 2.01 4.23 4.53
O1 PO4 BA . 0.92 3.21 4.63
O2 PO4 BA . 2.07 5.05 5.78
O3 PO4 BA . 3.31 3.50 4.27
O4 PO4 BA . 1.76 5.13 3.35
#